data_3B5L
# 
_entry.id   3B5L 
# 
_audit_conform.dict_name       mmcif_pdbx.dic 
_audit_conform.dict_version    5.377 
_audit_conform.dict_location   http://mmcif.pdb.org/dictionaries/ascii/mmcif_pdbx.dic 
# 
loop_
_database_2.database_id 
_database_2.database_code 
_database_2.pdbx_database_accession 
_database_2.pdbx_DOI 
PDB   3B5L         pdb_00003b5l 10.2210/pdb3b5l/pdb 
RCSB  RCSB045106   ?            ?                   
WWPDB D_1000045106 ?            ?                   
# 
_pdbx_database_status.entry_id                        3B5L 
_pdbx_database_status.deposit_site                    RCSB 
_pdbx_database_status.process_site                    RCSB 
_pdbx_database_status.recvd_initial_deposition_date   2007-10-26 
_pdbx_database_status.status_code                     REL 
_pdbx_database_status.status_code_sf                  REL 
_pdbx_database_status.status_code_mr                  ? 
_pdbx_database_status.SG_entry                        ? 
_pdbx_database_status.pdb_format_compatible           Y 
_pdbx_database_status.status_code_cs                  ? 
_pdbx_database_status.status_code_nmr_data            ? 
_pdbx_database_status.methods_development_category    ? 
# 
loop_
_audit_author.name 
_audit_author.pdbx_ordinal 
'Stoddard, B.L.' 1 
'Doyle, L.A.'    2 
# 
_citation.id                        primary 
_citation.title                     'De novo computational design of retro-aldol enzymes.' 
_citation.journal_abbrev            Science 
_citation.journal_volume            319 
_citation.page_first                1387 
_citation.page_last                 1391 
_citation.year                      2008 
_citation.journal_id_ASTM           SCIEAS 
_citation.country                   US 
_citation.journal_id_ISSN           0036-8075 
_citation.journal_id_CSD            0038 
_citation.book_publisher            ? 
_citation.pdbx_database_id_PubMed   18323453 
_citation.pdbx_database_id_DOI      10.1126/science.1152692 
# 
loop_
_citation_author.citation_id 
_citation_author.name 
_citation_author.ordinal 
_citation_author.identifier_ORCID 
primary 'Jiang, L.'         1  ? 
primary 'Althoff, E.A.'     2  ? 
primary 'Clemente, F.R.'    3  ? 
primary 'Doyle, L.'         4  ? 
primary 'Rothlisberger, D.' 5  ? 
primary 'Zanghellini, A.'   6  ? 
primary 'Gallaher, J.L.'    7  ? 
primary 'Betker, J.L.'      8  ? 
primary 'Tanaka, F.'        9  ? 
primary 'Barbas, C.F.'      10 ? 
primary 'Hilvert, D.'       11 ? 
primary 'Houk, K.N.'        12 ? 
primary 'Stoddard, B.L.'    13 ? 
primary 'Baker, D.'         14 ? 
# 
_cell.length_a           39.190 
_cell.length_b           66.060 
_cell.length_c           66.070 
_cell.angle_alpha        90.000 
_cell.angle_beta         90.000 
_cell.angle_gamma        90.000 
_cell.entry_id           3B5L 
_cell.pdbx_unique_axis   ? 
_cell.Z_PDB              4 
_cell.length_a_esd       ? 
_cell.length_b_esd       ? 
_cell.length_c_esd       ? 
_cell.angle_alpha_esd    ? 
_cell.angle_beta_esd     ? 
_cell.angle_gamma_esd    ? 
# 
_symmetry.space_group_name_H-M             'P 21 21 21' 
_symmetry.entry_id                         3B5L 
_symmetry.Int_Tables_number                19 
_symmetry.pdbx_full_space_group_name_H-M   ? 
_symmetry.cell_setting                     ? 
_symmetry.space_group_name_Hall            ? 
# 
loop_
_entity.id 
_entity.type 
_entity.src_method 
_entity.pdbx_description 
_entity.formula_weight 
_entity.pdbx_number_of_molecules 
_entity.pdbx_ec 
_entity.pdbx_mutation 
_entity.pdbx_fragment 
_entity.details 
1 polymer     man Endoxylanase   21916.879 1   3.2.1.8 ? ? ? 
2 non-polymer syn 'SULFATE ION'  96.063    2   ?       ? ? ? 
3 non-polymer syn 'AMMONIUM ION' 18.038    2   ?       ? ? ? 
4 water       nat water          18.015    174 ?       ? ? ? 
# 
_entity_poly.entity_id                      1 
_entity_poly.type                           'polypeptide(L)' 
_entity_poly.nstd_linkage                   no 
_entity_poly.nstd_monomer                   no 
_entity_poly.pdbx_seq_one_letter_code       
;GSHMDTTITQNQTGYDNGYFYSFWTDAPGTVSMTLHSGGSYSTSWRNTGHFKAGKGWSTGGRRTVTYNASFNPSGIAYLT
LYGWTRNPLVSYLIVESWGTYRPTGTYKGTVTTDGGTYDIYETWRYNAPSIEGTRTFQIFWSVRQQKRTSGTITIGNHFD
AWARAGMNLGSHDYQIMATKGWQSSGSSTVSISEGGNP
;
_entity_poly.pdbx_seq_one_letter_code_can   
;GSHMDTTITQNQTGYDNGYFYSFWTDAPGTVSMTLHSGGSYSTSWRNTGHFKAGKGWSTGGRRTVTYNASFNPSGIAYLT
LYGWTRNPLVSYLIVESWGTYRPTGTYKGTVTTDGGTYDIYETWRYNAPSIEGTRTFQIFWSVRQQKRTSGTITIGNHFD
AWARAGMNLGSHDYQIMATKGWQSSGSSTVSISEGGNP
;
_entity_poly.pdbx_strand_id                 B 
_entity_poly.pdbx_target_identifier         ? 
# 
loop_
_entity_poly_seq.entity_id 
_entity_poly_seq.num 
_entity_poly_seq.mon_id 
_entity_poly_seq.hetero 
1 1   GLY n 
1 2   SER n 
1 3   HIS n 
1 4   MET n 
1 5   ASP n 
1 6   THR n 
1 7   THR n 
1 8   ILE n 
1 9   THR n 
1 10  GLN n 
1 11  ASN n 
1 12  GLN n 
1 13  THR n 
1 14  GLY n 
1 15  TYR n 
1 16  ASP n 
1 17  ASN n 
1 18  GLY n 
1 19  TYR n 
1 20  PHE n 
1 21  TYR n 
1 22  SER n 
1 23  PHE n 
1 24  TRP n 
1 25  THR n 
1 26  ASP n 
1 27  ALA n 
1 28  PRO n 
1 29  GLY n 
1 30  THR n 
1 31  VAL n 
1 32  SER n 
1 33  MET n 
1 34  THR n 
1 35  LEU n 
1 36  HIS n 
1 37  SER n 
1 38  GLY n 
1 39  GLY n 
1 40  SER n 
1 41  TYR n 
1 42  SER n 
1 43  THR n 
1 44  SER n 
1 45  TRP n 
1 46  ARG n 
1 47  ASN n 
1 48  THR n 
1 49  GLY n 
1 50  HIS n 
1 51  PHE n 
1 52  LYS n 
1 53  ALA n 
1 54  GLY n 
1 55  LYS n 
1 56  GLY n 
1 57  TRP n 
1 58  SER n 
1 59  THR n 
1 60  GLY n 
1 61  GLY n 
1 62  ARG n 
1 63  ARG n 
1 64  THR n 
1 65  VAL n 
1 66  THR n 
1 67  TYR n 
1 68  ASN n 
1 69  ALA n 
1 70  SER n 
1 71  PHE n 
1 72  ASN n 
1 73  PRO n 
1 74  SER n 
1 75  GLY n 
1 76  ILE n 
1 77  ALA n 
1 78  TYR n 
1 79  LEU n 
1 80  THR n 
1 81  LEU n 
1 82  TYR n 
1 83  GLY n 
1 84  TRP n 
1 85  THR n 
1 86  ARG n 
1 87  ASN n 
1 88  PRO n 
1 89  LEU n 
1 90  VAL n 
1 91  SER n 
1 92  TYR n 
1 93  LEU n 
1 94  ILE n 
1 95  VAL n 
1 96  GLU n 
1 97  SER n 
1 98  TRP n 
1 99  GLY n 
1 100 THR n 
1 101 TYR n 
1 102 ARG n 
1 103 PRO n 
1 104 THR n 
1 105 GLY n 
1 106 THR n 
1 107 TYR n 
1 108 LYS n 
1 109 GLY n 
1 110 THR n 
1 111 VAL n 
1 112 THR n 
1 113 THR n 
1 114 ASP n 
1 115 GLY n 
1 116 GLY n 
1 117 THR n 
1 118 TYR n 
1 119 ASP n 
1 120 ILE n 
1 121 TYR n 
1 122 GLU n 
1 123 THR n 
1 124 TRP n 
1 125 ARG n 
1 126 TYR n 
1 127 ASN n 
1 128 ALA n 
1 129 PRO n 
1 130 SER n 
1 131 ILE n 
1 132 GLU n 
1 133 GLY n 
1 134 THR n 
1 135 ARG n 
1 136 THR n 
1 137 PHE n 
1 138 GLN n 
1 139 ILE n 
1 140 PHE n 
1 141 TRP n 
1 142 SER n 
1 143 VAL n 
1 144 ARG n 
1 145 GLN n 
1 146 GLN n 
1 147 LYS n 
1 148 ARG n 
1 149 THR n 
1 150 SER n 
1 151 GLY n 
1 152 THR n 
1 153 ILE n 
1 154 THR n 
1 155 ILE n 
1 156 GLY n 
1 157 ASN n 
1 158 HIS n 
1 159 PHE n 
1 160 ASP n 
1 161 ALA n 
1 162 TRP n 
1 163 ALA n 
1 164 ARG n 
1 165 ALA n 
1 166 GLY n 
1 167 MET n 
1 168 ASN n 
1 169 LEU n 
1 170 GLY n 
1 171 SER n 
1 172 HIS n 
1 173 ASP n 
1 174 TYR n 
1 175 GLN n 
1 176 ILE n 
1 177 MET n 
1 178 ALA n 
1 179 THR n 
1 180 LYS n 
1 181 GLY n 
1 182 TRP n 
1 183 GLN n 
1 184 SER n 
1 185 SER n 
1 186 GLY n 
1 187 SER n 
1 188 SER n 
1 189 THR n 
1 190 VAL n 
1 191 SER n 
1 192 ILE n 
1 193 SER n 
1 194 GLU n 
1 195 GLY n 
1 196 GLY n 
1 197 ASN n 
1 198 PRO n 
# 
_entity_src_gen.entity_id                          1 
_entity_src_gen.pdbx_src_id                        1 
_entity_src_gen.pdbx_alt_source_flag               sample 
_entity_src_gen.pdbx_seq_type                      ? 
_entity_src_gen.pdbx_beg_seq_num                   ? 
_entity_src_gen.pdbx_end_seq_num                   ? 
_entity_src_gen.gene_src_common_name               ? 
_entity_src_gen.gene_src_genus                     ? 
_entity_src_gen.pdbx_gene_src_gene                 ? 
_entity_src_gen.gene_src_species                   ? 
_entity_src_gen.gene_src_strain                    ? 
_entity_src_gen.gene_src_tissue                    ? 
_entity_src_gen.gene_src_tissue_fraction           ? 
_entity_src_gen.gene_src_details                   ? 
_entity_src_gen.pdbx_gene_src_fragment             ? 
_entity_src_gen.pdbx_gene_src_scientific_name      'artificial gene' 
_entity_src_gen.pdbx_gene_src_ncbi_taxonomy_id     32630 
_entity_src_gen.pdbx_gene_src_variant              ? 
_entity_src_gen.pdbx_gene_src_cell_line            ? 
_entity_src_gen.pdbx_gene_src_atcc                 ? 
_entity_src_gen.pdbx_gene_src_organ                ? 
_entity_src_gen.pdbx_gene_src_organelle            ? 
_entity_src_gen.pdbx_gene_src_cell                 ? 
_entity_src_gen.pdbx_gene_src_cellular_location    ? 
_entity_src_gen.host_org_common_name               ? 
_entity_src_gen.pdbx_host_org_scientific_name      'Escherichia coli' 
_entity_src_gen.pdbx_host_org_ncbi_taxonomy_id     562 
_entity_src_gen.host_org_genus                     Escherichia 
_entity_src_gen.pdbx_host_org_gene                 ? 
_entity_src_gen.pdbx_host_org_organ                ? 
_entity_src_gen.host_org_species                   ? 
_entity_src_gen.pdbx_host_org_tissue               ? 
_entity_src_gen.pdbx_host_org_tissue_fraction      ? 
_entity_src_gen.pdbx_host_org_strain               'BL21(DE3)-RIL' 
_entity_src_gen.pdbx_host_org_variant              ? 
_entity_src_gen.pdbx_host_org_cell_line            ? 
_entity_src_gen.pdbx_host_org_atcc                 ? 
_entity_src_gen.pdbx_host_org_culture_collection   ? 
_entity_src_gen.pdbx_host_org_cell                 ? 
_entity_src_gen.pdbx_host_org_organelle            ? 
_entity_src_gen.pdbx_host_org_cellular_location    ? 
_entity_src_gen.pdbx_host_org_vector_type          Plasmid 
_entity_src_gen.pdbx_host_org_vector               ? 
_entity_src_gen.host_org_details                   ? 
_entity_src_gen.expression_system_id               ? 
_entity_src_gen.plasmid_name                       pET29b 
_entity_src_gen.plasmid_details                    ? 
_entity_src_gen.pdbx_description                   
'Computationally designed based on the structure of thermophilic b-1,4-xylanase from Nonomuraea flexuosa' 
# 
_struct_ref.id                         1 
_struct_ref.db_name                    PDB 
_struct_ref.db_code                    3B5L 
_struct_ref.pdbx_db_accession          3B5L 
_struct_ref.entity_id                  1 
_struct_ref.pdbx_seq_one_letter_code   
;DTTITQNQTGYDNGYFYSFWTDAPGTVSMTLHSGGSYSTSWRNTGNFVAGKGWSTGGRRTVTYNASFNPSGNAYLTLYGW
TRNPLVEYYIVESWGTYRPTGTYKGTVTTDGGTYDIYETWRYNAPSIEGTRTFQQFWSVRQQKRTSGTITIGNHFDAWAR
AGMNLGSHDYQIMATEGYQSSGSSTVSISEGGNP
;
_struct_ref.pdbx_align_begin           1 
_struct_ref.pdbx_db_isoform            ? 
# 
_struct_ref_seq.align_id                      1 
_struct_ref_seq.ref_id                        1 
_struct_ref_seq.pdbx_PDB_id_code              3B5L 
_struct_ref_seq.pdbx_strand_id                B 
_struct_ref_seq.seq_align_beg                 1 
_struct_ref_seq.pdbx_seq_align_beg_ins_code   ? 
_struct_ref_seq.seq_align_end                 198 
_struct_ref_seq.pdbx_seq_align_end_ins_code   ? 
_struct_ref_seq.pdbx_db_accession             3B5L 
_struct_ref_seq.db_align_beg                  -3 
_struct_ref_seq.pdbx_db_align_beg_ins_code    ? 
_struct_ref_seq.db_align_end                  194 
_struct_ref_seq.pdbx_db_align_end_ins_code    ? 
_struct_ref_seq.pdbx_auth_seq_align_beg       -3 
_struct_ref_seq.pdbx_auth_seq_align_end       194 
# 
loop_
_chem_comp.id 
_chem_comp.type 
_chem_comp.mon_nstd_flag 
_chem_comp.name 
_chem_comp.pdbx_synonyms 
_chem_comp.formula 
_chem_comp.formula_weight 
ALA 'L-peptide linking' y ALANINE         ? 'C3 H7 N O2'     89.093  
ARG 'L-peptide linking' y ARGININE        ? 'C6 H15 N4 O2 1' 175.209 
ASN 'L-peptide linking' y ASPARAGINE      ? 'C4 H8 N2 O3'    132.118 
ASP 'L-peptide linking' y 'ASPARTIC ACID' ? 'C4 H7 N O4'     133.103 
GLN 'L-peptide linking' y GLUTAMINE       ? 'C5 H10 N2 O3'   146.144 
GLU 'L-peptide linking' y 'GLUTAMIC ACID' ? 'C5 H9 N O4'     147.129 
GLY 'peptide linking'   y GLYCINE         ? 'C2 H5 N O2'     75.067  
HIS 'L-peptide linking' y HISTIDINE       ? 'C6 H10 N3 O2 1' 156.162 
HOH non-polymer         . WATER           ? 'H2 O'           18.015  
ILE 'L-peptide linking' y ISOLEUCINE      ? 'C6 H13 N O2'    131.173 
LEU 'L-peptide linking' y LEUCINE         ? 'C6 H13 N O2'    131.173 
LYS 'L-peptide linking' y LYSINE          ? 'C6 H15 N2 O2 1' 147.195 
MET 'L-peptide linking' y METHIONINE      ? 'C5 H11 N O2 S'  149.211 
NH4 non-polymer         . 'AMMONIUM ION'  ? 'H4 N 1'         18.038  
PHE 'L-peptide linking' y PHENYLALANINE   ? 'C9 H11 N O2'    165.189 
PRO 'L-peptide linking' y PROLINE         ? 'C5 H9 N O2'     115.130 
SER 'L-peptide linking' y SERINE          ? 'C3 H7 N O3'     105.093 
SO4 non-polymer         . 'SULFATE ION'   ? 'O4 S -2'        96.063  
THR 'L-peptide linking' y THREONINE       ? 'C4 H9 N O3'     119.119 
TRP 'L-peptide linking' y TRYPTOPHAN      ? 'C11 H12 N2 O2'  204.225 
TYR 'L-peptide linking' y TYROSINE        ? 'C9 H11 N O3'    181.189 
VAL 'L-peptide linking' y VALINE          ? 'C5 H11 N O2'    117.146 
# 
_exptl.crystals_number   1 
_exptl.entry_id          3B5L 
_exptl.method            'X-RAY DIFFRACTION' 
# 
loop_
_exptl_crystal.id 
_exptl_crystal.density_Matthews 
_exptl_crystal.density_meas 
_exptl_crystal.density_percent_sol 
_exptl_crystal.description 
_exptl_crystal.F_000 
_exptl_crystal.preparation 
1 1.95 ? 36.96 ? ? ? 
2 ?    ? ?     ? ? ? 
3 ?    ? ?     ? ? ? 
# 
loop_
_exptl_crystal_grow.crystal_id 
_exptl_crystal_grow.method 
_exptl_crystal_grow.pH 
_exptl_crystal_grow.temp 
_exptl_crystal_grow.pdbx_details 
_exptl_crystal_grow.temp_details 
_exptl_crystal_grow.pdbx_pH_range 
1 'VAPOR DIFFUSION, HANGING DROP' 6.5 298 
'1.9M Ammonium Sulfate, 0.1M MES pH 6.5, 5% v/v PEG400, VAPOR DIFFUSION, HANGING DROP, temperature 298K' ? . 
2 'VAPOR DIFFUSION, HANGING DROP' 6.5 298 
'2.0M Ammonium Sulfate, 0.1M MES pH 6.5, 5% v/v PEG400, VAPOR DIFFUSION, HANGING DROP, temperature 298K' ? . 
3 'VAPOR DIFFUSION, HANGING DROP' 6.5 298 
'2.1M Ammonium Sulfate, 0.1M MES pH 6.5, 5% v/v PEG400, VAPOR DIFFUSION, HANGING DROP, temperature 298K' ? . 
# 
_diffrn.id                     1 
_diffrn.ambient_temp           100 
_diffrn.ambient_temp_details   ? 
_diffrn.crystal_id             1 
# 
_diffrn_detector.diffrn_id              1 
_diffrn_detector.detector               'IMAGE PLATE' 
_diffrn_detector.type                   'RIGAKU RAXIS IV' 
_diffrn_detector.pdbx_collection_date   2007-10-01 
_diffrn_detector.details                Mirrors 
# 
_diffrn_radiation.diffrn_id                        1 
_diffrn_radiation.pdbx_diffrn_protocol             'SINGLE WAVELENGTH' 
_diffrn_radiation.monochromator                    'Ni FILTER' 
_diffrn_radiation.wavelength_id                    1 
_diffrn_radiation.pdbx_monochromatic_or_laue_m_l   M 
_diffrn_radiation.pdbx_scattering_type             x-ray 
# 
_diffrn_radiation_wavelength.id           1 
_diffrn_radiation_wavelength.wavelength   1.54 
_diffrn_radiation_wavelength.wt           1.0 
# 
_diffrn_source.diffrn_id                   1 
_diffrn_source.source                      'ROTATING ANODE' 
_diffrn_source.type                        'RIGAKU MICROMAX-007' 
_diffrn_source.pdbx_wavelength_list        1.54 
_diffrn_source.pdbx_wavelength             ? 
_diffrn_source.pdbx_synchrotron_site       ? 
_diffrn_source.pdbx_synchrotron_beamline   ? 
# 
_reflns.entry_id                     3B5L 
_reflns.d_resolution_high            1.800 
_reflns.d_resolution_low             46.73 
_reflns.number_obs                   16082 
_reflns.pdbx_scaling_rejects         424 
_reflns.pdbx_Rmerge_I_obs            0.059 
_reflns.pdbx_netI_over_sigmaI        12.000 
_reflns.pdbx_chi_squared             0.960 
_reflns.pdbx_redundancy              3.490 
_reflns.percent_possible_obs         97.500 
_reflns.observed_criterion_sigma_F   0.0 
_reflns.observed_criterion_sigma_I   0.0 
_reflns.number_all                   16489 
_reflns.pdbx_Rsym_value              ? 
_reflns.B_iso_Wilson_estimate        29.9 
_reflns.R_free_details               ? 
_reflns.limit_h_max                  ? 
_reflns.limit_h_min                  ? 
_reflns.limit_k_max                  ? 
_reflns.limit_k_min                  ? 
_reflns.limit_l_max                  ? 
_reflns.limit_l_min                  ? 
_reflns.observed_criterion_F_max     ? 
_reflns.observed_criterion_F_min     ? 
_reflns.pdbx_ordinal                 1 
_reflns.pdbx_diffrn_id               1 
# 
_reflns_shell.d_res_high             1.80 
_reflns_shell.d_res_low              1.86 
_reflns_shell.number_measured_obs    ? 
_reflns_shell.number_measured_all    3300 
_reflns_shell.number_unique_obs      ? 
_reflns_shell.Rmerge_I_obs           0.220 
_reflns_shell.meanI_over_sigI_obs    3.1 
_reflns_shell.pdbx_Rsym_value        ? 
_reflns_shell.pdbx_chi_squared       0.810 
_reflns_shell.pdbx_redundancy        2.45 
_reflns_shell.percent_possible_obs   ? 
_reflns_shell.number_unique_all      1347 
_reflns_shell.percent_possible_all   83.30 
_reflns_shell.pdbx_ordinal           1 
_reflns_shell.pdbx_diffrn_id         1 
# 
_refine.entry_id                                 3B5L 
_refine.ls_d_res_high                            1.800 
_refine.ls_d_res_low                             33.71 
_refine.pdbx_ls_sigma_F                          0.00 
_refine.ls_percent_reflns_obs                    97.530 
_refine.ls_number_reflns_obs                     16082 
_refine.pdbx_ls_cross_valid_method               THROUGHOUT 
_refine.pdbx_R_Free_selection_details            RANDOM 
_refine.details                                  'HYDROGENS HAVE BEEN ADDED IN THE RIDING POSITIONS' 
_refine.ls_R_factor_obs                          0.206 
_refine.ls_R_factor_R_work                       0.203 
_refine.ls_R_factor_R_free                       0.248 
_refine.ls_percent_reflns_R_free                 5.100 
_refine.ls_number_reflns_R_free                  819 
_refine.B_iso_mean                               17.723 
_refine.aniso_B[1][1]                            0.730 
_refine.aniso_B[2][2]                            -0.120 
_refine.aniso_B[3][3]                            -0.610 
_refine.aniso_B[1][2]                            0.000 
_refine.aniso_B[1][3]                            0.000 
_refine.aniso_B[2][3]                            0.000 
_refine.correlation_coeff_Fo_to_Fc               0.948 
_refine.correlation_coeff_Fo_to_Fc_free          0.923 
_refine.pdbx_overall_ESU_R                       0.170 
_refine.pdbx_overall_ESU_R_Free                  0.154 
_refine.overall_SU_ML                            0.093 
_refine.overall_SU_B                             5.799 
_refine.solvent_model_details                    MASK 
_refine.pdbx_solvent_vdw_probe_radii             1.200 
_refine.pdbx_solvent_ion_probe_radii             0.800 
_refine.pdbx_solvent_shrinkage_radii             0.800 
_refine.pdbx_method_to_determine_struct          'MOLECULAR REPLACEMENT' 
_refine.pdbx_stereochemistry_target_values       'MAXIMUM LIKELIHOOD' 
_refine.pdbx_ls_sigma_I                          ? 
_refine.ls_number_reflns_all                     16082 
_refine.ls_R_factor_all                          ? 
_refine.ls_redundancy_reflns_obs                 ? 
_refine.pdbx_data_cutoff_high_absF               ? 
_refine.pdbx_data_cutoff_low_absF                ? 
_refine.ls_number_parameters                     ? 
_refine.ls_number_restraints                     ? 
_refine.ls_R_factor_R_free_error                 ? 
_refine.ls_R_factor_R_free_error_details         ? 
_refine.pdbx_starting_model                      'TRUNCATED 1m4w' 
_refine.pdbx_stereochem_target_val_spec_case     ? 
_refine.solvent_model_param_bsol                 ? 
_refine.solvent_model_param_ksol                 ? 
_refine.occupancy_max                            ? 
_refine.occupancy_min                            ? 
_refine.pdbx_isotropic_thermal_model             ? 
_refine.B_iso_min                                ? 
_refine.B_iso_max                                ? 
_refine.overall_SU_R_Cruickshank_DPI             ? 
_refine.overall_SU_R_free                        ? 
_refine.pdbx_data_cutoff_high_rms_absF           ? 
_refine.ls_wR_factor_R_free                      ? 
_refine.ls_wR_factor_R_work                      ? 
_refine.overall_FOM_free_R_set                   ? 
_refine.overall_FOM_work_R_set                   ? 
_refine.pdbx_overall_phase_error                 ? 
_refine.pdbx_refine_id                           'X-RAY DIFFRACTION' 
_refine.pdbx_TLS_residual_ADP_flag               'LIKELY RESIDUAL' 
_refine.pdbx_diffrn_id                           1 
_refine.pdbx_overall_SU_R_free_Cruickshank_DPI   ? 
_refine.pdbx_overall_SU_R_Blow_DPI               ? 
_refine.pdbx_overall_SU_R_free_Blow_DPI          ? 
# 
_refine_hist.pdbx_refine_id                   'X-RAY DIFFRACTION' 
_refine_hist.cycle_id                         LAST 
_refine_hist.pdbx_number_atoms_protein        1532 
_refine_hist.pdbx_number_atoms_nucleic_acid   0 
_refine_hist.pdbx_number_atoms_ligand         12 
_refine_hist.number_atoms_solvent             174 
_refine_hist.number_atoms_total               1718 
_refine_hist.d_res_high                       1.800 
_refine_hist.d_res_low                        33.71 
# 
loop_
_refine_ls_restr.type 
_refine_ls_restr.number 
_refine_ls_restr.dev_ideal 
_refine_ls_restr.dev_ideal_target 
_refine_ls_restr.weight 
_refine_ls_restr.pdbx_refine_id 
_refine_ls_restr.pdbx_restraint_function 
r_bond_refined_d         1591 0.007  0.021  ? 'X-RAY DIFFRACTION' ? 
r_angle_refined_deg      2172 1.069  1.896  ? 'X-RAY DIFFRACTION' ? 
r_dihedral_angle_1_deg   197  7.317  5.000  ? 'X-RAY DIFFRACTION' ? 
r_dihedral_angle_2_deg   70   34.423 22.429 ? 'X-RAY DIFFRACTION' ? 
r_dihedral_angle_3_deg   214  10.634 15.000 ? 'X-RAY DIFFRACTION' ? 
r_dihedral_angle_4_deg   9    11.772 15.000 ? 'X-RAY DIFFRACTION' ? 
r_chiral_restr           223  0.071  0.200  ? 'X-RAY DIFFRACTION' ? 
r_gen_planes_refined     1246 0.003  0.020  ? 'X-RAY DIFFRACTION' ? 
r_nbd_refined            691  0.171  0.200  ? 'X-RAY DIFFRACTION' ? 
r_nbtor_refined          1047 0.301  0.200  ? 'X-RAY DIFFRACTION' ? 
r_xyhbond_nbd_refined    175  0.100  0.200  ? 'X-RAY DIFFRACTION' ? 
r_symmetry_vdw_refined   58   0.170  0.200  ? 'X-RAY DIFFRACTION' ? 
r_symmetry_hbond_refined 23   0.079  0.200  ? 'X-RAY DIFFRACTION' ? 
r_mcbond_it              993  0.313  1.500  ? 'X-RAY DIFFRACTION' ? 
r_mcangle_it             1553 0.539  2.000  ? 'X-RAY DIFFRACTION' ? 
r_scbond_it              735  0.835  3.000  ? 'X-RAY DIFFRACTION' ? 
r_scangle_it             619  1.136  4.500  ? 'X-RAY DIFFRACTION' ? 
# 
_refine_ls_shell.d_res_high                       1.800 
_refine_ls_shell.d_res_low                        1.847 
_refine_ls_shell.pdbx_total_number_of_bins_used   20 
_refine_ls_shell.percent_reflns_obs               80.930 
_refine_ls_shell.number_reflns_R_work             904 
_refine_ls_shell.R_factor_all                     ? 
_refine_ls_shell.R_factor_R_work                  0.318 
_refine_ls_shell.R_factor_R_free                  0.400 
_refine_ls_shell.percent_reflns_R_free            ? 
_refine_ls_shell.number_reflns_R_free             68 
_refine_ls_shell.R_factor_R_free_error            ? 
_refine_ls_shell.number_reflns_all                972 
_refine_ls_shell.number_reflns_obs                ? 
_refine_ls_shell.redundancy_reflns_obs            ? 
_refine_ls_shell.pdbx_refine_id                   'X-RAY DIFFRACTION' 
# 
_struct.entry_id                  3B5L 
_struct.title                     'Crystal Structure of a Novel Engineered Retroaldolase: RA-61' 
_struct.pdbx_model_details        ? 
_struct.pdbx_CASP_flag            N 
_struct.pdbx_model_type_details   ? 
# 
_struct_keywords.entry_id        3B5L 
_struct_keywords.text            
'jelly roll, retroaldolase, engineered, alpha-beta, computationally designed, Glycosidase, Hydrolase, Xylan degradation' 
_struct_keywords.pdbx_keywords   HYDROLASE 
# 
loop_
_struct_asym.id 
_struct_asym.pdbx_blank_PDB_chainid_flag 
_struct_asym.pdbx_modified 
_struct_asym.entity_id 
_struct_asym.details 
A N N 1 ? 
B N N 2 ? 
C N N 2 ? 
D N N 3 ? 
E N N 3 ? 
F N N 4 ? 
# 
_struct_biol.id        1 
_struct_biol.details   ? 
# 
_struct_conf.conf_type_id            HELX_P 
_struct_conf.id                      HELX_P1 
_struct_conf.pdbx_PDB_helix_id       1 
_struct_conf.beg_label_comp_id       ILE 
_struct_conf.beg_label_asym_id       A 
_struct_conf.beg_label_seq_id        155 
_struct_conf.pdbx_beg_PDB_ins_code   ? 
_struct_conf.end_label_comp_id       ALA 
_struct_conf.end_label_asym_id       A 
_struct_conf.end_label_seq_id        165 
_struct_conf.pdbx_end_PDB_ins_code   ? 
_struct_conf.beg_auth_comp_id        ILE 
_struct_conf.beg_auth_asym_id        B 
_struct_conf.beg_auth_seq_id         151 
_struct_conf.end_auth_comp_id        ALA 
_struct_conf.end_auth_asym_id        B 
_struct_conf.end_auth_seq_id         161 
_struct_conf.pdbx_PDB_helix_class    1 
_struct_conf.details                 ? 
_struct_conf.pdbx_PDB_helix_length   11 
# 
_struct_conf_type.id          HELX_P 
_struct_conf_type.criteria    ? 
_struct_conf_type.reference   ? 
# 
_struct_mon_prot_cis.pdbx_id                1 
_struct_mon_prot_cis.label_comp_id          ASN 
_struct_mon_prot_cis.label_seq_id           87 
_struct_mon_prot_cis.label_asym_id          A 
_struct_mon_prot_cis.label_alt_id           . 
_struct_mon_prot_cis.pdbx_PDB_ins_code      ? 
_struct_mon_prot_cis.auth_comp_id           ASN 
_struct_mon_prot_cis.auth_seq_id            83 
_struct_mon_prot_cis.auth_asym_id           B 
_struct_mon_prot_cis.pdbx_label_comp_id_2   PRO 
_struct_mon_prot_cis.pdbx_label_seq_id_2    88 
_struct_mon_prot_cis.pdbx_label_asym_id_2   A 
_struct_mon_prot_cis.pdbx_PDB_ins_code_2    ? 
_struct_mon_prot_cis.pdbx_auth_comp_id_2    PRO 
_struct_mon_prot_cis.pdbx_auth_seq_id_2     84 
_struct_mon_prot_cis.pdbx_auth_asym_id_2    B 
_struct_mon_prot_cis.pdbx_PDB_model_num     1 
_struct_mon_prot_cis.pdbx_omega_angle       3.12 
# 
loop_
_struct_sheet.id 
_struct_sheet.type 
_struct_sheet.number_strands 
_struct_sheet.details 
A ? 6 ? 
B ? 9 ? 
# 
loop_
_struct_sheet_order.sheet_id 
_struct_sheet_order.range_id_1 
_struct_sheet_order.range_id_2 
_struct_sheet_order.offset 
_struct_sheet_order.sense 
A 1 2 ? anti-parallel 
A 2 3 ? anti-parallel 
A 3 4 ? anti-parallel 
A 4 5 ? anti-parallel 
A 5 6 ? anti-parallel 
B 1 2 ? anti-parallel 
B 2 3 ? anti-parallel 
B 3 4 ? anti-parallel 
B 4 5 ? anti-parallel 
B 5 6 ? anti-parallel 
B 6 7 ? parallel      
B 7 8 ? anti-parallel 
B 8 9 ? anti-parallel 
# 
loop_
_struct_sheet_range.sheet_id 
_struct_sheet_range.id 
_struct_sheet_range.beg_label_comp_id 
_struct_sheet_range.beg_label_asym_id 
_struct_sheet_range.beg_label_seq_id 
_struct_sheet_range.pdbx_beg_PDB_ins_code 
_struct_sheet_range.end_label_comp_id 
_struct_sheet_range.end_label_asym_id 
_struct_sheet_range.end_label_seq_id 
_struct_sheet_range.pdbx_end_PDB_ins_code 
_struct_sheet_range.beg_auth_comp_id 
_struct_sheet_range.beg_auth_asym_id 
_struct_sheet_range.beg_auth_seq_id 
_struct_sheet_range.end_auth_comp_id 
_struct_sheet_range.end_auth_asym_id 
_struct_sheet_range.end_auth_seq_id 
A 1 THR A 6   ? ILE A 8   ? THR B 2   ILE B 4   
A 2 VAL A 31  ? LEU A 35  ? VAL B 27  LEU B 31  
A 3 SER A 40  ? TRP A 45  ? SER B 36  TRP B 41  
A 4 GLY A 186 ? GLU A 194 ? GLY B 182 GLU B 190 
A 5 THR A 64  ? PRO A 73  ? THR B 60  PRO B 69  
A 6 SER A 150 ? THR A 154 ? SER B 146 THR B 150 
B 1 GLN A 12  ? ASP A 16  ? GLN B 8   ASP B 12  
B 2 TYR A 19  ? THR A 25  ? TYR B 15  THR B 21  
B 3 HIS A 50  ? TRP A 57  ? HIS B 46  TRP B 53  
B 4 SER A 171 ? TRP A 182 ? SER B 167 TRP B 178 
B 5 ILE A 76  ? ARG A 86  ? ILE B 72  ARG B 82  
B 6 VAL A 90  ? TRP A 98  ? VAL B 86  TRP B 94  
B 7 ARG A 135 ? ARG A 144 ? ARG B 131 ARG B 140 
B 8 GLY A 116 ? ALA A 128 ? GLY B 112 ALA B 124 
B 9 THR A 106 ? THR A 113 ? THR B 102 THR B 109 
# 
loop_
_pdbx_struct_sheet_hbond.sheet_id 
_pdbx_struct_sheet_hbond.range_id_1 
_pdbx_struct_sheet_hbond.range_id_2 
_pdbx_struct_sheet_hbond.range_1_label_atom_id 
_pdbx_struct_sheet_hbond.range_1_label_comp_id 
_pdbx_struct_sheet_hbond.range_1_label_asym_id 
_pdbx_struct_sheet_hbond.range_1_label_seq_id 
_pdbx_struct_sheet_hbond.range_1_PDB_ins_code 
_pdbx_struct_sheet_hbond.range_1_auth_atom_id 
_pdbx_struct_sheet_hbond.range_1_auth_comp_id 
_pdbx_struct_sheet_hbond.range_1_auth_asym_id 
_pdbx_struct_sheet_hbond.range_1_auth_seq_id 
_pdbx_struct_sheet_hbond.range_2_label_atom_id 
_pdbx_struct_sheet_hbond.range_2_label_comp_id 
_pdbx_struct_sheet_hbond.range_2_label_asym_id 
_pdbx_struct_sheet_hbond.range_2_label_seq_id 
_pdbx_struct_sheet_hbond.range_2_PDB_ins_code 
_pdbx_struct_sheet_hbond.range_2_auth_atom_id 
_pdbx_struct_sheet_hbond.range_2_auth_comp_id 
_pdbx_struct_sheet_hbond.range_2_auth_asym_id 
_pdbx_struct_sheet_hbond.range_2_auth_seq_id 
A 1 2 N ILE A 8   ? N ILE B 4   O MET A 33  ? O MET B 29  
A 2 3 N THR A 34  ? N THR B 30  O SER A 42  ? O SER B 38  
A 3 4 N TYR A 41  ? N TYR B 37  O VAL A 190 ? O VAL B 186 
A 4 5 O SER A 193 ? O SER B 189 N THR A 66  ? N THR B 62  
A 5 6 N VAL A 65  ? N VAL B 61  O ILE A 153 ? O ILE B 149 
B 1 2 N ASP A 16  ? N ASP B 12  O TYR A 19  ? O TYR B 15  
B 2 3 N PHE A 20  ? N PHE B 16  O GLY A 56  ? O GLY B 52  
B 3 4 N TRP A 57  ? N TRP B 53  O GLN A 175 ? O GLN B 171 
B 4 5 O ALA A 178 ? O ALA B 174 N THR A 80  ? N THR B 76  
B 5 6 N LEU A 81  ? N LEU B 77  O ILE A 94  ? O ILE B 90  
B 6 7 N VAL A 95  ? N VAL B 91  O SER A 142 ? O SER B 138 
B 7 8 O TRP A 141 ? O TRP B 137 N TYR A 121 ? N TYR B 117 
B 8 9 O ILE A 120 ? O ILE B 116 N GLY A 109 ? N GLY B 105 
# 
loop_
_struct_site.id 
_struct_site.pdbx_evidence_code 
_struct_site.pdbx_auth_asym_id 
_struct_site.pdbx_auth_comp_id 
_struct_site.pdbx_auth_seq_id 
_struct_site.pdbx_auth_ins_code 
_struct_site.pdbx_num_residues 
_struct_site.details 
AC1 Software B SO4 195 ? 10 'BINDING SITE FOR RESIDUE SO4 B 195' 
AC2 Software B SO4 196 ? 5  'BINDING SITE FOR RESIDUE SO4 B 196' 
AC3 Software B NH4 198 ? 1  'BINDING SITE FOR RESIDUE NH4 B 198' 
# 
loop_
_struct_site_gen.id 
_struct_site_gen.site_id 
_struct_site_gen.pdbx_num_res 
_struct_site_gen.label_comp_id 
_struct_site_gen.label_asym_id 
_struct_site_gen.label_seq_id 
_struct_site_gen.pdbx_auth_ins_code 
_struct_site_gen.auth_comp_id 
_struct_site_gen.auth_asym_id 
_struct_site_gen.auth_seq_id 
_struct_site_gen.label_atom_id 
_struct_site_gen.label_alt_id 
_struct_site_gen.symmetry 
_struct_site_gen.details 
1  AC1 10 SER A 2   ? SER B -2  . ? 1_555 ? 
2  AC1 10 HIS A 3   ? HIS B -1  . ? 1_555 ? 
3  AC1 10 GLY A 1   ? GLY B -3  . ? 1_555 ? 
4  AC1 10 SER A 37  ? SER B 33  . ? 1_555 ? 
5  AC1 10 THR A 104 ? THR B 100 . ? 3_545 ? 
6  AC1 10 TYR A 121 ? TYR B 117 . ? 3_545 ? 
7  AC1 10 HOH F .   ? HOH B 220 . ? 3_545 ? 
8  AC1 10 HOH F .   ? HOH B 276 . ? 3_545 ? 
9  AC1 10 HOH F .   ? HOH B 285 . ? 1_555 ? 
10 AC1 10 HOH F .   ? HOH B 367 . ? 1_555 ? 
11 AC2 5  ARG A 135 ? ARG B 131 . ? 4_545 ? 
12 AC2 5  HOH F .   ? HOH B 267 . ? 4_545 ? 
13 AC2 5  HOH F .   ? HOH B 336 . ? 3_545 ? 
14 AC2 5  HOH F .   ? HOH B 368 . ? 1_555 ? 
15 AC2 5  HOH F .   ? HOH B 369 . ? 1_555 ? 
16 AC3 1  TRP A 182 ? TRP B 178 . ? 1_555 ? 
# 
_atom_sites.entry_id                    3B5L 
_atom_sites.fract_transf_matrix[1][1]   -0.01573536 
_atom_sites.fract_transf_matrix[1][2]   0.01790558 
_atom_sites.fract_transf_matrix[1][3]   -0.00910528 
_atom_sites.fract_transf_matrix[2][1]   -0.00877747 
_atom_sites.fract_transf_matrix[2][2]   -0.01076994 
_atom_sites.fract_transf_matrix[2][3]   -0.00601028 
_atom_sites.fract_transf_matrix[3][1]   -0.00805895 
_atom_sites.fract_transf_matrix[3][2]   -0.00057411 
_atom_sites.fract_transf_matrix[3][3]   0.01279812 
_atom_sites.fract_transf_vector[1]      -0.135605 
_atom_sites.fract_transf_vector[2]      -0.159071 
_atom_sites.fract_transf_vector[3]      0.206054 
# 
loop_
_atom_type.symbol 
C 
N 
O 
S 
# 
loop_
_atom_site.group_PDB 
_atom_site.id 
_atom_site.type_symbol 
_atom_site.label_atom_id 
_atom_site.label_alt_id 
_atom_site.label_comp_id 
_atom_site.label_asym_id 
_atom_site.label_entity_id 
_atom_site.label_seq_id 
_atom_site.pdbx_PDB_ins_code 
_atom_site.Cartn_x 
_atom_site.Cartn_y 
_atom_site.Cartn_z 
_atom_site.occupancy 
_atom_site.B_iso_or_equiv 
_atom_site.pdbx_formal_charge 
_atom_site.auth_seq_id 
_atom_site.auth_comp_id 
_atom_site.auth_asym_id 
_atom_site.auth_atom_id 
_atom_site.pdbx_PDB_model_num 
ATOM   1    N N   . GLY A 1 1   ? 4.037   23.624  -5.647  1.00 17.83 ? -3  GLY B N   1 
ATOM   2    C CA  . GLY A 1 1   ? 5.471   23.683  -5.244  1.00 17.43 ? -3  GLY B CA  1 
ATOM   3    C C   . GLY A 1 1   ? 6.387   24.056  -6.391  1.00 17.46 ? -3  GLY B C   1 
ATOM   4    O O   . GLY A 1 1   ? 5.925   24.334  -7.505  1.00 17.63 ? -3  GLY B O   1 
ATOM   5    N N   . SER A 1 2   ? 7.690   24.079  -6.115  1.00 17.11 ? -2  SER B N   1 
ATOM   6    C CA  . SER A 1 2   ? 8.695   24.352  -7.138  1.00 16.97 ? -2  SER B CA  1 
ATOM   7    C C   . SER A 1 2   ? 8.949   23.105  -7.972  1.00 16.77 ? -2  SER B C   1 
ATOM   8    O O   . SER A 1 2   ? 9.461   23.192  -9.089  1.00 16.50 ? -2  SER B O   1 
ATOM   9    C CB  . SER A 1 2   ? 10.003  24.829  -6.505  1.00 16.92 ? -2  SER B CB  1 
ATOM   10   O OG  . SER A 1 2   ? 10.683  23.759  -5.878  1.00 17.32 ? -2  SER B OG  1 
ATOM   11   N N   . HIS A 1 3   ? 8.594   21.954  -7.396  1.00 16.87 ? -1  HIS B N   1 
ATOM   12   C CA  . HIS A 1 3   ? 8.689   20.642  -8.032  1.00 16.84 ? -1  HIS B CA  1 
ATOM   13   C C   . HIS A 1 3   ? 8.085   20.696  -9.430  1.00 16.74 ? -1  HIS B C   1 
ATOM   14   O O   . HIS A 1 3   ? 6.992   21.239  -9.625  1.00 16.37 ? -1  HIS B O   1 
ATOM   15   C CB  . HIS A 1 3   ? 7.953   19.600  -7.171  1.00 17.12 ? -1  HIS B CB  1 
ATOM   16   C CG  . HIS A 1 3   ? 8.126   18.184  -7.629  1.00 17.96 ? -1  HIS B CG  1 
ATOM   17   N ND1 . HIS A 1 3   ? 9.246   17.436  -7.332  1.00 19.07 ? -1  HIS B ND1 1 
ATOM   18   C CD2 . HIS A 1 3   ? 7.311   17.372  -8.343  1.00 18.38 ? -1  HIS B CD2 1 
ATOM   19   C CE1 . HIS A 1 3   ? 9.115   16.227  -7.851  1.00 18.33 ? -1  HIS B CE1 1 
ATOM   20   N NE2 . HIS A 1 3   ? 7.951   16.163  -8.471  1.00 19.45 ? -1  HIS B NE2 1 
ATOM   21   N N   . MET A 1 4   ? 8.823   20.169  -10.403 1.00 16.25 ? 0   MET B N   1 
ATOM   22   C CA  . MET A 1 4   ? 8.281   19.994  -11.738 1.00 16.42 ? 0   MET B CA  1 
ATOM   23   C C   . MET A 1 4   ? 7.751   18.579  -11.837 1.00 15.77 ? 0   MET B C   1 
ATOM   24   O O   . MET A 1 4   ? 8.514   17.610  -11.952 1.00 15.41 ? 0   MET B O   1 
ATOM   25   C CB  . MET A 1 4   ? 9.319   20.313  -12.810 1.00 16.40 ? 0   MET B CB  1 
ATOM   26   C CG  . MET A 1 4   ? 9.724   21.775  -12.774 1.00 16.73 ? 0   MET B CG  1 
ATOM   27   S SD  . MET A 1 4   ? 10.783  22.274  -14.131 1.00 17.95 ? 0   MET B SD  1 
ATOM   28   C CE  . MET A 1 4   ? 10.968  24.016  -13.769 1.00 17.75 ? 0   MET B CE  1 
ATOM   29   N N   . ASP A 1 5   ? 6.427   18.476  -11.739 1.00 15.13 ? 1   ASP B N   1 
ATOM   30   C CA  . ASP A 1 5   ? 5.746   17.195  -11.720 1.00 15.08 ? 1   ASP B CA  1 
ATOM   31   C C   . ASP A 1 5   ? 5.994   16.447  -13.016 1.00 14.99 ? 1   ASP B C   1 
ATOM   32   O O   . ASP A 1 5   ? 6.107   17.052  -14.088 1.00 14.74 ? 1   ASP B O   1 
ATOM   33   C CB  . ASP A 1 5   ? 4.242   17.378  -11.509 1.00 14.87 ? 1   ASP B CB  1 
ATOM   34   C CG  . ASP A 1 5   ? 3.889   17.892  -10.113 1.00 14.85 ? 1   ASP B CG  1 
ATOM   35   O OD1 . ASP A 1 5   ? 4.794   18.293  -9.350  1.00 15.01 ? 1   ASP B OD1 1 
ATOM   36   O OD2 . ASP A 1 5   ? 2.687   17.902  -9.784  1.00 14.60 ? 1   ASP B OD2 1 
ATOM   37   N N   . THR A 1 6   ? 6.118   15.133  -12.891 1.00 15.02 ? 2   THR B N   1 
ATOM   38   C CA  . THR A 1 6   ? 6.241   14.241  -14.034 1.00 15.35 ? 2   THR B CA  1 
ATOM   39   C C   . THR A 1 6   ? 5.183   13.164  -13.912 1.00 15.53 ? 2   THR B C   1 
ATOM   40   O O   . THR A 1 6   ? 4.628   12.955  -12.832 1.00 15.35 ? 2   THR B O   1 
ATOM   41   C CB  . THR A 1 6   ? 7.626   13.580  -14.101 1.00 15.41 ? 2   THR B CB  1 
ATOM   42   O OG1 . THR A 1 6   ? 7.925   12.951  -12.848 1.00 15.69 ? 2   THR B OG1 1 
ATOM   43   C CG2 . THR A 1 6   ? 8.686   14.617  -14.401 1.00 15.99 ? 2   THR B CG2 1 
ATOM   44   N N   . THR A 1 7   ? 4.903   12.489  -15.021 1.00 15.78 ? 3   THR B N   1 
ATOM   45   C CA  . THR A 1 7   ? 3.924   11.409  -15.034 1.00 16.13 ? 3   THR B CA  1 
ATOM   46   C C   . THR A 1 7   ? 4.569   10.137  -15.584 1.00 16.45 ? 3   THR B C   1 
ATOM   47   O O   . THR A 1 7   ? 5.119   10.128  -16.693 1.00 16.28 ? 3   THR B O   1 
ATOM   48   C CB  . THR A 1 7   ? 2.647   11.804  -15.812 1.00 15.93 ? 3   THR B CB  1 
ATOM   49   O OG1 . THR A 1 7   ? 2.116   13.021  -15.266 1.00 16.04 ? 3   THR B OG1 1 
ATOM   50   C CG2 . THR A 1 7   ? 1.585   10.718  -15.712 1.00 16.42 ? 3   THR B CG2 1 
ATOM   51   N N   . ILE A 1 8   ? 4.506   9.085   -14.766 1.00 16.63 ? 4   ILE B N   1 
ATOM   52   C CA  . ILE A 1 8   ? 5.123   7.782   -15.024 1.00 17.28 ? 4   ILE B CA  1 
ATOM   53   C C   . ILE A 1 8   ? 4.095   6.815   -15.592 1.00 17.09 ? 4   ILE B C   1 
ATOM   54   O O   . ILE A 1 8   ? 2.962   6.760   -15.105 1.00 17.33 ? 4   ILE B O   1 
ATOM   55   C CB  . ILE A 1 8   ? 5.667   7.168   -13.703 1.00 17.13 ? 4   ILE B CB  1 
ATOM   56   C CG1 . ILE A 1 8   ? 6.718   8.079   -13.071 1.00 18.09 ? 4   ILE B CG1 1 
ATOM   57   C CG2 . ILE A 1 8   ? 6.244   5.760   -13.935 1.00 17.90 ? 4   ILE B CG2 1 
ATOM   58   C CD1 . ILE A 1 8   ? 6.943   7.809   -11.610 1.00 18.63 ? 4   ILE B CD1 1 
ATOM   59   N N   . THR A 1 9   ? 4.491   6.051   -16.610 1.00 17.24 ? 5   THR B N   1 
ATOM   60   C CA  . THR A 1 9   ? 3.619   5.027   -17.200 1.00 17.52 ? 5   THR B CA  1 
ATOM   61   C C   . THR A 1 9   ? 4.309   3.670   -17.372 1.00 17.49 ? 5   THR B C   1 
ATOM   62   O O   . THR A 1 9   ? 3.689   2.717   -17.836 1.00 17.61 ? 5   THR B O   1 
ATOM   63   C CB  . THR A 1 9   ? 3.041   5.457   -18.574 1.00 17.54 ? 5   THR B CB  1 
ATOM   64   O OG1 . THR A 1 9   ? 4.106   5.832   -19.457 1.00 17.96 ? 5   THR B OG1 1 
ATOM   65   C CG2 . THR A 1 9   ? 2.058   6.608   -18.424 1.00 17.51 ? 5   THR B CG2 1 
ATOM   66   N N   . GLN A 1 10  ? 5.584   3.585   -17.003 1.00 17.62 ? 6   GLN B N   1 
ATOM   67   C CA  . GLN A 1 10  ? 6.331   2.329   -17.125 1.00 17.71 ? 6   GLN B CA  1 
ATOM   68   C C   . GLN A 1 10  ? 6.925   1.902   -15.784 1.00 17.68 ? 6   GLN B C   1 
ATOM   69   O O   . GLN A 1 10  ? 7.359   2.751   -14.999 1.00 17.84 ? 6   GLN B O   1 
ATOM   70   C CB  . GLN A 1 10  ? 7.419   2.459   -18.182 1.00 17.85 ? 6   GLN B CB  1 
ATOM   71   N N   . ASN A 1 11  ? 6.953   0.591   -15.533 1.00 17.69 ? 7   ASN B N   1 
ATOM   72   C CA  . ASN A 1 11  ? 7.474   0.040   -14.269 1.00 17.66 ? 7   ASN B CA  1 
ATOM   73   C C   . ASN A 1 11  ? 8.791   0.707   -13.849 1.00 18.01 ? 7   ASN B C   1 
ATOM   74   O O   . ASN A 1 11  ? 9.798   0.632   -14.562 1.00 17.74 ? 7   ASN B O   1 
ATOM   75   C CB  . ASN A 1 11  ? 7.599   -1.491  -14.338 1.00 17.41 ? 7   ASN B CB  1 
ATOM   76   C CG  . ASN A 1 11  ? 6.245   -2.187  -14.485 1.00 16.94 ? 7   ASN B CG  1 
ATOM   77   O OD1 . ASN A 1 11  ? 5.193   -1.544  -14.458 1.00 15.63 ? 7   ASN B OD1 1 
ATOM   78   N ND2 . ASN A 1 11  ? 6.271   -3.508  -14.648 1.00 16.35 ? 7   ASN B ND2 1 
ATOM   79   N N   . GLN A 1 12  ? 8.746   1.254   -12.667 1.00 20.00 ? 8   GLN B N   1 
ATOM   80   C CA  . GLN A 1 12  ? 9.939   1.806   -12.148 1.00 20.00 ? 8   GLN B CA  1 
ATOM   81   C C   . GLN A 1 12  ? 9.860   2.204   -10.734 1.00 20.00 ? 8   GLN B C   1 
ATOM   82   O O   . GLN A 1 12  ? 8.859   2.363   -10.162 1.00 18.65 ? 8   GLN B O   1 
ATOM   83   C CB  . GLN A 1 12  ? 10.347  2.972   -12.933 1.00 20.00 ? 8   GLN B CB  1 
ATOM   84   C CG  . GLN A 1 12  ? 9.459   4.080   -12.728 1.00 20.00 ? 8   GLN B CG  1 
ATOM   85   C CD  . GLN A 1 12  ? 9.823   5.214   -13.589 1.00 20.00 ? 8   GLN B CD  1 
ATOM   86   O OE1 . GLN A 1 12  ? 10.535  6.104   -13.201 1.00 20.00 ? 8   GLN B OE1 1 
ATOM   87   N NE2 . GLN A 1 12  ? 9.341   5.184   -14.785 1.00 20.00 ? 8   GLN B NE2 1 
ATOM   88   N N   . THR A 1 13  ? 11.040  2.350   -10.242 1.00 18.32 ? 9   THR B N   1 
ATOM   89   C CA  . THR A 1 13  ? 11.269  2.792   -8.852  1.00 18.05 ? 9   THR B CA  1 
ATOM   90   C C   . THR A 1 13  ? 12.358  3.871   -8.824  1.00 17.97 ? 9   THR B C   1 
ATOM   91   O O   . THR A 1 13  ? 13.166  3.968   -9.743  1.00 17.84 ? 9   THR B O   1 
ATOM   92   C CB  . THR A 1 13  ? 11.631  1.652   -7.842  1.00 18.23 ? 9   THR B CB  1 
ATOM   93   O OG1 . THR A 1 13  ? 12.921  1.111   -8.147  1.00 19.10 ? 9   THR B OG1 1 
ATOM   94   C CG2 . THR A 1 13  ? 10.577  0.538   -7.823  1.00 17.64 ? 9   THR B CG2 1 
ATOM   95   N N   . GLY A 1 14  ? 12.369  4.671   -7.763  1.00 17.52 ? 10  GLY B N   1 
ATOM   96   C CA  . GLY A 1 14  ? 13.375  5.715   -7.603  1.00 17.38 ? 10  GLY B CA  1 
ATOM   97   C C   . GLY A 1 14  ? 13.120  6.533   -6.357  1.00 17.26 ? 10  GLY B C   1 
ATOM   98   O O   . GLY A 1 14  ? 12.399  6.099   -5.458  1.00 16.61 ? 10  GLY B O   1 
ATOM   99   N N   . TYR A 1 15  ? 13.731  7.711   -6.304  1.00 17.25 ? 11  TYR B N   1 
ATOM   100  C CA  . TYR A 1 15  ? 13.483  8.659   -5.224  1.00 17.52 ? 11  TYR B CA  1 
ATOM   101  C C   . TYR A 1 15  ? 13.007  9.987   -5.796  1.00 17.44 ? 11  TYR B C   1 
ATOM   102  O O   . TYR A 1 15  ? 13.453  10.416  -6.866  1.00 17.52 ? 11  TYR B O   1 
ATOM   103  C CB  . TYR A 1 15  ? 14.730  8.869   -4.361  1.00 17.80 ? 11  TYR B CB  1 
ATOM   104  C CG  . TYR A 1 15  ? 15.199  7.639   -3.606  1.00 18.33 ? 11  TYR B CG  1 
ATOM   105  C CD1 . TYR A 1 15  ? 14.622  7.277   -2.386  1.00 18.82 ? 11  TYR B CD1 1 
ATOM   106  C CD2 . TYR A 1 15  ? 16.236  6.851   -4.104  1.00 19.14 ? 11  TYR B CD2 1 
ATOM   107  C CE1 . TYR A 1 15  ? 15.063  6.144   -1.684  1.00 18.51 ? 11  TYR B CE1 1 
ATOM   108  C CE2 . TYR A 1 15  ? 16.683  5.724   -3.415  1.00 19.02 ? 11  TYR B CE2 1 
ATOM   109  C CZ  . TYR A 1 15  ? 16.095  5.377   -2.211  1.00 18.87 ? 11  TYR B CZ  1 
ATOM   110  O OH  . TYR A 1 15  ? 16.548  4.266   -1.542  1.00 19.08 ? 11  TYR B OH  1 
ATOM   111  N N   . ASP A 1 16  ? 12.089  10.617  -5.072  1.00 17.41 ? 12  ASP B N   1 
ATOM   112  C CA  . ASP A 1 16  ? 11.524  11.907  -5.436  1.00 17.65 ? 12  ASP B CA  1 
ATOM   113  C C   . ASP A 1 16  ? 11.350  12.711  -4.154  1.00 17.63 ? 12  ASP B C   1 
ATOM   114  O O   . ASP A 1 16  ? 10.549  12.342  -3.290  1.00 17.36 ? 12  ASP B O   1 
ATOM   115  C CB  . ASP A 1 16  ? 10.174  11.714  -6.136  1.00 17.49 ? 12  ASP B CB  1 
ATOM   116  C CG  . ASP A 1 16  ? 9.594   13.012  -6.666  1.00 18.43 ? 12  ASP B CG  1 
ATOM   117  O OD1 . ASP A 1 16  ? 8.390   13.272  -6.435  1.00 19.00 ? 12  ASP B OD1 1 
ATOM   118  O OD2 . ASP A 1 16  ? 10.342  13.767  -7.323  1.00 17.62 ? 12  ASP B OD2 1 
ATOM   119  N N   . ASN A 1 17  ? 12.113  13.797  -4.034  1.00 17.97 ? 13  ASN B N   1 
ATOM   120  C CA  . ASN A 1 17  ? 12.129  14.648  -2.823  1.00 18.41 ? 13  ASN B CA  1 
ATOM   121  C C   . ASN A 1 17  ? 12.506  13.884  -1.546  1.00 18.31 ? 13  ASN B C   1 
ATOM   122  O O   . ASN A 1 17  ? 12.018  14.190  -0.456  1.00 18.37 ? 13  ASN B O   1 
ATOM   123  C CB  . ASN A 1 17  ? 10.789  15.377  -2.638  1.00 18.76 ? 13  ASN B CB  1 
ATOM   124  C CG  . ASN A 1 17  ? 10.208  15.867  -3.946  1.00 19.82 ? 13  ASN B CG  1 
ATOM   125  O OD1 . ASN A 1 17  ? 10.789  16.721  -4.615  1.00 20.48 ? 13  ASN B OD1 1 
ATOM   126  N ND2 . ASN A 1 17  ? 9.049   15.329  -4.318  1.00 20.15 ? 13  ASN B ND2 1 
ATOM   127  N N   . GLY A 1 18  ? 13.370  12.884  -1.695  1.00 18.29 ? 14  GLY B N   1 
ATOM   128  C CA  . GLY A 1 18  ? 13.796  12.060  -0.570  1.00 18.13 ? 14  GLY B CA  1 
ATOM   129  C C   . GLY A 1 18  ? 12.849  10.909  -0.271  1.00 17.87 ? 14  GLY B C   1 
ATOM   130  O O   . GLY A 1 18  ? 13.130  10.089  0.606   1.00 18.24 ? 14  GLY B O   1 
ATOM   131  N N   . TYR A 1 19  ? 11.728  10.849  -0.994  1.00 17.58 ? 15  TYR B N   1 
ATOM   132  C CA  . TYR A 1 19  ? 10.770  9.747   -0.858  1.00 17.17 ? 15  TYR B CA  1 
ATOM   133  C C   . TYR A 1 19  ? 10.994  8.680   -1.910  1.00 16.54 ? 15  TYR B C   1 
ATOM   134  O O   . TYR A 1 19  ? 11.062  8.978   -3.102  1.00 16.31 ? 15  TYR B O   1 
ATOM   135  C CB  . TYR A 1 19  ? 9.322   10.248  -0.937  1.00 17.55 ? 15  TYR B CB  1 
ATOM   136  C CG  . TYR A 1 19  ? 8.909   11.026  0.280   1.00 18.39 ? 15  TYR B CG  1 
ATOM   137  C CD1 . TYR A 1 19  ? 9.115   12.403  0.342   1.00 18.67 ? 15  TYR B CD1 1 
ATOM   138  C CD2 . TYR A 1 19  ? 8.348   10.387  1.388   1.00 18.90 ? 15  TYR B CD2 1 
ATOM   139  C CE1 . TYR A 1 19  ? 8.762   13.129  1.468   1.00 18.87 ? 15  TYR B CE1 1 
ATOM   140  C CE2 . TYR A 1 19  ? 7.987   11.110  2.523   1.00 18.99 ? 15  TYR B CE2 1 
ATOM   141  C CZ  . TYR A 1 19  ? 8.198   12.482  2.549   1.00 18.98 ? 15  TYR B CZ  1 
ATOM   142  O OH  . TYR A 1 19  ? 7.855   13.221  3.657   1.00 20.12 ? 15  TYR B OH  1 
ATOM   143  N N   . PHE A 1 20  ? 11.112  7.437   -1.456  1.00 15.93 ? 16  PHE B N   1 
ATOM   144  C CA  . PHE A 1 20  ? 11.093  6.293   -2.353  1.00 15.15 ? 16  PHE B CA  1 
ATOM   145  C C   . PHE A 1 20  ? 9.736   6.259   -3.048  1.00 14.90 ? 16  PHE B C   1 
ATOM   146  O O   . PHE A 1 20  ? 8.714   6.569   -2.436  1.00 14.70 ? 16  PHE B O   1 
ATOM   147  C CB  . PHE A 1 20  ? 11.324  4.999   -1.567  1.00 15.14 ? 16  PHE B CB  1 
ATOM   148  C CG  . PHE A 1 20  ? 11.224  3.747   -2.399  1.00 14.77 ? 16  PHE B CG  1 
ATOM   149  C CD1 . PHE A 1 20  ? 12.266  3.368   -3.242  1.00 15.40 ? 16  PHE B CD1 1 
ATOM   150  C CD2 . PHE A 1 20  ? 10.091  2.938   -2.331  1.00 14.71 ? 16  PHE B CD2 1 
ATOM   151  C CE1 . PHE A 1 20  ? 12.180  2.200   -4.007  1.00 14.60 ? 16  PHE B CE1 1 
ATOM   152  C CE2 . PHE A 1 20  ? 9.992   1.774   -3.098  1.00 14.60 ? 16  PHE B CE2 1 
ATOM   153  C CZ  . PHE A 1 20  ? 11.043  1.404   -3.934  1.00 15.12 ? 16  PHE B CZ  1 
ATOM   154  N N   . TYR A 1 21  ? 9.739   5.922   -4.333  1.00 14.29 ? 17  TYR B N   1 
ATOM   155  C CA  . TYR A 1 21  ? 8.496   5.704   -5.061  1.00 14.28 ? 17  TYR B CA  1 
ATOM   156  C C   . TYR A 1 21  ? 8.588   4.423   -5.877  1.00 14.16 ? 17  TYR B C   1 
ATOM   157  O O   . TYR A 1 21  ? 9.682   3.997   -6.260  1.00 13.53 ? 17  TYR B O   1 
ATOM   158  C CB  . TYR A 1 21  ? 8.124   6.914   -5.933  1.00 14.69 ? 17  TYR B CB  1 
ATOM   159  C CG  . TYR A 1 21  ? 8.987   7.129   -7.160  1.00 15.32 ? 17  TYR B CG  1 
ATOM   160  C CD1 . TYR A 1 21  ? 8.697   6.475   -8.359  1.00 15.82 ? 17  TYR B CD1 1 
ATOM   161  C CD2 . TYR A 1 21  ? 10.077  8.006   -7.133  1.00 16.25 ? 17  TYR B CD2 1 
ATOM   162  C CE1 . TYR A 1 21  ? 9.474   6.668   -9.489  1.00 17.43 ? 17  TYR B CE1 1 
ATOM   163  C CE2 . TYR A 1 21  ? 10.863  8.213   -8.272  1.00 16.50 ? 17  TYR B CE2 1 
ATOM   164  C CZ  . TYR A 1 21  ? 10.549  7.534   -9.443  1.00 17.35 ? 17  TYR B CZ  1 
ATOM   165  O OH  . TYR A 1 21  ? 11.304  7.710   -10.579 1.00 17.27 ? 17  TYR B OH  1 
ATOM   166  N N   . SER A 1 22  ? 7.433   3.810   -6.108  1.00 13.93 ? 18  SER B N   1 
ATOM   167  C CA  . SER A 1 22  ? 7.327   2.591   -6.888  1.00 13.88 ? 18  SER B CA  1 
ATOM   168  C C   . SER A 1 22  ? 6.060   2.629   -7.730  1.00 13.71 ? 18  SER B C   1 
ATOM   169  O O   . SER A 1 22  ? 4.974   2.940   -7.231  1.00 13.73 ? 18  SER B O   1 
ATOM   170  C CB  . SER A 1 22  ? 7.314   1.357   -5.981  1.00 13.92 ? 18  SER B CB  1 
ATOM   171  O OG  . SER A 1 22  ? 7.158   0.171   -6.740  1.00 14.70 ? 18  SER B OG  1 
ATOM   172  N N   . PHE A 1 23  ? 6.216   2.323   -9.011  1.00 13.84 ? 19  PHE B N   1 
ATOM   173  C CA  . PHE A 1 23  ? 5.092   2.179   -9.926  1.00 14.17 ? 19  PHE B CA  1 
ATOM   174  C C   . PHE A 1 23  ? 5.244   0.838   -10.627 1.00 13.86 ? 19  PHE B C   1 
ATOM   175  O O   . PHE A 1 23  ? 6.311   0.524   -11.156 1.00 13.69 ? 19  PHE B O   1 
ATOM   176  C CB  . PHE A 1 23  ? 5.063   3.330   -10.943 1.00 14.61 ? 19  PHE B CB  1 
ATOM   177  C CG  . PHE A 1 23  ? 4.037   3.158   -12.039 1.00 14.41 ? 19  PHE B CG  1 
ATOM   178  C CD1 . PHE A 1 23  ? 2.720   3.579   -11.855 1.00 15.96 ? 19  PHE B CD1 1 
ATOM   179  C CD2 . PHE A 1 23  ? 4.388   2.586   -13.255 1.00 14.96 ? 19  PHE B CD2 1 
ATOM   180  C CE1 . PHE A 1 23  ? 1.773   3.428   -12.863 1.00 15.20 ? 19  PHE B CE1 1 
ATOM   181  C CE2 . PHE A 1 23  ? 3.443   2.422   -14.270 1.00 15.38 ? 19  PHE B CE2 1 
ATOM   182  C CZ  . PHE A 1 23  ? 2.135   2.848   -14.072 1.00 15.28 ? 19  PHE B CZ  1 
ATOM   183  N N   . TRP A 1 24  ? 4.176   0.048   -10.621 1.00 13.55 ? 20  TRP B N   1 
ATOM   184  C CA  . TRP A 1 24  ? 4.198   -1.271  -11.251 1.00 13.73 ? 20  TRP B CA  1 
ATOM   185  C C   . TRP A 1 24  ? 2.842   -1.581  -11.853 1.00 13.31 ? 20  TRP B C   1 
ATOM   186  O O   . TRP A 1 24  ? 1.809   -1.342  -11.226 1.00 12.91 ? 20  TRP B O   1 
ATOM   187  C CB  . TRP A 1 24  ? 4.591   -2.354  -10.238 1.00 14.09 ? 20  TRP B CB  1 
ATOM   188  C CG  . TRP A 1 24  ? 4.841   -3.706  -10.863 1.00 14.80 ? 20  TRP B CG  1 
ATOM   189  C CD1 . TRP A 1 24  ? 6.039   -4.198  -11.301 1.00 15.56 ? 20  TRP B CD1 1 
ATOM   190  C CD2 . TRP A 1 24  ? 3.869   -4.728  -11.124 1.00 15.20 ? 20  TRP B CD2 1 
ATOM   191  N NE1 . TRP A 1 24  ? 5.874   -5.462  -11.821 1.00 15.24 ? 20  TRP B NE1 1 
ATOM   192  C CE2 . TRP A 1 24  ? 4.554   -5.813  -11.721 1.00 15.24 ? 20  TRP B CE2 1 
ATOM   193  C CE3 . TRP A 1 24  ? 2.487   -4.836  -10.908 1.00 15.44 ? 20  TRP B CE3 1 
ATOM   194  C CZ2 . TRP A 1 24  ? 3.902   -6.992  -12.108 1.00 15.39 ? 20  TRP B CZ2 1 
ATOM   195  C CZ3 . TRP A 1 24  ? 1.838   -6.008  -11.295 1.00 15.40 ? 20  TRP B CZ3 1 
ATOM   196  C CH2 . TRP A 1 24  ? 2.548   -7.070  -11.884 1.00 14.86 ? 20  TRP B CH2 1 
ATOM   197  N N   . THR A 1 25  ? 2.856   -2.104  -13.077 1.00 13.43 ? 21  THR B N   1 
ATOM   198  C CA  . THR A 1 25  ? 1.632   -2.553  -13.739 1.00 13.36 ? 21  THR B CA  1 
ATOM   199  C C   . THR A 1 25  ? 1.912   -3.641  -14.775 1.00 13.40 ? 21  THR B C   1 
ATOM   200  O O   . THR A 1 25  ? 3.024   -3.738  -15.306 1.00 13.35 ? 21  THR B O   1 
ATOM   201  C CB  . THR A 1 25  ? 0.857   -1.373  -14.400 1.00 13.42 ? 21  THR B CB  1 
ATOM   202  O OG1 . THR A 1 25  ? -0.410  -1.834  -14.888 1.00 14.10 ? 21  THR B OG1 1 
ATOM   203  C CG2 . THR A 1 25  ? 1.650   -0.749  -15.555 1.00 13.65 ? 21  THR B CG2 1 
ATOM   204  N N   . ASP A 1 26  ? 0.894   -4.451  -15.051 1.00 13.34 ? 22  ASP B N   1 
ATOM   205  C CA  . ASP A 1 26  ? 0.941   -5.389  -16.176 1.00 13.36 ? 22  ASP B CA  1 
ATOM   206  C C   . ASP A 1 26  ? 0.100   -4.915  -17.369 1.00 13.50 ? 22  ASP B C   1 
ATOM   207  O O   . ASP A 1 26  ? -0.140  -5.672  -18.315 1.00 13.31 ? 22  ASP B O   1 
ATOM   208  C CB  . ASP A 1 26  ? 0.558   -6.810  -15.733 1.00 13.41 ? 22  ASP B CB  1 
ATOM   209  C CG  . ASP A 1 26  ? -0.886  -6.922  -15.247 1.00 13.53 ? 22  ASP B CG  1 
ATOM   210  O OD1 . ASP A 1 26  ? -1.665  -5.948  -15.361 1.00 13.36 ? 22  ASP B OD1 1 
ATOM   211  O OD2 . ASP A 1 26  ? -1.234  -8.003  -14.748 1.00 13.82 ? 22  ASP B OD2 1 
ATOM   212  N N   . ALA A 1 27  ? -0.349  -3.662  -17.318 1.00 13.59 ? 23  ALA B N   1 
ATOM   213  C CA  . ALA A 1 27  ? -1.134  -3.081  -18.407 1.00 13.96 ? 23  ALA B CA  1 
ATOM   214  C C   . ALA A 1 27  ? -0.643  -1.672  -18.740 1.00 14.29 ? 23  ALA B C   1 
ATOM   215  O O   . ALA A 1 27  ? -1.387  -0.698  -18.575 1.00 14.23 ? 23  ALA B O   1 
ATOM   216  C CB  . ALA A 1 27  ? -2.620  -3.078  -18.054 1.00 13.91 ? 23  ALA B CB  1 
ATOM   217  N N   . PRO A 1 28  ? 0.613   -1.560  -19.217 1.00 14.65 ? 24  PRO B N   1 
ATOM   218  C CA  . PRO A 1 28  ? 1.199   -0.242  -19.468 1.00 14.74 ? 24  PRO B CA  1 
ATOM   219  C C   . PRO A 1 28  ? 0.390   0.550   -20.497 1.00 14.85 ? 24  PRO B C   1 
ATOM   220  O O   . PRO A 1 28  ? -0.061  -0.014  -21.499 1.00 14.72 ? 24  PRO B O   1 
ATOM   221  C CB  . PRO A 1 28  ? 2.608   -0.568  -19.989 1.00 14.92 ? 24  PRO B CB  1 
ATOM   222  C CG  . PRO A 1 28  ? 2.535   -1.978  -20.458 1.00 14.79 ? 24  PRO B CG  1 
ATOM   223  C CD  . PRO A 1 28  ? 1.545   -2.651  -19.567 1.00 14.59 ? 24  PRO B CD  1 
ATOM   224  N N   . GLY A 1 29  ? 0.187   1.836   -20.223 1.00 14.86 ? 25  GLY B N   1 
ATOM   225  C CA  . GLY A 1 29  ? -0.642  2.694   -21.063 1.00 14.96 ? 25  GLY B CA  1 
ATOM   226  C C   . GLY A 1 29  ? -2.062  2.910   -20.559 1.00 14.89 ? 25  GLY B C   1 
ATOM   227  O O   . GLY A 1 29  ? -2.789  3.745   -21.100 1.00 15.20 ? 25  GLY B O   1 
ATOM   228  N N   . THR A 1 30  ? -2.458  2.164   -19.527 1.00 14.39 ? 26  THR B N   1 
ATOM   229  C CA  . THR A 1 30  ? -3.816  2.247   -18.973 1.00 14.22 ? 26  THR B CA  1 
ATOM   230  C C   . THR A 1 30  ? -3.837  2.827   -17.557 1.00 14.04 ? 26  THR B C   1 
ATOM   231  O O   . THR A 1 30  ? -4.897  2.923   -16.923 1.00 13.72 ? 26  THR B O   1 
ATOM   232  C CB  . THR A 1 30  ? -4.484  0.865   -18.896 1.00 14.16 ? 26  THR B CB  1 
ATOM   233  O OG1 . THR A 1 30  ? -3.788  0.056   -17.937 1.00 13.79 ? 26  THR B OG1 1 
ATOM   234  C CG2 . THR A 1 30  ? -4.497  0.179   -20.258 1.00 14.76 ? 26  THR B CG2 1 
ATOM   235  N N   . VAL A 1 31  ? -2.656  3.167   -17.052 1.00 13.68 ? 27  VAL B N   1 
ATOM   236  C CA  . VAL A 1 31  ? -2.510  3.697   -15.702 1.00 13.67 ? 27  VAL B CA  1 
ATOM   237  C C   . VAL A 1 31  ? -1.271  4.583   -15.639 1.00 13.37 ? 27  VAL B C   1 
ATOM   238  O O   . VAL A 1 31  ? -0.268  4.327   -16.315 1.00 13.23 ? 27  VAL B O   1 
ATOM   239  C CB  . VAL A 1 31  ? -2.462  2.569   -14.613 1.00 13.71 ? 27  VAL B CB  1 
ATOM   240  C CG1 . VAL A 1 31  ? -1.380  1.524   -14.919 1.00 13.89 ? 27  VAL B CG1 1 
ATOM   241  C CG2 . VAL A 1 31  ? -2.286  3.155   -13.209 1.00 14.24 ? 27  VAL B CG2 1 
ATOM   242  N N   . SER A 1 32  ? -1.360  5.640   -14.843 1.00 13.31 ? 28  SER B N   1 
ATOM   243  C CA  . SER A 1 32  ? -0.252  6.558   -14.685 1.00 13.07 ? 28  SER B CA  1 
ATOM   244  C C   . SER A 1 32  ? -0.108  6.984   -13.234 1.00 13.03 ? 28  SER B C   1 
ATOM   245  O O   . SER A 1 32  ? -1.056  6.918   -12.447 1.00 12.70 ? 28  SER B O   1 
ATOM   246  C CB  . SER A 1 32  ? -0.423  7.782   -15.589 1.00 13.06 ? 28  SER B CB  1 
ATOM   247  O OG  . SER A 1 32  ? -1.469  8.621   -15.131 1.00 13.92 ? 28  SER B OG  1 
ATOM   248  N N   . MET A 1 33  ? 1.103   7.389   -12.887 1.00 12.91 ? 29  MET B N   1 
ATOM   249  C CA  . MET A 1 33  ? 1.382   7.936   -11.578 1.00 13.50 ? 29  MET B CA  1 
ATOM   250  C C   . MET A 1 33  ? 2.067   9.279   -11.770 1.00 13.39 ? 29  MET B C   1 
ATOM   251  O O   . MET A 1 33  ? 3.056   9.380   -12.504 1.00 13.76 ? 29  MET B O   1 
ATOM   252  C CB  . MET A 1 33  ? 2.273   6.979   -10.790 1.00 13.24 ? 29  MET B CB  1 
ATOM   253  C CG  . MET A 1 33  ? 2.663   7.477   -9.406  1.00 13.46 ? 29  MET B CG  1 
ATOM   254  S SD  . MET A 1 33  ? 3.949   6.427   -8.711  1.00 14.67 ? 29  MET B SD  1 
ATOM   255  C CE  . MET A 1 33  ? 4.023   7.081   -7.054  1.00 13.39 ? 29  MET B CE  1 
ATOM   256  N N   . THR A 1 34  ? 1.523   10.311  -11.135 1.00 13.45 ? 30  THR B N   1 
ATOM   257  C CA  . THR A 1 34  ? 2.103   11.643  -11.215 1.00 13.42 ? 30  THR B CA  1 
ATOM   258  C C   . THR A 1 34  ? 2.838   11.952  -9.917  1.00 13.54 ? 30  THR B C   1 
ATOM   259  O O   . THR A 1 34  ? 2.263   11.870  -8.835  1.00 13.24 ? 30  THR B O   1 
ATOM   260  C CB  . THR A 1 34  ? 1.041   12.721  -11.537 1.00 13.52 ? 30  THR B CB  1 
ATOM   261  O OG1 . THR A 1 34  ? 0.453   12.432  -12.813 1.00 13.41 ? 30  THR B OG1 1 
ATOM   262  C CG2 . THR A 1 34  ? 1.672   14.130  -11.580 1.00 13.58 ? 30  THR B CG2 1 
ATOM   263  N N   . LEU A 1 35  ? 4.119   12.281  -10.043 1.00 13.37 ? 31  LEU B N   1 
ATOM   264  C CA  . LEU A 1 35  ? 4.940   12.622  -8.889  1.00 13.73 ? 31  LEU B CA  1 
ATOM   265  C C   . LEU A 1 35  ? 4.764   14.093  -8.561  1.00 13.84 ? 31  LEU B C   1 
ATOM   266  O O   . LEU A 1 35  ? 5.026   14.953  -9.407  1.00 13.58 ? 31  LEU B O   1 
ATOM   267  C CB  . LEU A 1 35  ? 6.419   12.324  -9.160  1.00 13.69 ? 31  LEU B CB  1 
ATOM   268  C CG  . LEU A 1 35  ? 6.851   10.885  -9.460  1.00 14.33 ? 31  LEU B CG  1 
ATOM   269  C CD1 . LEU A 1 35  ? 8.366   10.839  -9.615  1.00 14.95 ? 31  LEU B CD1 1 
ATOM   270  C CD2 . LEU A 1 35  ? 6.395   9.916   -8.374  1.00 13.79 ? 31  LEU B CD2 1 
ATOM   271  N N   . HIS A 1 36  ? 4.314   14.369  -7.337  1.00 14.14 ? 32  HIS B N   1 
ATOM   272  C CA  . HIS A 1 36  ? 4.169   15.740  -6.838  1.00 14.65 ? 32  HIS B CA  1 
ATOM   273  C C   . HIS A 1 36  ? 5.284   16.096  -5.854  1.00 14.96 ? 32  HIS B C   1 
ATOM   274  O O   . HIS A 1 36  ? 6.182   15.288  -5.591  1.00 14.51 ? 32  HIS B O   1 
ATOM   275  C CB  . HIS A 1 36  ? 2.821   15.937  -6.131  1.00 14.67 ? 32  HIS B CB  1 
ATOM   276  C CG  . HIS A 1 36  ? 1.627   15.601  -6.967  1.00 14.97 ? 32  HIS B CG  1 
ATOM   277  N ND1 . HIS A 1 36  ? 1.394   16.170  -8.200  1.00 14.94 ? 32  HIS B ND1 1 
ATOM   278  C CD2 . HIS A 1 36  ? 0.582   14.773  -6.729  1.00 15.25 ? 32  HIS B CD2 1 
ATOM   279  C CE1 . HIS A 1 36  ? 0.260   15.701  -8.691  1.00 15.28 ? 32  HIS B CE1 1 
ATOM   280  N NE2 . HIS A 1 36  ? -0.249  14.849  -7.820  1.00 15.15 ? 32  HIS B NE2 1 
ATOM   281  N N   . SER A 1 37  ? 5.208   17.315  -5.314  1.00 15.39 ? 33  SER B N   1 
ATOM   282  C CA  . SER A 1 37  ? 6.122   17.784  -4.268  1.00 16.17 ? 33  SER B CA  1 
ATOM   283  C C   . SER A 1 37  ? 6.076   16.867  -3.043  1.00 16.21 ? 33  SER B C   1 
ATOM   284  O O   . SER A 1 37  ? 5.053   16.222  -2.784  1.00 16.48 ? 33  SER B O   1 
ATOM   285  C CB  . SER A 1 37  ? 5.747   19.211  -3.853  1.00 16.52 ? 33  SER B CB  1 
ATOM   286  O OG  . SER A 1 37  ? 4.446   19.244  -3.282  1.00 18.54 ? 33  SER B OG  1 
ATOM   287  N N   . GLY A 1 38  ? 7.185   16.812  -2.307  1.00 16.28 ? 34  GLY B N   1 
ATOM   288  C CA  . GLY A 1 38  ? 7.281   16.046  -1.058  1.00 16.16 ? 34  GLY B CA  1 
ATOM   289  C C   . GLY A 1 38  ? 6.852   14.594  -1.155  1.00 15.82 ? 34  GLY B C   1 
ATOM   290  O O   . GLY A 1 38  ? 7.267   13.865  -2.060  1.00 15.89 ? 34  GLY B O   1 
ATOM   291  N N   . GLY A 1 39  ? 6.010   14.176  -0.215  1.00 15.36 ? 35  GLY B N   1 
ATOM   292  C CA  . GLY A 1 39  ? 5.505   12.811  -0.184  1.00 15.57 ? 35  GLY B CA  1 
ATOM   293  C C   . GLY A 1 39  ? 4.175   12.623  -0.889  1.00 15.36 ? 35  GLY B C   1 
ATOM   294  O O   . GLY A 1 39  ? 3.405   11.736  -0.516  1.00 15.67 ? 35  GLY B O   1 
ATOM   295  N N   . SER A 1 40  ? 3.908   13.446  -1.910  1.00 15.04 ? 36  SER B N   1 
ATOM   296  C CA  . SER A 1 40  ? 2.629   13.403  -2.641  1.00 14.72 ? 36  SER B CA  1 
ATOM   297  C C   . SER A 1 40  ? 2.746   12.820  -4.043  1.00 14.50 ? 36  SER B C   1 
ATOM   298  O O   . SER A 1 40  ? 3.761   12.995  -4.723  1.00 14.29 ? 36  SER B O   1 
ATOM   299  C CB  . SER A 1 40  ? 1.991   14.796  -2.736  1.00 14.81 ? 36  SER B CB  1 
ATOM   300  O OG  . SER A 1 40  ? 1.739   15.346  -1.460  1.00 16.07 ? 36  SER B OG  1 
ATOM   301  N N   . TYR A 1 41  ? 1.691   12.125  -4.461  1.00 13.95 ? 37  TYR B N   1 
ATOM   302  C CA  . TYR A 1 41  ? 1.566   11.603  -5.816  1.00 13.50 ? 37  TYR B CA  1 
ATOM   303  C C   . TYR A 1 41  ? 0.083   11.506  -6.189  1.00 13.32 ? 37  TYR B C   1 
ATOM   304  O O   . TYR A 1 41  ? -0.791  11.524  -5.314  1.00 13.36 ? 37  TYR B O   1 
ATOM   305  C CB  . TYR A 1 41  ? 2.251   10.229  -5.938  1.00 13.50 ? 37  TYR B CB  1 
ATOM   306  C CG  . TYR A 1 41  ? 1.536   9.125   -5.189  1.00 13.84 ? 37  TYR B CG  1 
ATOM   307  C CD1 . TYR A 1 41  ? 0.553   8.352   -5.815  1.00 14.82 ? 37  TYR B CD1 1 
ATOM   308  C CD2 . TYR A 1 41  ? 1.825   8.870   -3.847  1.00 14.42 ? 37  TYR B CD2 1 
ATOM   309  C CE1 . TYR A 1 41  ? -0.119  7.347   -5.123  1.00 14.33 ? 37  TYR B CE1 1 
ATOM   310  C CE2 . TYR A 1 41  ? 1.166   7.862   -3.149  1.00 14.38 ? 37  TYR B CE2 1 
ATOM   311  C CZ  . TYR A 1 41  ? 0.197   7.109   -3.791  1.00 14.29 ? 37  TYR B CZ  1 
ATOM   312  O OH  . TYR A 1 41  ? -0.465  6.124   -3.101  1.00 12.98 ? 37  TYR B OH  1 
ATOM   313  N N   . SER A 1 42  ? -0.195  11.412  -7.484  1.00 12.83 ? 38  SER B N   1 
ATOM   314  C CA  . SER A 1 42  ? -1.538  11.095  -7.954  1.00 12.80 ? 38  SER B CA  1 
ATOM   315  C C   . SER A 1 42  ? -1.498  9.866   -8.852  1.00 12.60 ? 38  SER B C   1 
ATOM   316  O O   . SER A 1 42  ? -0.445  9.512   -9.381  1.00 12.02 ? 38  SER B O   1 
ATOM   317  C CB  . SER A 1 42  ? -2.154  12.285  -8.701  1.00 12.82 ? 38  SER B CB  1 
ATOM   318  O OG  . SER A 1 42  ? -2.493  13.328  -7.801  1.00 12.98 ? 38  SER B OG  1 
ATOM   319  N N   . THR A 1 43  ? -2.641  9.199   -8.995  1.00 12.71 ? 39  THR B N   1 
ATOM   320  C CA  . THR A 1 43  ? -2.772  8.135   -9.988  1.00 13.14 ? 39  THR B CA  1 
ATOM   321  C C   . THR A 1 43  ? -4.042  8.334   -10.797 1.00 13.26 ? 39  THR B C   1 
ATOM   322  O O   . THR A 1 43  ? -4.981  8.999   -10.354 1.00 13.13 ? 39  THR B O   1 
ATOM   323  C CB  . THR A 1 43  ? -2.797  6.711   -9.373  1.00 13.04 ? 39  THR B CB  1 
ATOM   324  O OG1 . THR A 1 43  ? -4.002  6.527   -8.615  1.00 13.83 ? 39  THR B OG1 1 
ATOM   325  C CG2 . THR A 1 43  ? -1.571  6.451   -8.496  1.00 13.64 ? 39  THR B CG2 1 
ATOM   326  N N   . SER A 1 44  ? -4.054  7.750   -11.986 1.00 13.51 ? 40  SER B N   1 
ATOM   327  C CA  . SER A 1 44  ? -5.227  7.748   -12.834 1.00 14.07 ? 40  SER B CA  1 
ATOM   328  C C   . SER A 1 44  ? -5.197  6.445   -13.608 1.00 14.17 ? 40  SER B C   1 
ATOM   329  O O   . SER A 1 44  ? -4.157  6.066   -14.146 1.00 13.95 ? 40  SER B O   1 
ATOM   330  C CB  . SER A 1 44  ? -5.203  8.942   -13.790 1.00 14.26 ? 40  SER B CB  1 
ATOM   331  O OG  . SER A 1 44  ? -6.392  9.002   -14.556 1.00 16.02 ? 40  SER B OG  1 
ATOM   332  N N   . TRP A 1 45  ? -6.326  5.747   -13.636 1.00 14.01 ? 41  TRP B N   1 
ATOM   333  C CA  . TRP A 1 45  ? -6.414  4.512   -14.404 1.00 14.55 ? 41  TRP B CA  1 
ATOM   334  C C   . TRP A 1 45  ? -7.745  4.369   -15.129 1.00 14.78 ? 41  TRP B C   1 
ATOM   335  O O   . TRP A 1 45  ? -8.769  4.906   -14.692 1.00 14.85 ? 41  TRP B O   1 
ATOM   336  C CB  . TRP A 1 45  ? -6.057  3.278   -13.544 1.00 14.52 ? 41  TRP B CB  1 
ATOM   337  C CG  . TRP A 1 45  ? -7.006  2.930   -12.405 1.00 14.50 ? 41  TRP B CG  1 
ATOM   338  C CD1 . TRP A 1 45  ? -7.942  1.939   -12.410 1.00 14.55 ? 41  TRP B CD1 1 
ATOM   339  C CD2 . TRP A 1 45  ? -7.076  3.540   -11.101 1.00 14.43 ? 41  TRP B CD2 1 
ATOM   340  N NE1 . TRP A 1 45  ? -8.599  1.895   -11.203 1.00 14.94 ? 41  TRP B NE1 1 
ATOM   341  C CE2 . TRP A 1 45  ? -8.094  2.869   -10.382 1.00 14.50 ? 41  TRP B CE2 1 
ATOM   342  C CE3 . TRP A 1 45  ? -6.388  4.590   -10.475 1.00 14.35 ? 41  TRP B CE3 1 
ATOM   343  C CZ2 . TRP A 1 45  ? -8.441  3.210   -9.068  1.00 14.50 ? 41  TRP B CZ2 1 
ATOM   344  C CZ3 . TRP A 1 45  ? -6.734  4.930   -9.161  1.00 14.53 ? 41  TRP B CZ3 1 
ATOM   345  C CH2 . TRP A 1 45  ? -7.755  4.240   -8.477  1.00 14.71 ? 41  TRP B CH2 1 
ATOM   346  N N   . ARG A 1 46  ? -7.705  3.673   -16.261 1.00 14.90 ? 42  ARG B N   1 
ATOM   347  C CA  . ARG A 1 46  ? -8.880  3.454   -17.097 1.00 15.21 ? 42  ARG B CA  1 
ATOM   348  C C   . ARG A 1 46  ? -8.774  2.092   -17.765 1.00 15.52 ? 42  ARG B C   1 
ATOM   349  O O   . ARG A 1 46  ? -7.876  1.860   -18.586 1.00 15.70 ? 42  ARG B O   1 
ATOM   350  C CB  . ARG A 1 46  ? -9.012  4.567   -18.141 1.00 15.11 ? 42  ARG B CB  1 
ATOM   351  N N   . ASN A 1 47  ? -9.688  1.196   -17.392 1.00 15.92 ? 43  ASN B N   1 
ATOM   352  C CA  . ASN A 1 47  ? -9.720  -0.182  -17.889 1.00 16.25 ? 43  ASN B CA  1 
ATOM   353  C C   . ASN A 1 47  ? -8.349  -0.859  -17.831 1.00 16.19 ? 43  ASN B C   1 
ATOM   354  O O   . ASN A 1 47  ? -7.846  -1.385  -18.829 1.00 16.13 ? 43  ASN B O   1 
ATOM   355  C CB  . ASN A 1 47  ? -10.340 -0.236  -19.287 1.00 16.49 ? 43  ASN B CB  1 
ATOM   356  C CG  . ASN A 1 47  ? -11.772 0.259   -19.297 1.00 16.99 ? 43  ASN B CG  1 
ATOM   357  O OD1 . ASN A 1 47  ? -12.553 -0.050  -18.396 1.00 17.92 ? 43  ASN B OD1 1 
ATOM   358  N ND2 . ASN A 1 47  ? -12.120 1.047   -20.308 1.00 19.67 ? 43  ASN B ND2 1 
ATOM   359  N N   . THR A 1 48  ? -7.765  -0.833  -16.636 1.00 16.01 ? 44  THR B N   1 
ATOM   360  C CA  . THR A 1 48  ? -6.375  -1.231  -16.417 1.00 15.68 ? 44  THR B CA  1 
ATOM   361  C C   . THR A 1 48  ? -6.217  -2.748  -16.185 1.00 15.49 ? 44  THR B C   1 
ATOM   362  O O   . THR A 1 48  ? -7.151  -3.511  -16.418 1.00 15.43 ? 44  THR B O   1 
ATOM   363  C CB  . THR A 1 48  ? -5.739  -0.373  -15.276 1.00 16.00 ? 44  THR B CB  1 
ATOM   364  O OG1 . THR A 1 48  ? -4.313  -0.495  -15.301 1.00 15.56 ? 44  THR B OG1 1 
ATOM   365  C CG2 . THR A 1 48  ? -6.284  -0.773  -13.892 1.00 15.54 ? 44  THR B CG2 1 
ATOM   366  N N   . GLY A 1 49  ? -5.024  -3.178  -15.776 1.00 15.15 ? 45  GLY B N   1 
ATOM   367  C CA  . GLY A 1 49  ? -4.795  -4.556  -15.339 1.00 14.72 ? 45  GLY B CA  1 
ATOM   368  C C   . GLY A 1 49  ? -4.563  -4.543  -13.839 1.00 14.74 ? 45  GLY B C   1 
ATOM   369  O O   . GLY A 1 49  ? -5.311  -3.906  -13.096 1.00 14.62 ? 45  GLY B O   1 
ATOM   370  N N   . HIS A 1 50  ? -3.532  -5.249  -13.389 1.00 14.45 ? 46  HIS B N   1 
ATOM   371  C CA  . HIS A 1 50  ? -3.027  -5.068  -12.031 1.00 14.64 ? 46  HIS B CA  1 
ATOM   372  C C   . HIS A 1 50  ? -2.148  -3.821  -12.004 1.00 14.08 ? 46  HIS B C   1 
ATOM   373  O O   . HIS A 1 50  ? -1.362  -3.601  -12.922 1.00 13.52 ? 46  HIS B O   1 
ATOM   374  C CB  . HIS A 1 50  ? -2.182  -6.266  -11.606 1.00 15.02 ? 46  HIS B CB  1 
ATOM   375  C CG  . HIS A 1 50  ? -2.953  -7.538  -11.432 1.00 16.80 ? 46  HIS B CG  1 
ATOM   376  N ND1 . HIS A 1 50  ? -3.655  -7.831  -10.281 1.00 18.84 ? 46  HIS B ND1 1 
ATOM   377  C CD2 . HIS A 1 50  ? -3.103  -8.608  -12.247 1.00 18.03 ? 46  HIS B CD2 1 
ATOM   378  C CE1 . HIS A 1 50  ? -4.214  -9.022  -10.402 1.00 18.32 ? 46  HIS B CE1 1 
ATOM   379  N NE2 . HIS A 1 50  ? -3.897  -9.514  -11.585 1.00 18.96 ? 46  HIS B NE2 1 
ATOM   380  N N   . PHE A 1 51  ? -2.279  -3.006  -10.960 1.00 13.71 ? 47  PHE B N   1 
ATOM   381  C CA  . PHE A 1 51  ? -1.364  -1.887  -10.757 1.00 13.71 ? 47  PHE B CA  1 
ATOM   382  C C   . PHE A 1 51  ? -1.147  -1.616  -9.272  1.00 13.59 ? 47  PHE B C   1 
ATOM   383  O O   . PHE A 1 51  ? -2.007  -1.912  -8.437  1.00 13.15 ? 47  PHE B O   1 
ATOM   384  C CB  . PHE A 1 51  ? -1.860  -0.612  -11.464 1.00 14.12 ? 47  PHE B CB  1 
ATOM   385  C CG  . PHE A 1 51  ? -2.970  0.099   -10.732 1.00 14.77 ? 47  PHE B CG  1 
ATOM   386  C CD1 . PHE A 1 51  ? -2.686  1.130   -9.837  1.00 16.00 ? 47  PHE B CD1 1 
ATOM   387  C CD2 . PHE A 1 51  ? -4.300  -0.268  -10.934 1.00 16.11 ? 47  PHE B CD2 1 
ATOM   388  C CE1 . PHE A 1 51  ? -3.711  1.788   -9.154  1.00 16.22 ? 47  PHE B CE1 1 
ATOM   389  C CE2 . PHE A 1 51  ? -5.339  0.388   -10.256 1.00 16.80 ? 47  PHE B CE2 1 
ATOM   390  C CZ  . PHE A 1 51  ? -5.038  1.416   -9.360  1.00 15.86 ? 47  PHE B CZ  1 
ATOM   391  N N   . LYS A 1 52  ? 0.020   -1.065  -8.962  1.00 13.63 ? 48  LYS B N   1 
ATOM   392  C CA  . LYS A 1 52  ? 0.322   -0.554  -7.631  1.00 13.64 ? 48  LYS B CA  1 
ATOM   393  C C   . LYS A 1 52  ? 1.248   0.648   -7.774  1.00 13.56 ? 48  LYS B C   1 
ATOM   394  O O   . LYS A 1 52  ? 2.204   0.622   -8.557  1.00 13.46 ? 48  LYS B O   1 
ATOM   395  C CB  . LYS A 1 52  ? 0.962   -1.631  -6.768  1.00 13.95 ? 48  LYS B CB  1 
ATOM   396  N N   . ALA A 1 53  ? 0.944   1.707   -7.030  1.00 13.32 ? 49  ALA B N   1 
ATOM   397  C CA  . ALA A 1 53  ? 1.737   2.929   -7.073  1.00 12.81 ? 49  ALA B CA  1 
ATOM   398  C C   . ALA A 1 53  ? 1.777   3.569   -5.693  1.00 12.64 ? 49  ALA B C   1 
ATOM   399  O O   . ALA A 1 53  ? 0.761   3.609   -5.008  1.00 12.72 ? 49  ALA B O   1 
ATOM   400  C CB  . ALA A 1 53  ? 1.156   3.897   -8.101  1.00 13.12 ? 49  ALA B CB  1 
ATOM   401  N N   . GLY A 1 54  ? 2.943   4.052   -5.276  1.00 12.50 ? 50  GLY B N   1 
ATOM   402  C CA  . GLY A 1 54  ? 3.023   4.759   -3.997  1.00 12.59 ? 50  GLY B CA  1 
ATOM   403  C C   . GLY A 1 54  ? 4.354   5.396   -3.666  1.00 12.21 ? 50  GLY B C   1 
ATOM   404  O O   . GLY A 1 54  ? 5.358   5.150   -4.333  1.00 12.45 ? 50  GLY B O   1 
ATOM   405  N N   . LYS A 1 55  ? 4.336   6.236   -2.634  1.00 12.19 ? 51  LYS B N   1 
ATOM   406  C CA  . LYS A 1 55  ? 5.534   6.861   -2.096  1.00 12.36 ? 51  LYS B CA  1 
ATOM   407  C C   . LYS A 1 55  ? 5.751   6.417   -0.661  1.00 12.44 ? 51  LYS B C   1 
ATOM   408  O O   . LYS A 1 55  ? 4.797   6.123   0.069   1.00 12.42 ? 51  LYS B O   1 
ATOM   409  C CB  . LYS A 1 55  ? 5.425   8.388   -2.147  1.00 12.35 ? 51  LYS B CB  1 
ATOM   410  C CG  . LYS A 1 55  ? 5.788   8.981   -3.490  1.00 12.85 ? 51  LYS B CG  1 
ATOM   411  C CD  . LYS A 1 55  ? 5.762   10.502  -3.431  1.00 12.82 ? 51  LYS B CD  1 
ATOM   412  C CE  . LYS A 1 55  ? 6.487   11.104  -4.629  1.00 13.57 ? 51  LYS B CE  1 
ATOM   413  N NZ  . LYS A 1 55  ? 6.533   12.601  -4.536  1.00 12.12 ? 51  LYS B NZ  1 
ATOM   414  N N   . GLY A 1 56  ? 7.011   6.362   -0.264  1.00 12.55 ? 52  GLY B N   1 
ATOM   415  C CA  . GLY A 1 56  ? 7.347   6.015   1.103   1.00 12.75 ? 52  GLY B CA  1 
ATOM   416  C C   . GLY A 1 56  ? 8.833   5.858   1.284   1.00 12.89 ? 52  GLY B C   1 
ATOM   417  O O   . GLY A 1 56  ? 9.597   6.814   1.090   1.00 12.66 ? 52  GLY B O   1 
ATOM   418  N N   . TRP A 1 57  ? 9.236   4.642   1.652   1.00 13.01 ? 53  TRP B N   1 
ATOM   419  C CA  . TRP A 1 57  ? 10.610  4.366   2.060   1.00 13.16 ? 53  TRP B CA  1 
ATOM   420  C C   . TRP A 1 57  ? 11.108  3.073   1.438   1.00 13.37 ? 53  TRP B C   1 
ATOM   421  O O   . TRP A 1 57  ? 10.361  2.092   1.352   1.00 13.20 ? 53  TRP B O   1 
ATOM   422  C CB  . TRP A 1 57  ? 10.703  4.308   3.589   1.00 13.43 ? 53  TRP B CB  1 
ATOM   423  C CG  . TRP A 1 57  ? 10.263  5.600   4.229   1.00 13.45 ? 53  TRP B CG  1 
ATOM   424  C CD1 . TRP A 1 57  ? 11.056  6.657   4.569   1.00 13.98 ? 53  TRP B CD1 1 
ATOM   425  C CD2 . TRP A 1 57  ? 8.921   5.981   4.562   1.00 14.36 ? 53  TRP B CD2 1 
ATOM   426  N NE1 . TRP A 1 57  ? 10.294  7.669   5.110   1.00 13.98 ? 53  TRP B NE1 1 
ATOM   427  C CE2 . TRP A 1 57  ? 8.980   7.283   5.112   1.00 14.14 ? 53  TRP B CE2 1 
ATOM   428  C CE3 . TRP A 1 57  ? 7.673   5.346   4.454   1.00 14.15 ? 53  TRP B CE3 1 
ATOM   429  C CZ2 . TRP A 1 57  ? 7.838   7.964   5.554   1.00 13.42 ? 53  TRP B CZ2 1 
ATOM   430  C CZ3 . TRP A 1 57  ? 6.535   6.029   4.891   1.00 14.05 ? 53  TRP B CZ3 1 
ATOM   431  C CH2 . TRP A 1 57  ? 6.629   7.321   5.437   1.00 13.99 ? 53  TRP B CH2 1 
ATOM   432  N N   . SER A 1 58  ? 12.370  3.076   1.008   1.00 13.31 ? 54  SER B N   1 
ATOM   433  C CA  . SER A 1 58  ? 12.964  1.899   0.371   1.00 13.65 ? 54  SER B CA  1 
ATOM   434  C C   . SER A 1 58  ? 13.235  0.769   1.362   1.00 13.92 ? 54  SER B C   1 
ATOM   435  O O   . SER A 1 58  ? 13.292  -0.396  0.966   1.00 14.29 ? 54  SER B O   1 
ATOM   436  C CB  . SER A 1 58  ? 14.241  2.270   -0.391  1.00 13.90 ? 54  SER B CB  1 
ATOM   437  O OG  . SER A 1 58  ? 15.169  2.917   0.459   1.00 13.10 ? 54  SER B OG  1 
ATOM   438  N N   . THR A 1 59  ? 13.416  1.123   2.637   1.00 13.98 ? 55  THR B N   1 
ATOM   439  C CA  . THR A 1 59  ? 13.473  0.141   3.720   1.00 14.57 ? 55  THR B CA  1 
ATOM   440  C C   . THR A 1 59  ? 12.408  0.464   4.766   1.00 14.53 ? 55  THR B C   1 
ATOM   441  O O   . THR A 1 59  ? 12.432  1.529   5.392   1.00 14.61 ? 55  THR B O   1 
ATOM   442  C CB  . THR A 1 59  ? 14.879  0.067   4.379   1.00 14.57 ? 55  THR B CB  1 
ATOM   443  O OG1 . THR A 1 59  ? 15.845  -0.348  3.404   1.00 15.23 ? 55  THR B OG1 1 
ATOM   444  C CG2 . THR A 1 59  ? 14.891  -0.931  5.543   1.00 15.10 ? 55  THR B CG2 1 
ATOM   445  N N   . GLY A 1 60  ? 11.474  -0.463  4.944   1.00 14.67 ? 56  GLY B N   1 
ATOM   446  C CA  . GLY A 1 60  ? 10.387  -0.295  5.897   1.00 14.79 ? 56  GLY B CA  1 
ATOM   447  C C   . GLY A 1 60  ? 10.794  -0.553  7.334   1.00 15.19 ? 56  GLY B C   1 
ATOM   448  O O   . GLY A 1 60  ? 11.876  -1.076  7.609   1.00 14.69 ? 56  GLY B O   1 
ATOM   449  N N   . GLY A 1 61  ? 9.910   -0.181  8.252   1.00 15.43 ? 57  GLY B N   1 
ATOM   450  C CA  . GLY A 1 61  ? 10.139  -0.382  9.675   1.00 15.96 ? 57  GLY B CA  1 
ATOM   451  C C   . GLY A 1 61  ? 8.897   -0.041  10.469  1.00 16.37 ? 57  GLY B C   1 
ATOM   452  O O   . GLY A 1 61  ? 7.801   0.070   9.909   1.00 16.22 ? 57  GLY B O   1 
ATOM   453  N N   . ARG A 1 62  ? 9.081   0.140   11.773  1.00 16.60 ? 58  ARG B N   1 
ATOM   454  C CA  . ARG A 1 62  ? 7.987   0.435   12.692  1.00 17.05 ? 58  ARG B CA  1 
ATOM   455  C C   . ARG A 1 62  ? 7.673   1.929   12.744  1.00 16.96 ? 58  ARG B C   1 
ATOM   456  O O   . ARG A 1 62  ? 7.590   2.521   13.829  1.00 17.50 ? 58  ARG B O   1 
ATOM   457  C CB  . ARG A 1 62  ? 8.326   -0.083  14.094  1.00 17.03 ? 58  ARG B CB  1 
ATOM   458  C CG  . ARG A 1 62  ? 8.453   -1.590  14.183  1.00 17.89 ? 58  ARG B CG  1 
ATOM   459  C CD  . ARG A 1 62  ? 8.885   -2.026  15.571  1.00 17.70 ? 58  ARG B CD  1 
ATOM   460  N NE  . ARG A 1 62  ? 7.892   -1.706  16.597  1.00 19.27 ? 58  ARG B NE  1 
ATOM   461  C CZ  . ARG A 1 62  ? 6.856   -2.478  16.919  1.00 19.31 ? 58  ARG B CZ  1 
ATOM   462  N NH1 . ARG A 1 62  ? 6.648   -3.628  16.286  1.00 19.28 ? 58  ARG B NH1 1 
ATOM   463  N NH2 . ARG A 1 62  ? 6.018   -2.091  17.874  1.00 18.87 ? 58  ARG B NH2 1 
ATOM   464  N N   . ARG A 1 63  ? 7.495   2.528   11.571  1.00 16.74 ? 59  ARG B N   1 
ATOM   465  C CA  . ARG A 1 63  ? 7.226   3.958   11.461  1.00 16.44 ? 59  ARG B CA  1 
ATOM   466  C C   . ARG A 1 63  ? 5.808   4.299   11.871  1.00 16.18 ? 59  ARG B C   1 
ATOM   467  O O   . ARG A 1 63  ? 4.878   3.528   11.639  1.00 15.93 ? 59  ARG B O   1 
ATOM   468  C CB  . ARG A 1 63  ? 7.430   4.436   10.026  1.00 16.37 ? 59  ARG B CB  1 
ATOM   469  C CG  . ARG A 1 63  ? 8.866   4.549   9.599   1.00 16.49 ? 59  ARG B CG  1 
ATOM   470  C CD  . ARG A 1 63  ? 8.970   5.160   8.220   1.00 16.05 ? 59  ARG B CD  1 
ATOM   471  N NE  . ARG A 1 63  ? 10.368  5.279   7.820   1.00 16.95 ? 59  ARG B NE  1 
ATOM   472  C CZ  . ARG A 1 63  ? 11.044  4.336   7.172   1.00 17.45 ? 59  ARG B CZ  1 
ATOM   473  N NH1 . ARG A 1 63  ? 10.446  3.205   6.821   1.00 17.18 ? 59  ARG B NH1 1 
ATOM   474  N NH2 . ARG A 1 63  ? 12.317  4.534   6.860   1.00 17.55 ? 59  ARG B NH2 1 
ATOM   475  N N   . THR A 1 64  ? 5.652   5.465   12.484  1.00 15.83 ? 60  THR B N   1 
ATOM   476  C CA  . THR A 1 64  ? 4.342   6.073   12.605  1.00 15.76 ? 60  THR B CA  1 
ATOM   477  C C   . THR A 1 64  ? 4.251   7.109   11.490  1.00 15.68 ? 60  THR B C   1 
ATOM   478  O O   . THR A 1 64  ? 5.099   8.007   11.374  1.00 15.58 ? 60  THR B O   1 
ATOM   479  C CB  . THR A 1 64  ? 4.102   6.655   14.008  1.00 15.54 ? 60  THR B CB  1 
ATOM   480  O OG1 . THR A 1 64  ? 4.243   5.606   14.973  1.00 16.28 ? 60  THR B OG1 1 
ATOM   481  C CG2 . THR A 1 64  ? 2.705   7.217   14.120  1.00 15.47 ? 60  THR B CG2 1 
ATOM   482  N N   . VAL A 1 65  ? 3.243   6.940   10.642  1.00 15.72 ? 61  VAL B N   1 
ATOM   483  C CA  . VAL A 1 65  ? 3.096   7.753   9.438   1.00 15.81 ? 61  VAL B CA  1 
ATOM   484  C C   . VAL A 1 65  ? 1.741   8.463   9.421   1.00 15.95 ? 61  VAL B C   1 
ATOM   485  O O   . VAL A 1 65  ? 0.758   7.954   9.961   1.00 16.05 ? 61  VAL B O   1 
ATOM   486  C CB  . VAL A 1 65  ? 3.287   6.906   8.143   1.00 15.83 ? 61  VAL B CB  1 
ATOM   487  C CG1 . VAL A 1 65  ? 4.654   6.229   8.134   1.00 15.87 ? 61  VAL B CG1 1 
ATOM   488  C CG2 . VAL A 1 65  ? 2.177   5.862   7.975   1.00 16.02 ? 61  VAL B CG2 1 
ATOM   489  N N   . THR A 1 66  ? 1.707   9.644   8.808   1.00 15.72 ? 62  THR B N   1 
ATOM   490  C CA  . THR A 1 66  ? 0.476   10.410  8.666   1.00 15.58 ? 62  THR B CA  1 
ATOM   491  C C   . THR A 1 66  ? 0.221   10.665  7.183   1.00 15.53 ? 62  THR B C   1 
ATOM   492  O O   . THR A 1 66  ? 1.144   11.018  6.439   1.00 15.58 ? 62  THR B O   1 
ATOM   493  C CB  . THR A 1 66  ? 0.537   11.722  9.488   1.00 15.77 ? 62  THR B CB  1 
ATOM   494  O OG1 . THR A 1 66  ? 0.702   11.396  10.876  1.00 15.09 ? 62  THR B OG1 1 
ATOM   495  C CG2 . THR A 1 66  ? -0.739  12.550  9.324   1.00 15.56 ? 62  THR B CG2 1 
ATOM   496  N N   . TYR A 1 67  ? -1.022  10.457  6.757   1.00 15.35 ? 63  TYR B N   1 
ATOM   497  C CA  . TYR A 1 67  ? -1.389  10.610  5.352   1.00 15.28 ? 63  TYR B CA  1 
ATOM   498  C C   . TYR A 1 67  ? -2.704  11.368  5.161   1.00 15.55 ? 63  TYR B C   1 
ATOM   499  O O   . TYR A 1 67  ? -3.539  11.454  6.070   1.00 15.63 ? 63  TYR B O   1 
ATOM   500  C CB  . TYR A 1 67  ? -1.473  9.236   4.665   1.00 14.87 ? 63  TYR B CB  1 
ATOM   501  C CG  . TYR A 1 67  ? -2.746  8.492   4.996   1.00 14.76 ? 63  TYR B CG  1 
ATOM   502  C CD1 . TYR A 1 67  ? -3.873  8.605   4.179   1.00 14.30 ? 63  TYR B CD1 1 
ATOM   503  C CD2 . TYR A 1 67  ? -2.837  7.698   6.143   1.00 14.20 ? 63  TYR B CD2 1 
ATOM   504  C CE1 . TYR A 1 67  ? -5.054  7.943   4.487   1.00 14.26 ? 63  TYR B CE1 1 
ATOM   505  C CE2 . TYR A 1 67  ? -4.018  7.031   6.459   1.00 14.35 ? 63  TYR B CE2 1 
ATOM   506  C CZ  . TYR A 1 67  ? -5.123  7.166   5.628   1.00 14.17 ? 63  TYR B CZ  1 
ATOM   507  O OH  . TYR A 1 67  ? -6.295  6.517   5.927   1.00 14.08 ? 63  TYR B OH  1 
ATOM   508  N N   . ASN A 1 68  ? -2.879  11.894  3.955   1.00 15.45 ? 64  ASN B N   1 
ATOM   509  C CA  . ASN A 1 68  ? -4.134  12.488  3.525   1.00 15.79 ? 64  ASN B CA  1 
ATOM   510  C C   . ASN A 1 68  ? -4.378  12.099  2.077   1.00 15.69 ? 64  ASN B C   1 
ATOM   511  O O   . ASN A 1 68  ? -3.469  12.186  1.251   1.00 15.71 ? 64  ASN B O   1 
ATOM   512  C CB  . ASN A 1 68  ? -4.097  14.010  3.670   1.00 15.88 ? 64  ASN B CB  1 
ATOM   513  C CG  . ASN A 1 68  ? -5.426  14.660  3.327   1.00 16.83 ? 64  ASN B CG  1 
ATOM   514  O OD1 . ASN A 1 68  ? -6.495  14.135  3.645   1.00 17.49 ? 64  ASN B OD1 1 
ATOM   515  N ND2 . ASN A 1 68  ? -5.364  15.812  2.674   1.00 18.03 ? 64  ASN B ND2 1 
ATOM   516  N N   . ALA A 1 69  ? -5.595  11.658  1.772   1.00 15.78 ? 65  ALA B N   1 
ATOM   517  C CA  . ALA A 1 69  ? -5.877  11.123  0.445   1.00 16.09 ? 65  ALA B CA  1 
ATOM   518  C C   . ALA A 1 69  ? -7.243  11.484  -0.132  1.00 16.37 ? 65  ALA B C   1 
ATOM   519  O O   . ALA A 1 69  ? -8.225  11.670  0.593   1.00 16.21 ? 65  ALA B O   1 
ATOM   520  C CB  . ALA A 1 69  ? -5.670  9.606   0.428   1.00 16.08 ? 65  ALA B CB  1 
ATOM   521  N N   . SER A 1 70  ? -7.268  11.605  -1.456  1.00 16.57 ? 66  SER B N   1 
ATOM   522  C CA  . SER A 1 70  ? -8.493  11.566  -2.234  1.00 17.04 ? 66  SER B CA  1 
ATOM   523  C C   . SER A 1 70  ? -8.443  10.228  -2.963  1.00 16.92 ? 66  SER B C   1 
ATOM   524  O O   . SER A 1 70  ? -7.462  9.935   -3.642  1.00 16.95 ? 66  SER B O   1 
ATOM   525  C CB  . SER A 1 70  ? -8.534  12.732  -3.229  1.00 17.18 ? 66  SER B CB  1 
ATOM   526  O OG  . SER A 1 70  ? -9.715  12.694  -4.012  1.00 19.52 ? 66  SER B OG  1 
ATOM   527  N N   . PHE A 1 71  ? -9.486  9.417   -2.797  1.00 16.48 ? 67  PHE B N   1 
ATOM   528  C CA  . PHE A 1 71  ? -9.499  8.039   -3.299  1.00 16.51 ? 67  PHE B CA  1 
ATOM   529  C C   . PHE A 1 71  ? -10.810 7.747   -4.033  1.00 16.63 ? 67  PHE B C   1 
ATOM   530  O O   . PHE A 1 71  ? -11.879 7.706   -3.424  1.00 16.59 ? 67  PHE B O   1 
ATOM   531  C CB  . PHE A 1 71  ? -9.276  7.071   -2.124  1.00 16.23 ? 67  PHE B CB  1 
ATOM   532  C CG  . PHE A 1 71  ? -9.272  5.615   -2.505  1.00 15.92 ? 67  PHE B CG  1 
ATOM   533  C CD1 . PHE A 1 71  ? -8.345  5.112   -3.416  1.00 15.36 ? 67  PHE B CD1 1 
ATOM   534  C CD2 . PHE A 1 71  ? -10.176 4.734   -1.916  1.00 16.73 ? 67  PHE B CD2 1 
ATOM   535  C CE1 . PHE A 1 71  ? -8.333  3.759   -3.749  1.00 15.44 ? 67  PHE B CE1 1 
ATOM   536  C CE2 . PHE A 1 71  ? -10.173 3.378   -2.244  1.00 15.85 ? 67  PHE B CE2 1 
ATOM   537  C CZ  . PHE A 1 71  ? -9.251  2.892   -3.159  1.00 15.92 ? 67  PHE B CZ  1 
ATOM   538  N N   . ASN A 1 72  ? -10.725 7.548   -5.347  1.00 16.82 ? 68  ASN B N   1 
ATOM   539  C CA  . ASN A 1 72  ? -11.926 7.457   -6.176  1.00 17.08 ? 68  ASN B CA  1 
ATOM   540  C C   . ASN A 1 72  ? -11.970 6.249   -7.125  1.00 16.98 ? 68  ASN B C   1 
ATOM   541  O O   . ASN A 1 72  ? -11.869 6.417   -8.345  1.00 16.75 ? 68  ASN B O   1 
ATOM   542  C CB  . ASN A 1 72  ? -12.123 8.772   -6.948  1.00 17.35 ? 68  ASN B CB  1 
ATOM   543  C CG  . ASN A 1 72  ? -12.244 9.967   -6.025  1.00 18.48 ? 68  ASN B CG  1 
ATOM   544  O OD1 . ASN A 1 72  ? -13.275 10.168  -5.385  1.00 19.65 ? 68  ASN B OD1 1 
ATOM   545  N ND2 . ASN A 1 72  ? -11.178 10.762  -5.940  1.00 20.21 ? 68  ASN B ND2 1 
ATOM   546  N N   . PRO A 1 73  ? -12.127 5.028   -6.571  1.00 16.62 ? 69  PRO B N   1 
ATOM   547  C CA  . PRO A 1 73  ? -12.246 3.829   -7.409  1.00 16.74 ? 69  PRO B CA  1 
ATOM   548  C C   . PRO A 1 73  ? -13.645 3.599   -7.996  1.00 16.63 ? 69  PRO B C   1 
ATOM   549  O O   . PRO A 1 73  ? -14.651 3.916   -7.353  1.00 16.26 ? 69  PRO B O   1 
ATOM   550  C CB  . PRO A 1 73  ? -11.911 2.698   -6.435  1.00 16.45 ? 69  PRO B CB  1 
ATOM   551  C CG  . PRO A 1 73  ? -12.407 3.191   -5.126  1.00 16.47 ? 69  PRO B CG  1 
ATOM   552  C CD  . PRO A 1 73  ? -12.171 4.690   -5.132  1.00 16.81 ? 69  PRO B CD  1 
ATOM   553  N N   . SER A 1 74  ? -13.698 3.038   -9.203  1.00 17.02 ? 70  SER B N   1 
ATOM   554  C CA  . SER A 1 74  ? -14.969 2.597   -9.798  1.00 17.55 ? 70  SER B CA  1 
ATOM   555  C C   . SER A 1 74  ? -15.132 1.071   -9.713  1.00 17.59 ? 70  SER B C   1 
ATOM   556  O O   . SER A 1 74  ? -16.216 0.522   -9.977  1.00 18.49 ? 70  SER B O   1 
ATOM   557  C CB  . SER A 1 74  ? -15.121 3.106   -11.244 1.00 17.72 ? 70  SER B CB  1 
ATOM   558  O OG  . SER A 1 74  ? -14.525 2.232   -12.196 1.00 18.95 ? 70  SER B OG  1 
ATOM   559  N N   . GLY A 1 75  ? -14.054 0.398   -9.325  1.00 17.26 ? 71  GLY B N   1 
ATOM   560  C CA  . GLY A 1 75  ? -14.036 -1.051  -9.172  1.00 16.43 ? 71  GLY B CA  1 
ATOM   561  C C   . GLY A 1 75  ? -13.181 -1.491  -8.003  1.00 16.05 ? 71  GLY B C   1 
ATOM   562  O O   . GLY A 1 75  ? -13.243 -0.903  -6.917  1.00 15.85 ? 71  GLY B O   1 
ATOM   563  N N   . ILE A 1 76  ? -12.375 -2.527  -8.232  1.00 15.66 ? 72  ILE B N   1 
ATOM   564  C CA  . ILE A 1 76  ? -11.546 -3.125  -7.183  1.00 15.18 ? 72  ILE B CA  1 
ATOM   565  C C   . ILE A 1 76  ? -10.219 -2.381  -7.044  1.00 15.00 ? 72  ILE B C   1 
ATOM   566  O O   . ILE A 1 76  ? -9.318  -2.519  -7.873  1.00 15.21 ? 72  ILE B O   1 
ATOM   567  C CB  . ILE A 1 76  ? -11.293 -4.639  -7.436  1.00 15.37 ? 72  ILE B CB  1 
ATOM   568  C CG1 . ILE A 1 76  ? -12.630 -5.388  -7.571  1.00 14.92 ? 72  ILE B CG1 1 
ATOM   569  C CG2 . ILE A 1 76  ? -10.404 -5.233  -6.324  1.00 14.80 ? 72  ILE B CG2 1 
ATOM   570  C CD1 . ILE A 1 76  ? -12.513 -6.820  -8.089  1.00 15.33 ? 72  ILE B CD1 1 
ATOM   571  N N   . ALA A 1 77  ? -10.125 -1.576  -5.993  1.00 14.39 ? 73  ALA B N   1 
ATOM   572  C CA  . ALA A 1 77  ? -8.914  -0.830  -5.685  1.00 14.35 ? 73  ALA B CA  1 
ATOM   573  C C   . ALA A 1 77  ? -8.815  -0.661  -4.175  1.00 14.19 ? 73  ALA B C   1 
ATOM   574  O O   . ALA A 1 77  ? -9.825  -0.759  -3.468  1.00 14.02 ? 73  ALA B O   1 
ATOM   575  C CB  . ALA A 1 77  ? -8.929  0.527   -6.382  1.00 14.14 ? 73  ALA B CB  1 
ATOM   576  N N   . TYR A 1 78  ? -7.601  -0.426  -3.690  1.00 14.16 ? 74  TYR B N   1 
ATOM   577  C CA  . TYR A 1 78  ? -7.359  -0.203  -2.271  1.00 14.54 ? 74  TYR B CA  1 
ATOM   578  C C   . TYR A 1 78  ? -6.507  1.030   -2.043  1.00 14.51 ? 74  TYR B C   1 
ATOM   579  O O   . TYR A 1 78  ? -5.626  1.349   -2.849  1.00 14.45 ? 74  TYR B O   1 
ATOM   580  C CB  . TYR A 1 78  ? -6.611  -1.386  -1.645  1.00 15.08 ? 74  TYR B CB  1 
ATOM   581  C CG  . TYR A 1 78  ? -7.131  -2.758  -1.994  1.00 15.83 ? 74  TYR B CG  1 
ATOM   582  C CD1 . TYR A 1 78  ? -6.298  -3.701  -2.592  1.00 17.61 ? 74  TYR B CD1 1 
ATOM   583  C CD2 . TYR A 1 78  ? -8.446  -3.124  -1.707  1.00 16.32 ? 74  TYR B CD2 1 
ATOM   584  C CE1 . TYR A 1 78  ? -6.765  -4.971  -2.903  1.00 17.10 ? 74  TYR B CE1 1 
ATOM   585  C CE2 . TYR A 1 78  ? -8.922  -4.384  -2.020  1.00 17.12 ? 74  TYR B CE2 1 
ATOM   586  C CZ  . TYR A 1 78  ? -8.077  -5.305  -2.614  1.00 17.16 ? 74  TYR B CZ  1 
ATOM   587  O OH  . TYR A 1 78  ? -8.542  -6.560  -2.922  1.00 16.95 ? 74  TYR B OH  1 
ATOM   588  N N   . LEU A 1 79  ? -6.760  1.699   -0.923  1.00 14.39 ? 75  LEU B N   1 
ATOM   589  C CA  . LEU A 1 79  ? -5.861  2.713   -0.402  1.00 14.66 ? 75  LEU B CA  1 
ATOM   590  C C   . LEU A 1 79  ? -5.212  2.053   0.807   1.00 14.37 ? 75  LEU B C   1 
ATOM   591  O O   . LEU A 1 79  ? -5.907  1.658   1.745   1.00 13.97 ? 75  LEU B O   1 
ATOM   592  C CB  . LEU A 1 79  ? -6.645  3.961   0.013   1.00 14.71 ? 75  LEU B CB  1 
ATOM   593  C CG  . LEU A 1 79  ? -5.889  5.078   0.738   1.00 15.20 ? 75  LEU B CG  1 
ATOM   594  C CD1 . LEU A 1 79  ? -4.875  5.747   -0.191  1.00 14.85 ? 75  LEU B CD1 1 
ATOM   595  C CD2 . LEU A 1 79  ? -6.877  6.095   1.301   1.00 15.29 ? 75  LEU B CD2 1 
ATOM   596  N N   . THR A 1 80  ? -3.889  1.912   0.780   1.00 14.17 ? 76  THR B N   1 
ATOM   597  C CA  . THR A 1 80  ? -3.223  1.006   1.715   1.00 14.57 ? 76  THR B CA  1 
ATOM   598  C C   . THR A 1 80  ? -1.748  1.313   1.961   1.00 14.94 ? 76  THR B C   1 
ATOM   599  O O   . THR A 1 80  ? -1.002  1.638   1.028   1.00 14.71 ? 76  THR B O   1 
ATOM   600  C CB  . THR A 1 80  ? -3.373  -0.481  1.255   1.00 14.75 ? 76  THR B CB  1 
ATOM   601  O OG1 . THR A 1 80  ? -2.723  -1.356  2.187   1.00 15.06 ? 76  THR B OG1 1 
ATOM   602  C CG2 . THR A 1 80  ? -2.781  -0.698  -0.146  1.00 14.44 ? 76  THR B CG2 1 
ATOM   603  N N   . LEU A 1 81  ? -1.341  1.205   3.223   1.00 15.06 ? 77  LEU B N   1 
ATOM   604  C CA  . LEU A 1 81  ? 0.075   1.154   3.554   1.00 15.71 ? 77  LEU B CA  1 
ATOM   605  C C   . LEU A 1 81  ? 0.529   -0.257  3.204   1.00 16.18 ? 77  LEU B C   1 
ATOM   606  O O   . LEU A 1 81  ? 0.086   -1.230  3.818   1.00 16.70 ? 77  LEU B O   1 
ATOM   607  C CB  . LEU A 1 81  ? 0.314   1.486   5.037   1.00 15.62 ? 77  LEU B CB  1 
ATOM   608  C CG  . LEU A 1 81  ? 1.728   1.850   5.512   1.00 15.84 ? 77  LEU B CG  1 
ATOM   609  C CD1 . LEU A 1 81  ? 2.698   0.665   5.449   1.00 14.79 ? 77  LEU B CD1 1 
ATOM   610  C CD2 . LEU A 1 81  ? 2.286   3.064   4.756   1.00 15.67 ? 77  LEU B CD2 1 
ATOM   611  N N   . TYR A 1 82  ? 1.408   -0.342  2.207   1.00 16.46 ? 78  TYR B N   1 
ATOM   612  C CA  . TYR A 1 82  ? 1.775   -1.582  1.533   1.00 16.73 ? 78  TYR B CA  1 
ATOM   613  C C   . TYR A 1 82  ? 3.285   -1.775  1.597   1.00 16.08 ? 78  TYR B C   1 
ATOM   614  O O   . TYR A 1 82  ? 4.052   -0.821  1.415   1.00 15.72 ? 78  TYR B O   1 
ATOM   615  C CB  . TYR A 1 82  ? 1.282   -1.496  0.081   1.00 18.04 ? 78  TYR B CB  1 
ATOM   616  C CG  . TYR A 1 82  ? 1.840   -2.489  -0.918  1.00 19.34 ? 78  TYR B CG  1 
ATOM   617  C CD1 . TYR A 1 82  ? 2.722   -2.069  -1.916  1.00 21.92 ? 78  TYR B CD1 1 
ATOM   618  C CD2 . TYR A 1 82  ? 1.450   -3.829  -0.906  1.00 21.29 ? 78  TYR B CD2 1 
ATOM   619  C CE1 . TYR A 1 82  ? 3.226   -2.962  -2.864  1.00 22.01 ? 78  TYR B CE1 1 
ATOM   620  C CE2 . TYR A 1 82  ? 1.953   -4.736  -1.851  1.00 21.92 ? 78  TYR B CE2 1 
ATOM   621  C CZ  . TYR A 1 82  ? 2.842   -4.286  -2.825  1.00 21.71 ? 78  TYR B CZ  1 
ATOM   622  O OH  . TYR A 1 82  ? 3.347   -5.155  -3.768  1.00 22.32 ? 78  TYR B OH  1 
ATOM   623  N N   . GLY A 1 83  ? 3.714   -3.004  1.868   1.00 15.54 ? 79  GLY B N   1 
ATOM   624  C CA  . GLY A 1 83  ? 5.144   -3.276  2.009   1.00 15.03 ? 79  GLY B CA  1 
ATOM   625  C C   . GLY A 1 83  ? 5.548   -4.717  1.777   1.00 14.99 ? 79  GLY B C   1 
ATOM   626  O O   . GLY A 1 83  ? 4.698   -5.601  1.635   1.00 14.78 ? 79  GLY B O   1 
ATOM   627  N N   . TRP A 1 84  ? 6.860   -4.937  1.750   1.00 14.77 ? 80  TRP B N   1 
ATOM   628  C CA  . TRP A 1 84  ? 7.443   -6.252  1.516   1.00 14.96 ? 80  TRP B CA  1 
ATOM   629  C C   . TRP A 1 84  ? 8.475   -6.586  2.587   1.00 14.95 ? 80  TRP B C   1 
ATOM   630  O O   . TRP A 1 84  ? 9.121   -5.697  3.148   1.00 14.76 ? 80  TRP B O   1 
ATOM   631  C CB  . TRP A 1 84  ? 8.149   -6.297  0.161   1.00 15.28 ? 80  TRP B CB  1 
ATOM   632  C CG  . TRP A 1 84  ? 7.263   -6.351  -1.039  1.00 15.04 ? 80  TRP B CG  1 
ATOM   633  C CD1 . TRP A 1 84  ? 6.881   -5.297  -1.823  1.00 15.55 ? 80  TRP B CD1 1 
ATOM   634  C CD2 . TRP A 1 84  ? 6.669   -7.520  -1.622  1.00 15.49 ? 80  TRP B CD2 1 
ATOM   635  N NE1 . TRP A 1 84  ? 6.080   -5.736  -2.851  1.00 15.58 ? 80  TRP B NE1 1 
ATOM   636  C CE2 . TRP A 1 84  ? 5.931   -7.095  -2.750  1.00 15.20 ? 80  TRP B CE2 1 
ATOM   637  C CE3 . TRP A 1 84  ? 6.682   -8.884  -1.295  1.00 15.16 ? 80  TRP B CE3 1 
ATOM   638  C CZ2 . TRP A 1 84  ? 5.214   -7.987  -3.559  1.00 15.84 ? 80  TRP B CZ2 1 
ATOM   639  C CZ3 . TRP A 1 84  ? 5.968   -9.773  -2.102  1.00 15.49 ? 80  TRP B CZ3 1 
ATOM   640  C CH2 . TRP A 1 84  ? 5.240   -9.316  -3.219  1.00 15.24 ? 80  TRP B CH2 1 
ATOM   641  N N   . THR A 1 85  ? 8.616   -7.880  2.865   1.00 14.80 ? 81  THR B N   1 
ATOM   642  C CA  . THR A 1 85  ? 9.765   -8.385  3.601   1.00 14.64 ? 81  THR B CA  1 
ATOM   643  C C   . THR A 1 85  ? 10.399  -9.530  2.820   1.00 14.97 ? 81  THR B C   1 
ATOM   644  O O   . THR A 1 85  ? 9.780   -10.093 1.911   1.00 14.78 ? 81  THR B O   1 
ATOM   645  C CB  . THR A 1 85  ? 9.413   -8.852  5.041   1.00 14.76 ? 81  THR B CB  1 
ATOM   646  O OG1 . THR A 1 85  ? 8.623   -10.046 4.999   1.00 14.11 ? 81  THR B OG1 1 
ATOM   647  C CG2 . THR A 1 85  ? 8.674   -7.767  5.812   1.00 14.18 ? 81  THR B CG2 1 
ATOM   648  N N   . ARG A 1 86  ? 11.644  -9.840  3.167   1.00 15.17 ? 82  ARG B N   1 
ATOM   649  C CA  . ARG A 1 86  ? 12.349  -10.995 2.635   1.00 15.97 ? 82  ARG B CA  1 
ATOM   650  C C   . ARG A 1 86  ? 12.740  -11.895 3.795   1.00 15.95 ? 82  ARG B C   1 
ATOM   651  O O   . ARG A 1 86  ? 12.911  -11.421 4.922   1.00 15.97 ? 82  ARG B O   1 
ATOM   652  C CB  . ARG A 1 86  ? 13.606  -10.556 1.883   1.00 16.14 ? 82  ARG B CB  1 
ATOM   653  C CG  . ARG A 1 86  ? 13.336  -9.823  0.584   1.00 18.04 ? 82  ARG B CG  1 
ATOM   654  C CD  . ARG A 1 86  ? 14.639  -9.550  -0.156  1.00 21.57 ? 82  ARG B CD  1 
ATOM   655  N NE  . ARG A 1 86  ? 14.392  -8.947  -1.462  1.00 24.71 ? 82  ARG B NE  1 
ATOM   656  C CZ  . ARG A 1 86  ? 15.167  -9.110  -2.532  1.00 26.29 ? 82  ARG B CZ  1 
ATOM   657  N NH1 . ARG A 1 86  ? 16.257  -9.865  -2.468  1.00 27.79 ? 82  ARG B NH1 1 
ATOM   658  N NH2 . ARG A 1 86  ? 14.846  -8.512  -3.672  1.00 27.42 ? 82  ARG B NH2 1 
ATOM   659  N N   . ASN A 1 87  ? 12.884  -13.188 3.513   1.00 16.31 ? 83  ASN B N   1 
ATOM   660  C CA  . ASN A 1 87  ? 13.323  -14.176 4.511   1.00 16.80 ? 83  ASN B CA  1 
ATOM   661  C C   . ASN A 1 87  ? 12.536  -14.131 5.832   1.00 16.50 ? 83  ASN B C   1 
ATOM   662  O O   . ASN A 1 87  ? 13.109  -13.808 6.881   1.00 16.33 ? 83  ASN B O   1 
ATOM   663  C CB  . ASN A 1 87  ? 14.821  -14.012 4.794   1.00 17.10 ? 83  ASN B CB  1 
ATOM   664  C CG  . ASN A 1 87  ? 15.702  -14.458 3.638   1.00 18.62 ? 83  ASN B CG  1 
ATOM   665  O OD1 . ASN A 1 87  ? 15.223  -14.785 2.548   1.00 20.42 ? 83  ASN B OD1 1 
ATOM   666  N ND2 . ASN A 1 87  ? 17.013  -14.480 3.879   1.00 19.66 ? 83  ASN B ND2 1 
ATOM   667  N N   . PRO A 1 88  ? 11.230  -14.473 5.796   1.00 16.36 ? 84  PRO B N   1 
ATOM   668  C CA  . PRO A 1 88  ? 10.471  -14.950 4.636   1.00 16.28 ? 84  PRO B CA  1 
ATOM   669  C C   . PRO A 1 88  ? 9.935   -13.834 3.726   1.00 16.09 ? 84  PRO B C   1 
ATOM   670  O O   . PRO A 1 88  ? 9.778   -12.688 4.164   1.00 16.12 ? 84  PRO B O   1 
ATOM   671  C CB  . PRO A 1 88  ? 9.310   -15.705 5.284   1.00 16.21 ? 84  PRO B CB  1 
ATOM   672  C CG  . PRO A 1 88  ? 9.053   -14.953 6.543   1.00 16.29 ? 84  PRO B CG  1 
ATOM   673  C CD  . PRO A 1 88  ? 10.386  -14.418 7.006   1.00 16.33 ? 84  PRO B CD  1 
ATOM   674  N N   . LEU A 1 89  ? 9.677   -14.183 2.466   1.00 15.97 ? 85  LEU B N   1 
ATOM   675  C CA  . LEU A 1 89  ? 9.032   -13.277 1.520   1.00 15.77 ? 85  LEU B CA  1 
ATOM   676  C C   . LEU A 1 89  ? 7.565   -13.082 1.895   1.00 15.68 ? 85  LEU B C   1 
ATOM   677  O O   . LEU A 1 89  ? 6.768   -14.021 1.840   1.00 15.97 ? 85  LEU B O   1 
ATOM   678  C CB  . LEU A 1 89  ? 9.153   -13.807 0.086   1.00 15.81 ? 85  LEU B CB  1 
ATOM   679  C CG  . LEU A 1 89  ? 8.511   -12.980 -1.038  1.00 15.91 ? 85  LEU B CG  1 
ATOM   680  C CD1 . LEU A 1 89  ? 9.211   -11.635 -1.241  1.00 16.68 ? 85  LEU B CD1 1 
ATOM   681  C CD2 . LEU A 1 89  ? 8.500   -13.777 -2.330  1.00 15.85 ? 85  LEU B CD2 1 
ATOM   682  N N   . VAL A 1 90  ? 7.222   -11.858 2.286   1.00 15.47 ? 86  VAL B N   1 
ATOM   683  C CA  . VAL A 1 90  ? 5.861   -11.524 2.706   1.00 15.34 ? 86  VAL B CA  1 
ATOM   684  C C   . VAL A 1 90  ? 5.470   -10.166 2.129   1.00 15.11 ? 86  VAL B C   1 
ATOM   685  O O   . VAL A 1 90  ? 6.280   -9.233  2.109   1.00 15.27 ? 86  VAL B O   1 
ATOM   686  C CB  . VAL A 1 90  ? 5.717   -11.497 4.261   1.00 15.02 ? 86  VAL B CB  1 
ATOM   687  C CG1 . VAL A 1 90  ? 4.304   -11.088 4.683   1.00 15.30 ? 86  VAL B CG1 1 
ATOM   688  C CG2 . VAL A 1 90  ? 6.079   -12.846 4.881   1.00 15.27 ? 86  VAL B CG2 1 
ATOM   689  N N   . SER A 1 91  ? 4.239   -10.075 1.637   1.00 15.13 ? 87  SER B N   1 
ATOM   690  C CA  . SER A 1 91  ? 3.634   -8.794  1.297   1.00 15.35 ? 87  SER B CA  1 
ATOM   691  C C   . SER A 1 91  ? 2.586   -8.481  2.360   1.00 15.19 ? 87  SER B C   1 
ATOM   692  O O   . SER A 1 91  ? 1.801   -9.352  2.742   1.00 15.03 ? 87  SER B O   1 
ATOM   693  C CB  . SER A 1 91  ? 2.998   -8.839  -0.093  1.00 15.57 ? 87  SER B CB  1 
ATOM   694  O OG  . SER A 1 91  ? 2.342   -7.615  -0.389  1.00 17.99 ? 87  SER B OG  1 
ATOM   695  N N   . TYR A 1 92  ? 2.594   -7.250  2.858   1.00 14.71 ? 88  TYR B N   1 
ATOM   696  C CA  . TYR A 1 92  ? 1.615   -6.841  3.863   1.00 14.81 ? 88  TYR B CA  1 
ATOM   697  C C   . TYR A 1 92  ? 0.867   -5.587  3.435   1.00 14.62 ? 88  TYR B C   1 
ATOM   698  O O   . TYR A 1 92  ? 1.430   -4.718  2.758   1.00 14.42 ? 88  TYR B O   1 
ATOM   699  C CB  . TYR A 1 92  ? 2.268   -6.662  5.244   1.00 14.66 ? 88  TYR B CB  1 
ATOM   700  C CG  . TYR A 1 92  ? 3.260   -5.518  5.339   1.00 14.63 ? 88  TYR B CG  1 
ATOM   701  C CD1 . TYR A 1 92  ? 4.631   -5.746  5.198   1.00 14.49 ? 88  TYR B CD1 1 
ATOM   702  C CD2 . TYR A 1 92  ? 2.830   -4.210  5.575   1.00 14.27 ? 88  TYR B CD2 1 
ATOM   703  C CE1 . TYR A 1 92  ? 5.550   -4.696  5.285   1.00 14.41 ? 88  TYR B CE1 1 
ATOM   704  C CE2 . TYR A 1 92  ? 3.736   -3.152  5.662   1.00 14.79 ? 88  TYR B CE2 1 
ATOM   705  C CZ  . TYR A 1 92  ? 5.091   -3.402  5.518   1.00 15.15 ? 88  TYR B CZ  1 
ATOM   706  O OH  . TYR A 1 92  ? 5.978   -2.360  5.600   1.00 14.35 ? 88  TYR B OH  1 
ATOM   707  N N   . LEU A 1 93  ? -0.402  -5.508  3.828   1.00 14.67 ? 89  LEU B N   1 
ATOM   708  C CA  . LEU A 1 93  ? -1.268  -4.386  3.479   1.00 14.71 ? 89  LEU B CA  1 
ATOM   709  C C   . LEU A 1 93  ? -2.087  -3.953  4.687   1.00 14.65 ? 89  LEU B C   1 
ATOM   710  O O   . LEU A 1 93  ? -2.843  -4.751  5.258   1.00 14.98 ? 89  LEU B O   1 
ATOM   711  C CB  . LEU A 1 93  ? -2.212  -4.737  2.316   1.00 15.06 ? 89  LEU B CB  1 
ATOM   712  C CG  . LEU A 1 93  ? -1.658  -4.901  0.895   1.00 15.38 ? 89  LEU B CG  1 
ATOM   713  C CD1 . LEU A 1 93  ? -1.127  -6.306  0.670   1.00 17.39 ? 89  LEU B CD1 1 
ATOM   714  C CD2 . LEU A 1 93  ? -2.740  -4.594  -0.132  1.00 14.91 ? 89  LEU B CD2 1 
ATOM   715  N N   . ILE A 1 94  ? -1.907  -2.694  5.082   1.00 14.09 ? 90  ILE B N   1 
ATOM   716  C CA  . ILE A 1 94  ? -2.790  -2.043  6.050   1.00 13.85 ? 90  ILE B CA  1 
ATOM   717  C C   . ILE A 1 94  ? -3.796  -1.234  5.236   1.00 13.72 ? 90  ILE B C   1 
ATOM   718  O O   . ILE A 1 94  ? -3.463  -0.173  4.698   1.00 13.53 ? 90  ILE B O   1 
ATOM   719  C CB  . ILE A 1 94  ? -2.007  -1.149  7.043   1.00 13.85 ? 90  ILE B CB  1 
ATOM   720  C CG1 . ILE A 1 94  ? -1.000  -1.993  7.832   1.00 14.39 ? 90  ILE B CG1 1 
ATOM   721  C CG2 . ILE A 1 94  ? -2.966  -0.413  7.994   1.00 13.54 ? 90  ILE B CG2 1 
ATOM   722  C CD1 . ILE A 1 94  ? 0.088   -1.183  8.529   1.00 14.41 ? 90  ILE B CD1 1 
ATOM   723  N N   . VAL A 1 95  ? -5.015  -1.760  5.134   1.00 13.50 ? 91  VAL B N   1 
ATOM   724  C CA  . VAL A 1 95  ? -6.026  -1.229  4.217   1.00 13.89 ? 91  VAL B CA  1 
ATOM   725  C C   . VAL A 1 95  ? -6.936  -0.194  4.889   1.00 13.90 ? 91  VAL B C   1 
ATOM   726  O O   . VAL A 1 95  ? -7.711  -0.520  5.801   1.00 13.95 ? 91  VAL B O   1 
ATOM   727  C CB  . VAL A 1 95  ? -6.863  -2.373  3.568   1.00 13.79 ? 91  VAL B CB  1 
ATOM   728  C CG1 . VAL A 1 95  ? -7.899  -1.814  2.590   1.00 13.79 ? 91  VAL B CG1 1 
ATOM   729  C CG2 . VAL A 1 95  ? -5.942  -3.378  2.868   1.00 13.97 ? 91  VAL B CG2 1 
ATOM   730  N N   . GLU A 1 96  ? -6.841  1.045   4.410   1.00 13.78 ? 92  GLU B N   1 
ATOM   731  C CA  . GLU A 1 96  ? -7.591  2.174   4.959   1.00 13.67 ? 92  GLU B CA  1 
ATOM   732  C C   . GLU A 1 96  ? -8.921  2.374   4.245   1.00 13.76 ? 92  GLU B C   1 
ATOM   733  O O   . GLU A 1 96  ? -9.914  2.754   4.868   1.00 13.68 ? 92  GLU B O   1 
ATOM   734  C CB  . GLU A 1 96  ? -6.755  3.454   4.860   1.00 13.62 ? 92  GLU B CB  1 
ATOM   735  C CG  . GLU A 1 96  ? -5.473  3.393   5.673   1.00 13.44 ? 92  GLU B CG  1 
ATOM   736  C CD  . GLU A 1 96  ? -5.755  3.395   7.160   1.00 13.32 ? 92  GLU B CD  1 
ATOM   737  O OE1 . GLU A 1 96  ? -5.669  2.319   7.788   1.00 14.32 ? 92  GLU B OE1 1 
ATOM   738  O OE2 . GLU A 1 96  ? -6.102  4.469   7.691   1.00 13.50 ? 92  GLU B OE2 1 
ATOM   739  N N   . SER A 1 97  ? -8.924  2.140   2.935   1.00 13.89 ? 93  SER B N   1 
ATOM   740  C CA  . SER A 1 97  ? -10.147 2.229   2.137   1.00 14.26 ? 93  SER B CA  1 
ATOM   741  C C   . SER A 1 97  ? -10.092 1.247   0.973   1.00 14.35 ? 93  SER B C   1 
ATOM   742  O O   . SER A 1 97  ? -9.016  0.758   0.598   1.00 14.66 ? 93  SER B O   1 
ATOM   743  C CB  . SER A 1 97  ? -10.384 3.658   1.638   1.00 14.21 ? 93  SER B CB  1 
ATOM   744  O OG  . SER A 1 97  ? -11.705 3.807   1.129   1.00 14.99 ? 93  SER B OG  1 
ATOM   745  N N   . TRP A 1 98  ? -11.265 0.951   0.425   1.00 14.22 ? 94  TRP B N   1 
ATOM   746  C CA  . TRP A 1 98  ? -11.411 -0.012  -0.660  1.00 14.15 ? 94  TRP B CA  1 
ATOM   747  C C   . TRP A 1 98  ? -12.568 0.399   -1.569  1.00 14.05 ? 94  TRP B C   1 
ATOM   748  O O   . TRP A 1 98  ? -13.328 1.330   -1.251  1.00 13.75 ? 94  TRP B O   1 
ATOM   749  C CB  . TRP A 1 98  ? -11.624 -1.424  -0.099  1.00 13.99 ? 94  TRP B CB  1 
ATOM   750  C CG  . TRP A 1 98  ? -12.822 -1.546  0.807   1.00 13.64 ? 94  TRP B CG  1 
ATOM   751  C CD1 . TRP A 1 98  ? -14.099 -1.886  0.443   1.00 13.88 ? 94  TRP B CD1 1 
ATOM   752  C CD2 . TRP A 1 98  ? -12.857 -1.313  2.222   1.00 13.36 ? 94  TRP B CD2 1 
ATOM   753  N NE1 . TRP A 1 98  ? -14.924 -1.886  1.547   1.00 13.94 ? 94  TRP B NE1 1 
ATOM   754  C CE2 . TRP A 1 98  ? -14.186 -1.545  2.652   1.00 13.74 ? 94  TRP B CE2 1 
ATOM   755  C CE3 . TRP A 1 98  ? -11.892 -0.943  3.172   1.00 13.28 ? 94  TRP B CE3 1 
ATOM   756  C CZ2 . TRP A 1 98  ? -14.581 -1.400  3.987   1.00 13.94 ? 94  TRP B CZ2 1 
ATOM   757  C CZ3 . TRP A 1 98  ? -12.282 -0.807  4.501   1.00 14.02 ? 94  TRP B CZ3 1 
ATOM   758  C CH2 . TRP A 1 98  ? -13.616 -1.040  4.896   1.00 13.83 ? 94  TRP B CH2 1 
ATOM   759  N N   . GLY A 1 99  ? -12.694 -0.286  -2.700  1.00 14.23 ? 95  GLY B N   1 
ATOM   760  C CA  . GLY A 1 99  ? -13.751 -0.004  -3.664  1.00 14.16 ? 95  GLY B CA  1 
ATOM   761  C C   . GLY A 1 99  ? -14.888 -1.004  -3.599  1.00 14.12 ? 95  GLY B C   1 
ATOM   762  O O   . GLY A 1 99  ? -15.552 -1.141  -2.568  1.00 14.36 ? 95  GLY B O   1 
ATOM   763  N N   . THR A 1 100 ? -15.097 -1.716  -4.702  1.00 13.78 ? 96  THR B N   1 
ATOM   764  C CA  . THR A 1 100 ? -16.199 -2.672  -4.828  1.00 13.94 ? 96  THR B CA  1 
ATOM   765  C C   . THR A 1 100 ? -15.916 -4.013  -4.140  1.00 13.96 ? 96  THR B C   1 
ATOM   766  O O   . THR A 1 100 ? -16.815 -4.849  -4.011  1.00 14.46 ? 96  THR B O   1 
ATOM   767  C CB  . THR A 1 100 ? -16.532 -2.945  -6.306  1.00 13.79 ? 96  THR B CB  1 
ATOM   768  O OG1 . THR A 1 100 ? -15.336 -3.321  -6.999  1.00 13.66 ? 96  THR B OG1 1 
ATOM   769  C CG2 . THR A 1 100 ? -17.152 -1.709  -6.971  1.00 13.79 ? 96  THR B CG2 1 
ATOM   770  N N   . TYR A 1 101 ? -14.673 -4.222  -3.714  1.00 13.74 ? 97  TYR B N   1 
ATOM   771  C CA  . TYR A 1 101 ? -14.297 -5.462  -3.033  1.00 13.81 ? 97  TYR B CA  1 
ATOM   772  C C   . TYR A 1 101 ? -13.512 -5.206  -1.750  1.00 13.79 ? 97  TYR B C   1 
ATOM   773  O O   . TYR A 1 101 ? -12.431 -4.617  -1.782  1.00 13.55 ? 97  TYR B O   1 
ATOM   774  C CB  . TYR A 1 101 ? -13.504 -6.381  -3.967  1.00 14.49 ? 97  TYR B CB  1 
ATOM   775  C CG  . TYR A 1 101 ? -12.914 -7.598  -3.283  1.00 14.93 ? 97  TYR B CG  1 
ATOM   776  C CD1 . TYR A 1 101 ? -13.706 -8.710  -2.997  1.00 16.48 ? 97  TYR B CD1 1 
ATOM   777  C CD2 . TYR A 1 101 ? -11.563 -7.636  -2.920  1.00 14.91 ? 97  TYR B CD2 1 
ATOM   778  C CE1 . TYR A 1 101 ? -13.172 -9.833  -2.367  1.00 16.57 ? 97  TYR B CE1 1 
ATOM   779  C CE2 . TYR A 1 101 ? -11.018 -8.754  -2.289  1.00 16.17 ? 97  TYR B CE2 1 
ATOM   780  C CZ  . TYR A 1 101 ? -11.831 -9.848  -2.016  1.00 16.09 ? 97  TYR B CZ  1 
ATOM   781  O OH  . TYR A 1 101 ? -11.304 -10.958 -1.395  1.00 16.93 ? 97  TYR B OH  1 
ATOM   782  N N   . ARG A 1 102 ? -14.062 -5.658  -0.628  1.00 13.69 ? 98  ARG B N   1 
ATOM   783  C CA  . ARG A 1 102 ? -13.349 -5.610  0.645   1.00 13.71 ? 98  ARG B CA  1 
ATOM   784  C C   . ARG A 1 102 ? -12.509 -6.882  0.807   1.00 13.83 ? 98  ARG B C   1 
ATOM   785  O O   . ARG A 1 102 ? -13.035 -7.991  0.670   1.00 14.20 ? 98  ARG B O   1 
ATOM   786  C CB  . ARG A 1 102 ? -14.326 -5.455  1.812   1.00 13.50 ? 98  ARG B CB  1 
ATOM   787  C CG  . ARG A 1 102 ? -13.633 -5.114  3.124   1.00 12.97 ? 98  ARG B CG  1 
ATOM   788  C CD  . ARG A 1 102 ? -14.603 -5.006  4.289   1.00 13.69 ? 98  ARG B CD  1 
ATOM   789  N NE  . ARG A 1 102 ? -13.936 -4.449  5.465   1.00 14.25 ? 98  ARG B NE  1 
ATOM   790  C CZ  . ARG A 1 102 ? -13.467 -5.167  6.487   1.00 14.36 ? 98  ARG B CZ  1 
ATOM   791  N NH1 . ARG A 1 102 ? -13.592 -6.487  6.501   1.00 14.28 ? 98  ARG B NH1 1 
ATOM   792  N NH2 . ARG A 1 102 ? -12.877 -4.555  7.506   1.00 13.74 ? 98  ARG B NH2 1 
ATOM   793  N N   . PRO A 1 103 ? -11.197 -6.731  1.073   1.00 14.16 ? 99  PRO B N   1 
ATOM   794  C CA  . PRO A 1 103 ? -10.340 -7.904  1.261   1.00 14.10 ? 99  PRO B CA  1 
ATOM   795  C C   . PRO A 1 103 ? -10.824 -8.820  2.375   1.00 14.17 ? 99  PRO B C   1 
ATOM   796  O O   . PRO A 1 103 ? -11.315 -8.354  3.406   1.00 14.29 ? 99  PRO B O   1 
ATOM   797  C CB  . PRO A 1 103 ? -8.985  -7.301  1.645   1.00 14.16 ? 99  PRO B CB  1 
ATOM   798  C CG  . PRO A 1 103 ? -9.014  -5.928  1.113   1.00 14.13 ? 99  PRO B CG  1 
ATOM   799  C CD  . PRO A 1 103 ? -10.437 -5.474  1.191   1.00 13.69 ? 99  PRO B CD  1 
ATOM   800  N N   . THR A 1 104 ? -10.698 -10.119 2.139   1.00 14.49 ? 100 THR B N   1 
ATOM   801  C CA  . THR A 1 104 ? -10.989 -11.125 3.146   1.00 14.58 ? 100 THR B CA  1 
ATOM   802  C C   . THR A 1 104 ? -10.018 -12.291 2.988   1.00 14.57 ? 100 THR B C   1 
ATOM   803  O O   . THR A 1 104 ? -9.252  -12.363 2.017   1.00 14.66 ? 100 THR B O   1 
ATOM   804  C CB  . THR A 1 104 ? -12.465 -11.611 3.086   1.00 14.58 ? 100 THR B CB  1 
ATOM   805  O OG1 . THR A 1 104 ? -12.765 -12.398 4.250   1.00 14.71 ? 100 THR B OG1 1 
ATOM   806  C CG2 . THR A 1 104 ? -12.737 -12.436 1.820   1.00 14.39 ? 100 THR B CG2 1 
ATOM   807  N N   . GLY A 1 105 ? -10.048 -13.198 3.951   1.00 14.39 ? 101 GLY B N   1 
ATOM   808  C CA  . GLY A 1 105 ? -9.176  -14.354 3.936   1.00 14.33 ? 101 GLY B CA  1 
ATOM   809  C C   . GLY A 1 105 ? -9.298  -15.079 5.252   1.00 14.21 ? 101 GLY B C   1 
ATOM   810  O O   . GLY A 1 105 ? -10.339 -15.012 5.908   1.00 14.25 ? 101 GLY B O   1 
ATOM   811  N N   . THR A 1 106 ? -8.230  -15.769 5.638   1.00 14.03 ? 102 THR B N   1 
ATOM   812  C CA  . THR A 1 106 ? -8.215  -16.491 6.904   1.00 14.10 ? 102 THR B CA  1 
ATOM   813  C C   . THR A 1 106 ? -8.137  -15.478 8.041   1.00 14.02 ? 102 THR B C   1 
ATOM   814  O O   . THR A 1 106 ? -7.121  -14.803 8.217   1.00 14.09 ? 102 THR B O   1 
ATOM   815  C CB  . THR A 1 106 ? -7.056  -17.505 6.967   1.00 14.12 ? 102 THR B CB  1 
ATOM   816  O OG1 . THR A 1 106 ? -7.114  -18.366 5.822   1.00 13.96 ? 102 THR B OG1 1 
ATOM   817  C CG2 . THR A 1 106 ? -7.146  -18.342 8.235   1.00 14.02 ? 102 THR B CG2 1 
ATOM   818  N N   . TYR A 1 107 ? -9.230  -15.379 8.794   1.00 13.97 ? 103 TYR B N   1 
ATOM   819  C CA  . TYR A 1 107 ? -9.390  -14.373 9.846   1.00 13.82 ? 103 TYR B CA  1 
ATOM   820  C C   . TYR A 1 107 ? -8.633  -14.745 11.118  1.00 13.86 ? 103 TYR B C   1 
ATOM   821  O O   . TYR A 1 107 ? -8.779  -15.853 11.646  1.00 13.40 ? 103 TYR B O   1 
ATOM   822  C CB  . TYR A 1 107 ? -10.880 -14.182 10.137  1.00 13.89 ? 103 TYR B CB  1 
ATOM   823  C CG  . TYR A 1 107 ? -11.233 -13.265 11.289  1.00 13.40 ? 103 TYR B CG  1 
ATOM   824  C CD1 . TYR A 1 107 ? -10.944 -11.898 11.239  1.00 13.39 ? 103 TYR B CD1 1 
ATOM   825  C CD2 . TYR A 1 107 ? -11.897 -13.758 12.411  1.00 13.73 ? 103 TYR B CD2 1 
ATOM   826  C CE1 . TYR A 1 107 ? -11.287 -11.047 12.300  1.00 12.89 ? 103 TYR B CE1 1 
ATOM   827  C CE2 . TYR A 1 107 ? -12.249 -12.919 13.474  1.00 13.23 ? 103 TYR B CE2 1 
ATOM   828  C CZ  . TYR A 1 107 ? -11.939 -11.566 13.409  1.00 14.03 ? 103 TYR B CZ  1 
ATOM   829  O OH  . TYR A 1 107 ? -12.285 -10.734 14.452  1.00 13.79 ? 103 TYR B OH  1 
ATOM   830  N N   . LYS A 1 108 ? -7.826  -13.811 11.608  1.00 14.00 ? 104 LYS B N   1 
ATOM   831  C CA  . LYS A 1 108 ? -7.007  -14.059 12.793  1.00 14.39 ? 104 LYS B CA  1 
ATOM   832  C C   . LYS A 1 108 ? -7.183  -13.015 13.899  1.00 14.53 ? 104 LYS B C   1 
ATOM   833  O O   . LYS A 1 108 ? -6.283  -12.798 14.718  1.00 14.99 ? 104 LYS B O   1 
ATOM   834  C CB  . LYS A 1 108 ? -5.536  -14.267 12.397  1.00 14.39 ? 104 LYS B CB  1 
ATOM   835  C CG  . LYS A 1 108 ? -5.365  -15.486 11.491  1.00 14.55 ? 104 LYS B CG  1 
ATOM   836  C CD  . LYS A 1 108 ? -3.929  -15.871 11.224  1.00 14.63 ? 104 LYS B CD  1 
ATOM   837  C CE  . LYS A 1 108 ? -3.913  -17.038 10.242  1.00 15.01 ? 104 LYS B CE  1 
ATOM   838  N NZ  . LYS A 1 108 ? -2.547  -17.561 9.981   1.00 15.83 ? 104 LYS B NZ  1 
ATOM   839  N N   . GLY A 1 109 ? -8.359  -12.392 13.927  1.00 14.41 ? 105 GLY B N   1 
ATOM   840  C CA  . GLY A 1 109 ? -8.730  -11.469 15.002  1.00 14.41 ? 105 GLY B CA  1 
ATOM   841  C C   . GLY A 1 109 ? -8.670  -10.005 14.609  1.00 14.49 ? 105 GLY B C   1 
ATOM   842  O O   . GLY A 1 109 ? -8.685  -9.663  13.426  1.00 14.40 ? 105 GLY B O   1 
ATOM   843  N N   . THR A 1 110 ? -8.618  -9.133  15.612  1.00 14.56 ? 106 THR B N   1 
ATOM   844  C CA  . THR A 1 110 ? -8.601  -7.693  15.367  1.00 14.70 ? 106 THR B CA  1 
ATOM   845  C C   . THR A 1 110 ? -7.441  -6.990  16.064  1.00 14.96 ? 106 THR B C   1 
ATOM   846  O O   . THR A 1 110 ? -6.850  -7.517  17.015  1.00 14.81 ? 106 THR B O   1 
ATOM   847  C CB  . THR A 1 110 ? -9.919  -7.006  15.815  1.00 14.79 ? 106 THR B CB  1 
ATOM   848  O OG1 . THR A 1 110 ? -10.099 -7.181  17.226  1.00 15.42 ? 106 THR B OG1 1 
ATOM   849  C CG2 . THR A 1 110 ? -11.131 -7.562  15.059  1.00 14.58 ? 106 THR B CG2 1 
ATOM   850  N N   . VAL A 1 111 ? -7.123  -5.800  15.570  1.00 14.67 ? 107 VAL B N   1 
ATOM   851  C CA  . VAL A 1 111 ? -6.229  -4.885  16.261  1.00 14.86 ? 107 VAL B CA  1 
ATOM   852  C C   . VAL A 1 111 ? -6.894  -3.509  16.291  1.00 14.73 ? 107 VAL B C   1 
ATOM   853  O O   . VAL A 1 111 ? -7.414  -3.034  15.276  1.00 14.47 ? 107 VAL B O   1 
ATOM   854  C CB  . VAL A 1 111 ? -4.800  -4.837  15.628  1.00 14.71 ? 107 VAL B CB  1 
ATOM   855  C CG1 . VAL A 1 111 ? -4.846  -4.525  14.127  1.00 14.92 ? 107 VAL B CG1 1 
ATOM   856  C CG2 . VAL A 1 111 ? -3.896  -3.840  16.374  1.00 14.28 ? 107 VAL B CG2 1 
ATOM   857  N N   . THR A 1 112 ? -6.902  -2.899  17.470  1.00 14.80 ? 108 THR B N   1 
ATOM   858  C CA  . THR A 1 112 ? -7.423  -1.549  17.634  1.00 15.18 ? 108 THR B CA  1 
ATOM   859  C C   . THR A 1 112 ? -6.254  -0.583  17.737  1.00 15.09 ? 108 THR B C   1 
ATOM   860  O O   . THR A 1 112 ? -5.366  -0.738  18.582  1.00 15.16 ? 108 THR B O   1 
ATOM   861  C CB  . THR A 1 112 ? -8.368  -1.428  18.854  1.00 15.17 ? 108 THR B CB  1 
ATOM   862  O OG1 . THR A 1 112 ? -9.423  -2.394  18.733  1.00 15.91 ? 108 THR B OG1 1 
ATOM   863  C CG2 . THR A 1 112 ? -8.980  -0.028  18.944  1.00 15.48 ? 108 THR B CG2 1 
ATOM   864  N N   . THR A 1 113 ? -6.264  0.408   16.856  1.00 15.18 ? 109 THR B N   1 
ATOM   865  C CA  . THR A 1 113 ? -5.154  1.347   16.717  1.00 15.06 ? 109 THR B CA  1 
ATOM   866  C C   . THR A 1 113 ? -5.584  2.535   15.860  1.00 15.21 ? 109 THR B C   1 
ATOM   867  O O   . THR A 1 113 ? -6.325  2.368   14.886  1.00 14.99 ? 109 THR B O   1 
ATOM   868  C CB  . THR A 1 113 ? -3.882  0.647   16.126  1.00 15.10 ? 109 THR B CB  1 
ATOM   869  O OG1 . THR A 1 113 ? -2.798  1.580   16.038  1.00 14.39 ? 109 THR B OG1 1 
ATOM   870  C CG2 . THR A 1 113 ? -4.152  0.027   14.738  1.00 15.36 ? 109 THR B CG2 1 
ATOM   871  N N   . ASP A 1 114 ? -5.131  3.733   16.241  1.00 15.15 ? 110 ASP B N   1 
ATOM   872  C CA  . ASP A 1 114 ? -5.371  4.948   15.457  1.00 15.45 ? 110 ASP B CA  1 
ATOM   873  C C   . ASP A 1 114 ? -6.863  5.243   15.253  1.00 15.66 ? 110 ASP B C   1 
ATOM   874  O O   . ASP A 1 114 ? -7.322  5.466   14.129  1.00 15.69 ? 110 ASP B O   1 
ATOM   875  C CB  . ASP A 1 114 ? -4.633  4.853   14.113  1.00 15.44 ? 110 ASP B CB  1 
ATOM   876  C CG  . ASP A 1 114 ? -3.173  4.461   14.280  1.00 15.73 ? 110 ASP B CG  1 
ATOM   877  O OD1 . ASP A 1 114 ? -2.417  5.262   14.865  1.00 16.27 ? 110 ASP B OD1 1 
ATOM   878  O OD2 . ASP A 1 114 ? -2.787  3.354   13.841  1.00 15.88 ? 110 ASP B OD2 1 
ATOM   879  N N   . GLY A 1 115 ? -7.612  5.201   16.355  1.00 15.84 ? 111 GLY B N   1 
ATOM   880  C CA  . GLY A 1 115 ? -9.023  5.585   16.367  1.00 16.04 ? 111 GLY B CA  1 
ATOM   881  C C   . GLY A 1 115 ? -9.981  4.603   15.707  1.00 16.15 ? 111 GLY B C   1 
ATOM   882  O O   . GLY A 1 115 ? -11.152 4.920   15.503  1.00 16.19 ? 111 GLY B O   1 
ATOM   883  N N   . GLY A 1 116 ? -9.488  3.416   15.367  1.00 16.00 ? 112 GLY B N   1 
ATOM   884  C CA  . GLY A 1 116 ? -10.324 2.406   14.725  1.00 15.90 ? 112 GLY B CA  1 
ATOM   885  C C   . GLY A 1 116 ? -9.889  0.986   15.009  1.00 15.69 ? 112 GLY B C   1 
ATOM   886  O O   . GLY A 1 116 ? -8.883  0.752   15.677  1.00 15.80 ? 112 GLY B O   1 
ATOM   887  N N   . THR A 1 117 ? -10.669 0.037   14.496  1.00 15.49 ? 113 THR B N   1 
ATOM   888  C CA  . THR A 1 117 ? -10.394 -1.379  14.661  1.00 15.07 ? 113 THR B CA  1 
ATOM   889  C C   . THR A 1 117 ? -10.193 -2.000  13.276  1.00 14.81 ? 113 THR B C   1 
ATOM   890  O O   . THR A 1 117 ? -10.902 -1.659  12.327  1.00 15.04 ? 113 THR B O   1 
ATOM   891  C CB  . THR A 1 117 ? -11.541 -2.070  15.443  1.00 15.40 ? 113 THR B CB  1 
ATOM   892  O OG1 . THR A 1 117 ? -11.690 -1.431  16.720  1.00 15.47 ? 113 THR B OG1 1 
ATOM   893  C CG2 . THR A 1 117 ? -11.256 -3.548  15.663  1.00 15.26 ? 113 THR B CG2 1 
ATOM   894  N N   . TYR A 1 118 ? -9.209  -2.892  13.173  1.00 14.37 ? 114 TYR B N   1 
ATOM   895  C CA  . TYR A 1 118 ? -8.851  -3.543  11.915  1.00 13.98 ? 114 TYR B CA  1 
ATOM   896  C C   . TYR A 1 118 ? -9.030  -5.054  12.016  1.00 13.94 ? 114 TYR B C   1 
ATOM   897  O O   . TYR A 1 118 ? -8.612  -5.673  12.993  1.00 13.76 ? 114 TYR B O   1 
ATOM   898  C CB  . TYR A 1 118 ? -7.392  -3.251  11.551  1.00 14.13 ? 114 TYR B CB  1 
ATOM   899  C CG  . TYR A 1 118 ? -7.077  -1.808  11.223  1.00 13.91 ? 114 TYR B CG  1 
ATOM   900  C CD1 . TYR A 1 118 ? -6.793  -1.421  9.912   1.00 13.61 ? 114 TYR B CD1 1 
ATOM   901  C CD2 . TYR A 1 118 ? -7.035  -0.837  12.223  1.00 13.57 ? 114 TYR B CD2 1 
ATOM   902  C CE1 . TYR A 1 118 ? -6.500  -0.098  9.602   1.00 13.94 ? 114 TYR B CE1 1 
ATOM   903  C CE2 . TYR A 1 118 ? -6.740  0.492   11.926  1.00 13.33 ? 114 TYR B CE2 1 
ATOM   904  C CZ  . TYR A 1 118 ? -6.472  0.853   10.617  1.00 13.72 ? 114 TYR B CZ  1 
ATOM   905  O OH  . TYR A 1 118 ? -6.176  2.163   10.324  1.00 13.94 ? 114 TYR B OH  1 
ATOM   906  N N   . ASP A 1 119 ? -9.645  -5.641  10.994  1.00 13.56 ? 115 ASP B N   1 
ATOM   907  C CA  . ASP A 1 119 ? -9.708  -7.091  10.866  1.00 13.32 ? 115 ASP B CA  1 
ATOM   908  C C   . ASP A 1 119 ? -8.381  -7.620  10.330  1.00 13.10 ? 115 ASP B C   1 
ATOM   909  O O   . ASP A 1 119 ? -7.801  -7.042  9.410   1.00 12.87 ? 115 ASP B O   1 
ATOM   910  C CB  . ASP A 1 119 ? -10.857 -7.494  9.935   1.00 13.20 ? 115 ASP B CB  1 
ATOM   911  C CG  . ASP A 1 119 ? -12.207 -6.982  10.416  1.00 14.03 ? 115 ASP B CG  1 
ATOM   912  O OD1 . ASP A 1 119 ? -12.522 -7.154  11.614  1.00 14.93 ? 115 ASP B OD1 1 
ATOM   913  O OD2 . ASP A 1 119 ? -12.950 -6.395  9.601   1.00 14.67 ? 115 ASP B OD2 1 
ATOM   914  N N   . ILE A 1 120 ? -7.912  -8.721  10.906  1.00 12.93 ? 116 ILE B N   1 
ATOM   915  C CA  . ILE A 1 120 ? -6.647  -9.327  10.506  1.00 13.01 ? 116 ILE B CA  1 
ATOM   916  C C   . ILE A 1 120 ? -6.904  -10.557 9.646   1.00 13.11 ? 116 ILE B C   1 
ATOM   917  O O   . ILE A 1 120 ? -7.654  -11.458 10.045  1.00 12.82 ? 116 ILE B O   1 
ATOM   918  C CB  . ILE A 1 120 ? -5.765  -9.701  11.731  1.00 13.05 ? 116 ILE B CB  1 
ATOM   919  C CG1 . ILE A 1 120 ? -5.349  -8.449  12.508  1.00 13.37 ? 116 ILE B CG1 1 
ATOM   920  C CG2 . ILE A 1 120 ? -4.520  -10.464 11.288  1.00 12.49 ? 116 ILE B CG2 1 
ATOM   921  C CD1 . ILE A 1 120 ? -4.809  -8.745  13.913  1.00 13.27 ? 116 ILE B CD1 1 
ATOM   922  N N   . TYR A 1 121 ? -6.290  -10.585 8.465   1.00 13.39 ? 117 TYR B N   1 
ATOM   923  C CA  . TYR A 1 121 ? -6.370  -11.751 7.588   1.00 13.83 ? 117 TYR B CA  1 
ATOM   924  C C   . TYR A 1 121 ? -5.000  -12.192 7.078   1.00 14.40 ? 117 TYR B C   1 
ATOM   925  O O   . TYR A 1 121 ? -4.091  -11.369 6.895   1.00 14.18 ? 117 TYR B O   1 
ATOM   926  C CB  . TYR A 1 121 ? -7.276  -11.494 6.372   1.00 14.03 ? 117 TYR B CB  1 
ATOM   927  C CG  . TYR A 1 121 ? -8.611  -10.845 6.657   1.00 13.81 ? 117 TYR B CG  1 
ATOM   928  C CD1 . TYR A 1 121 ? -8.810  -9.490  6.400   1.00 14.09 ? 117 TYR B CD1 1 
ATOM   929  C CD2 . TYR A 1 121 ? -9.680  -11.584 7.161   1.00 14.04 ? 117 TYR B CD2 1 
ATOM   930  C CE1 . TYR A 1 121 ? -10.038 -8.883  6.648   1.00 13.90 ? 117 TYR B CE1 1 
ATOM   931  C CE2 . TYR A 1 121 ? -10.913 -10.984 7.416   1.00 13.56 ? 117 TYR B CE2 1 
ATOM   932  C CZ  . TYR A 1 121 ? -11.084 -9.637  7.153   1.00 14.16 ? 117 TYR B CZ  1 
ATOM   933  O OH  . TYR A 1 121 ? -12.289 -9.028  7.399   1.00 14.13 ? 117 TYR B OH  1 
ATOM   934  N N   . GLU A 1 122 ? -4.869  -13.495 6.840   1.00 15.01 ? 118 GLU B N   1 
ATOM   935  C CA  . GLU A 1 122 ? -3.760  -14.029 6.059   1.00 15.82 ? 118 GLU B CA  1 
ATOM   936  C C   . GLU A 1 122 ? -4.295  -14.689 4.793   1.00 16.09 ? 118 GLU B C   1 
ATOM   937  O O   . GLU A 1 122 ? -5.283  -15.434 4.835   1.00 15.62 ? 118 GLU B O   1 
ATOM   938  C CB  . GLU A 1 122 ? -2.921  -15.032 6.865   1.00 16.03 ? 118 GLU B CB  1 
ATOM   939  C CG  . GLU A 1 122 ? -1.600  -15.407 6.170   1.00 16.51 ? 118 GLU B CG  1 
ATOM   940  C CD  . GLU A 1 122 ? -0.694  -16.311 7.000   1.00 16.71 ? 118 GLU B CD  1 
ATOM   941  O OE1 . GLU A 1 122 ? -0.714  -16.224 8.248   1.00 18.23 ? 118 GLU B OE1 1 
ATOM   942  O OE2 . GLU A 1 122 ? 0.055   -17.107 6.394   1.00 17.82 ? 118 GLU B OE2 1 
ATOM   943  N N   . THR A 1 123 ? -3.640  -14.405 3.670   1.00 16.53 ? 119 THR B N   1 
ATOM   944  C CA  . THR A 1 123 ? -3.895  -15.122 2.417   1.00 17.28 ? 119 THR B CA  1 
ATOM   945  C C   . THR A 1 123 ? -2.572  -15.578 1.796   1.00 18.16 ? 119 THR B C   1 
ATOM   946  O O   . THR A 1 123 ? -1.488  -15.196 2.261   1.00 17.93 ? 119 THR B O   1 
ATOM   947  C CB  . THR A 1 123 ? -4.709  -14.282 1.384   1.00 17.18 ? 119 THR B CB  1 
ATOM   948  O OG1 . THR A 1 123 ? -3.970  -13.115 1.006   1.00 16.71 ? 119 THR B OG1 1 
ATOM   949  C CG2 . THR A 1 123 ? -6.080  -13.867 1.941   1.00 17.33 ? 119 THR B CG2 1 
ATOM   950  N N   . TRP A 1 124 ? -2.672  -16.403 0.759   1.00 19.26 ? 120 TRP B N   1 
ATOM   951  C CA  . TRP A 1 124 ? -1.504  -16.873 0.021   1.00 20.69 ? 120 TRP B CA  1 
ATOM   952  C C   . TRP A 1 124 ? -1.598  -16.478 -1.444  1.00 21.27 ? 120 TRP B C   1 
ATOM   953  O O   . TRP A 1 124 ? -2.687  -16.418 -2.024  1.00 21.31 ? 120 TRP B O   1 
ATOM   954  C CB  . TRP A 1 124 ? -1.343  -18.389 0.148   1.00 21.45 ? 120 TRP B CB  1 
ATOM   955  C CG  . TRP A 1 124 ? -0.643  -18.825 1.403   1.00 22.36 ? 120 TRP B CG  1 
ATOM   956  C CD1 . TRP A 1 124 ? -1.205  -19.004 2.635   1.00 23.27 ? 120 TRP B CD1 1 
ATOM   957  C CD2 . TRP A 1 124 ? 0.749   -19.142 1.547   1.00 23.26 ? 120 TRP B CD2 1 
ATOM   958  N NE1 . TRP A 1 124 ? -0.251  -19.411 3.539   1.00 23.20 ? 120 TRP B NE1 1 
ATOM   959  C CE2 . TRP A 1 124 ? 0.957   -19.509 2.898   1.00 23.44 ? 120 TRP B CE2 1 
ATOM   960  C CE3 . TRP A 1 124 ? 1.842   -19.153 0.668   1.00 23.61 ? 120 TRP B CE3 1 
ATOM   961  C CZ2 . TRP A 1 124 ? 2.214   -19.884 3.393   1.00 22.98 ? 120 TRP B CZ2 1 
ATOM   962  C CZ3 . TRP A 1 124 ? 3.096   -19.527 1.160   1.00 23.36 ? 120 TRP B CZ3 1 
ATOM   963  C CH2 . TRP A 1 124 ? 3.268   -19.883 2.512   1.00 23.00 ? 120 TRP B CH2 1 
ATOM   964  N N   . ARG A 1 125 ? -0.442  -16.203 -2.031  1.00 21.81 ? 121 ARG B N   1 
ATOM   965  C CA  . ARG A 1 125 ? -0.340  -15.865 -3.437  1.00 22.65 ? 121 ARG B CA  1 
ATOM   966  C C   . ARG A 1 125 ? 0.554   -16.913 -4.086  1.00 22.66 ? 121 ARG B C   1 
ATOM   967  O O   . ARG A 1 125 ? 1.630   -17.207 -3.575  1.00 22.64 ? 121 ARG B O   1 
ATOM   968  C CB  . ARG A 1 125 ? 0.269   -14.468 -3.574  1.00 23.00 ? 121 ARG B CB  1 
ATOM   969  C CG  . ARG A 1 125 ? -0.002  -13.783 -4.887  1.00 24.72 ? 121 ARG B CG  1 
ATOM   970  C CD  . ARG A 1 125 ? -1.379  -13.139 -4.941  1.00 27.29 ? 121 ARG B CD  1 
ATOM   971  N NE  . ARG A 1 125 ? -1.665  -12.662 -6.292  1.00 29.73 ? 121 ARG B NE  1 
ATOM   972  C CZ  . ARG A 1 125 ? -1.318  -11.466 -6.761  1.00 30.69 ? 121 ARG B CZ  1 
ATOM   973  N NH1 . ARG A 1 125 ? -0.677  -10.598 -5.986  1.00 31.51 ? 121 ARG B NH1 1 
ATOM   974  N NH2 . ARG A 1 125 ? -1.617  -11.136 -8.010  1.00 32.04 ? 121 ARG B NH2 1 
ATOM   975  N N   . TYR A 1 126 ? 0.095   -17.489 -5.196  1.00 23.00 ? 122 TYR B N   1 
ATOM   976  C CA  . TYR A 1 126 ? 0.791   -18.610 -5.835  1.00 23.27 ? 122 TYR B CA  1 
ATOM   977  C C   . TYR A 1 126 ? 1.420   -18.201 -7.163  1.00 22.98 ? 122 TYR B C   1 
ATOM   978  O O   . TYR A 1 126 ? 0.741   -17.654 -8.035  1.00 22.99 ? 122 TYR B O   1 
ATOM   979  C CB  . TYR A 1 126 ? -0.161  -19.795 -6.046  1.00 23.97 ? 122 TYR B CB  1 
ATOM   980  C CG  . TYR A 1 126 ? -0.851  -20.276 -4.786  1.00 24.98 ? 122 TYR B CG  1 
ATOM   981  C CD1 . TYR A 1 126 ? -2.079  -19.738 -4.392  1.00 25.67 ? 122 TYR B CD1 1 
ATOM   982  C CD2 . TYR A 1 126 ? -0.280  -21.269 -3.988  1.00 25.44 ? 122 TYR B CD2 1 
ATOM   983  C CE1 . TYR A 1 126 ? -2.719  -20.168 -3.236  1.00 25.70 ? 122 TYR B CE1 1 
ATOM   984  C CE2 . TYR A 1 126 ? -0.916  -21.712 -2.828  1.00 25.53 ? 122 TYR B CE2 1 
ATOM   985  C CZ  . TYR A 1 126 ? -2.134  -21.156 -2.461  1.00 25.69 ? 122 TYR B CZ  1 
ATOM   986  O OH  . TYR A 1 126 ? -2.775  -21.579 -1.319  1.00 26.29 ? 122 TYR B OH  1 
ATOM   987  N N   . ASN A 1 127 ? 2.720   -18.466 -7.296  1.00 22.58 ? 123 ASN B N   1 
ATOM   988  C CA  . ASN A 1 127 ? 3.480   -18.175 -8.518  1.00 22.36 ? 123 ASN B CA  1 
ATOM   989  C C   . ASN A 1 127 ? 3.152   -16.802 -9.111  1.00 21.73 ? 123 ASN B C   1 
ATOM   990  O O   . ASN A 1 127 ? 2.804   -16.684 -10.289 1.00 21.74 ? 123 ASN B O   1 
ATOM   991  C CB  . ASN A 1 127 ? 3.271   -19.288 -9.552  1.00 22.80 ? 123 ASN B CB  1 
ATOM   992  C CG  . ASN A 1 127 ? 3.809   -20.626 -9.083  1.00 23.72 ? 123 ASN B CG  1 
ATOM   993  O OD1 . ASN A 1 127 ? 4.961   -20.731 -8.663  1.00 25.12 ? 123 ASN B OD1 1 
ATOM   994  N ND2 . ASN A 1 127 ? 2.979   -21.660 -9.160  1.00 24.85 ? 123 ASN B ND2 1 
ATOM   995  N N   . ALA A 1 128 ? 3.271   -15.771 -8.279  1.00 20.74 ? 124 ALA B N   1 
ATOM   996  C CA  . ALA A 1 128 ? 2.851   -14.418 -8.638  1.00 20.08 ? 124 ALA B CA  1 
ATOM   997  C C   . ALA A 1 128 ? 4.042   -13.456 -8.673  1.00 19.58 ? 124 ALA B C   1 
ATOM   998  O O   . ALA A 1 128 ? 5.095   -13.766 -8.110  1.00 19.30 ? 124 ALA B O   1 
ATOM   999  C CB  . ALA A 1 128 ? 1.807   -13.934 -7.657  1.00 19.91 ? 124 ALA B CB  1 
ATOM   1000 N N   . PRO A 1 129 ? 3.887   -12.291 -9.343  1.00 19.26 ? 125 PRO B N   1 
ATOM   1001 C CA  . PRO A 1 129 ? 4.977   -11.316 -9.357  1.00 19.12 ? 125 PRO B CA  1 
ATOM   1002 C C   . PRO A 1 129 ? 5.309   -10.829 -7.949  1.00 18.96 ? 125 PRO B C   1 
ATOM   1003 O O   . PRO A 1 129 ? 4.409   -10.640 -7.120  1.00 19.08 ? 125 PRO B O   1 
ATOM   1004 C CB  . PRO A 1 129 ? 4.421   -10.168 -10.211 1.00 19.18 ? 125 PRO B CB  1 
ATOM   1005 C CG  . PRO A 1 129 ? 3.333   -10.783 -11.025 1.00 19.10 ? 125 PRO B CG  1 
ATOM   1006 C CD  . PRO A 1 129 ? 2.731   -11.822 -10.130 1.00 19.43 ? 125 PRO B CD  1 
ATOM   1007 N N   . SER A 1 130 ? 6.599   -10.663 -7.683  1.00 18.51 ? 126 SER B N   1 
ATOM   1008 C CA  . SER A 1 130 ? 7.075   -10.234 -6.368  1.00 18.22 ? 126 SER B CA  1 
ATOM   1009 C C   . SER A 1 130 ? 8.410   -9.517  -6.514  1.00 17.95 ? 126 SER B C   1 
ATOM   1010 O O   . SER A 1 130 ? 8.966   -9.446  -7.614  1.00 17.45 ? 126 SER B O   1 
ATOM   1011 C CB  . SER A 1 130 ? 7.223   -11.434 -5.421  1.00 17.99 ? 126 SER B CB  1 
ATOM   1012 O OG  . SER A 1 130 ? 8.421   -12.153 -5.672  1.00 18.68 ? 126 SER B OG  1 
ATOM   1013 N N   . ILE A 1 131 ? 8.921   -9.002  -5.398  1.00 17.77 ? 127 ILE B N   1 
ATOM   1014 C CA  . ILE A 1 131 ? 10.238  -8.368  -5.368  1.00 17.95 ? 127 ILE B CA  1 
ATOM   1015 C C   . ILE A 1 131 ? 11.376  -9.388  -5.541  1.00 18.17 ? 127 ILE B C   1 
ATOM   1016 O O   . ILE A 1 131 ? 12.540  -9.011  -5.668  1.00 18.21 ? 127 ILE B O   1 
ATOM   1017 C CB  . ILE A 1 131 ? 10.446  -7.528  -4.081  1.00 17.80 ? 127 ILE B CB  1 
ATOM   1018 C CG1 . ILE A 1 131 ? 10.324  -8.404  -2.826  1.00 17.83 ? 127 ILE B CG1 1 
ATOM   1019 C CG2 . ILE A 1 131 ? 9.469   -6.348  -4.050  1.00 17.35 ? 127 ILE B CG2 1 
ATOM   1020 C CD1 . ILE A 1 131 ? 11.048  -7.851  -1.608  1.00 18.00 ? 127 ILE B CD1 1 
ATOM   1021 N N   . GLU A 1 132 ? 11.021  -10.673 -5.549  1.00 18.44 ? 128 GLU B N   1 
ATOM   1022 C CA  . GLU A 1 132 ? 11.982  -11.754 -5.778  1.00 19.11 ? 128 GLU B CA  1 
ATOM   1023 C C   . GLU A 1 132 ? 11.715  -12.506 -7.088  1.00 18.85 ? 128 GLU B C   1 
ATOM   1024 O O   . GLU A 1 132 ? 12.305  -13.556 -7.336  1.00 19.19 ? 128 GLU B O   1 
ATOM   1025 C CB  . GLU A 1 132 ? 11.990  -12.733 -4.596  1.00 19.04 ? 128 GLU B CB  1 
ATOM   1026 C CG  . GLU A 1 132 ? 12.592  -12.175 -3.312  1.00 19.89 ? 128 GLU B CG  1 
ATOM   1027 C CD  . GLU A 1 132 ? 12.741  -13.223 -2.210  1.00 20.23 ? 128 GLU B CD  1 
ATOM   1028 O OE1 . GLU A 1 132 ? 12.361  -14.396 -2.418  1.00 22.53 ? 128 GLU B OE1 1 
ATOM   1029 O OE2 . GLU A 1 132 ? 13.250  -12.869 -1.126  1.00 22.12 ? 128 GLU B OE2 1 
ATOM   1030 N N   . GLY A 1 133 ? 10.845  -11.953 -7.933  1.00 18.49 ? 129 GLY B N   1 
ATOM   1031 C CA  . GLY A 1 133 ? 10.440  -12.616 -9.175  1.00 17.74 ? 129 GLY B CA  1 
ATOM   1032 C C   . GLY A 1 133 ? 9.171   -13.419 -8.960  1.00 17.31 ? 129 GLY B C   1 
ATOM   1033 O O   . GLY A 1 133 ? 8.438   -13.171 -8.002  1.00 17.22 ? 129 GLY B O   1 
ATOM   1034 N N   . THR A 1 134 ? 8.906   -14.380 -9.845  1.00 16.78 ? 130 THR B N   1 
ATOM   1035 C CA  . THR A 1 134 ? 7.709   -15.220 -9.726  1.00 16.47 ? 130 THR B CA  1 
ATOM   1036 C C   . THR A 1 134 ? 7.825   -16.133 -8.506  1.00 16.35 ? 130 THR B C   1 
ATOM   1037 O O   . THR A 1 134 ? 8.684   -17.017 -8.456  1.00 15.95 ? 130 THR B O   1 
ATOM   1038 C CB  . THR A 1 134 ? 7.447   -16.051 -11.010 1.00 16.31 ? 130 THR B CB  1 
ATOM   1039 O OG1 . THR A 1 134 ? 7.290   -15.164 -12.124 1.00 16.66 ? 130 THR B OG1 1 
ATOM   1040 C CG2 . THR A 1 134 ? 6.184   -16.887 -10.865 1.00 16.11 ? 130 THR B CG2 1 
ATOM   1041 N N   . ARG A 1 135 ? 6.959   -15.900 -7.521  1.00 16.36 ? 131 ARG B N   1 
ATOM   1042 C CA  . ARG A 1 135 ? 7.047   -16.605 -6.243  1.00 16.57 ? 131 ARG B CA  1 
ATOM   1043 C C   . ARG A 1 135 ? 5.687   -16.912 -5.624  1.00 16.66 ? 131 ARG B C   1 
ATOM   1044 O O   . ARG A 1 135 ? 4.679   -16.274 -5.942  1.00 16.70 ? 131 ARG B O   1 
ATOM   1045 C CB  . ARG A 1 135 ? 7.873   -15.791 -5.233  1.00 16.54 ? 131 ARG B CB  1 
ATOM   1046 C CG  . ARG A 1 135 ? 9.342   -15.565 -5.591  1.00 17.17 ? 131 ARG B CG  1 
ATOM   1047 C CD  . ARG A 1 135 ? 10.184  -16.824 -5.411  1.00 18.41 ? 131 ARG B CD  1 
ATOM   1048 N NE  . ARG A 1 135 ? 11.609  -16.573 -5.633  1.00 19.63 ? 131 ARG B NE  1 
ATOM   1049 C CZ  . ARG A 1 135 ? 12.223  -16.650 -6.813  1.00 20.36 ? 131 ARG B CZ  1 
ATOM   1050 N NH1 . ARG A 1 135 ? 11.547  -16.964 -7.911  1.00 20.57 ? 131 ARG B NH1 1 
ATOM   1051 N NH2 . ARG A 1 135 ? 13.526  -16.405 -6.899  1.00 20.68 ? 131 ARG B NH2 1 
ATOM   1052 N N   . THR A 1 136 ? 5.690   -17.901 -4.734  1.00 16.58 ? 132 THR B N   1 
ATOM   1053 C CA  . THR A 1 136 ? 4.559   -18.195 -3.868  1.00 16.78 ? 132 THR B CA  1 
ATOM   1054 C C   . THR A 1 136 ? 4.901   -17.639 -2.486  1.00 16.84 ? 132 THR B C   1 
ATOM   1055 O O   . THR A 1 136 ? 6.004   -17.864 -1.981  1.00 16.95 ? 132 THR B O   1 
ATOM   1056 C CB  . THR A 1 136 ? 4.294   -19.710 -3.821  1.00 16.78 ? 132 THR B CB  1 
ATOM   1057 O OG1 . THR A 1 136 ? 3.965   -20.167 -5.139  1.00 16.70 ? 132 THR B OG1 1 
ATOM   1058 C CG2 . THR A 1 136 ? 3.151   -20.053 -2.862  1.00 17.20 ? 132 THR B CG2 1 
ATOM   1059 N N   . PHE A 1 137 ? 3.964   -16.905 -1.886  1.00 16.89 ? 133 PHE B N   1 
ATOM   1060 C CA  . PHE A 1 137 ? 4.238   -16.166 -0.652  1.00 16.84 ? 133 PHE B CA  1 
ATOM   1061 C C   . PHE A 1 137 ? 2.976   -15.776 0.121   1.00 16.66 ? 133 PHE B C   1 
ATOM   1062 O O   . PHE A 1 137 ? 1.865   -15.800 -0.419  1.00 16.64 ? 133 PHE B O   1 
ATOM   1063 C CB  . PHE A 1 137 ? 5.077   -14.913 -0.955  1.00 17.23 ? 133 PHE B CB  1 
ATOM   1064 C CG  . PHE A 1 137 ? 4.481   -14.026 -2.015  1.00 17.73 ? 133 PHE B CG  1 
ATOM   1065 C CD1 . PHE A 1 137 ? 4.801   -14.214 -3.360  1.00 17.85 ? 133 PHE B CD1 1 
ATOM   1066 C CD2 . PHE A 1 137 ? 3.591   -13.015 -1.674  1.00 17.81 ? 133 PHE B CD2 1 
ATOM   1067 C CE1 . PHE A 1 137 ? 4.242   -13.401 -4.346  1.00 18.53 ? 133 PHE B CE1 1 
ATOM   1068 C CE2 . PHE A 1 137 ? 3.027   -12.199 -2.651  1.00 18.79 ? 133 PHE B CE2 1 
ATOM   1069 C CZ  . PHE A 1 137 ? 3.353   -12.392 -3.990  1.00 17.99 ? 133 PHE B CZ  1 
ATOM   1070 N N   . GLN A 1 138 ? 3.175   -15.420 1.387   1.00 16.48 ? 134 GLN B N   1 
ATOM   1071 C CA  . GLN A 1 138 ? 2.103   -15.001 2.282   1.00 16.19 ? 134 GLN B CA  1 
ATOM   1072 C C   . GLN A 1 138 ? 1.748   -13.541 2.074   1.00 16.04 ? 134 GLN B C   1 
ATOM   1073 O O   . GLN A 1 138 ? 2.609   -12.718 1.751   1.00 15.84 ? 134 GLN B O   1 
ATOM   1074 C CB  . GLN A 1 138 ? 2.530   -15.174 3.741   1.00 16.10 ? 134 GLN B CB  1 
ATOM   1075 C CG  . GLN A 1 138 ? 2.639   -16.604 4.216   1.00 16.52 ? 134 GLN B CG  1 
ATOM   1076 C CD  . GLN A 1 138 ? 3.515   -16.725 5.445   1.00 16.93 ? 134 GLN B CD  1 
ATOM   1077 O OE1 . GLN A 1 138 ? 4.722   -16.481 5.386   1.00 16.08 ? 134 GLN B OE1 1 
ATOM   1078 N NE2 . GLN A 1 138 ? 2.913   -17.102 6.566   1.00 16.14 ? 134 GLN B NE2 1 
ATOM   1079 N N   . ILE A 1 139 ? 0.471   -13.231 2.272   1.00 15.70 ? 135 ILE B N   1 
ATOM   1080 C CA  . ILE A 1 139 ? 0.007   -11.854 2.359   1.00 15.53 ? 135 ILE B CA  1 
ATOM   1081 C C   . ILE A 1 139 ? -0.630  -11.632 3.737   1.00 15.03 ? 135 ILE B C   1 
ATOM   1082 O O   . ILE A 1 139 ? -1.547  -12.363 4.132   1.00 14.71 ? 135 ILE B O   1 
ATOM   1083 C CB  . ILE A 1 139 ? -0.995  -11.493 1.225   1.00 15.48 ? 135 ILE B CB  1 
ATOM   1084 C CG1 . ILE A 1 139 ? -0.430  -11.872 -0.154  1.00 15.92 ? 135 ILE B CG1 1 
ATOM   1085 C CG2 . ILE A 1 139 ? -1.335  -10.007 1.271   1.00 15.74 ? 135 ILE B CG2 1 
ATOM   1086 C CD1 . ILE A 1 139 ? -1.434  -11.768 -1.298  1.00 16.33 ? 135 ILE B CD1 1 
ATOM   1087 N N   . PHE A 1 140 ? -0.122  -10.638 4.466   1.00 14.44 ? 136 PHE B N   1 
ATOM   1088 C CA  . PHE A 1 140 ? -0.685  -10.248 5.761   1.00 14.14 ? 136 PHE B CA  1 
ATOM   1089 C C   . PHE A 1 140 ? -1.574  -9.019  5.574   1.00 14.20 ? 136 PHE B C   1 
ATOM   1090 O O   . PHE A 1 140 ? -1.144  -8.022  4.986   1.00 13.83 ? 136 PHE B O   1 
ATOM   1091 C CB  . PHE A 1 140 ? 0.411   -9.914  6.786   1.00 13.98 ? 136 PHE B CB  1 
ATOM   1092 C CG  . PHE A 1 140 ? 1.327   -11.066 7.141   1.00 13.94 ? 136 PHE B CG  1 
ATOM   1093 C CD1 . PHE A 1 140 ? 2.498   -10.818 7.860   1.00 14.02 ? 136 PHE B CD1 1 
ATOM   1094 C CD2 . PHE A 1 140 ? 1.043   -12.380 6.757   1.00 13.43 ? 136 PHE B CD2 1 
ATOM   1095 C CE1 . PHE A 1 140 ? 3.366   -11.860 8.205   1.00 14.36 ? 136 PHE B CE1 1 
ATOM   1096 C CE2 . PHE A 1 140 ? 1.906   -13.428 7.090   1.00 13.78 ? 136 PHE B CE2 1 
ATOM   1097 C CZ  . PHE A 1 140 ? 3.068   -13.165 7.818   1.00 14.43 ? 136 PHE B CZ  1 
ATOM   1098 N N   . TRP A 1 141 ? -2.796  -9.084  6.096   1.00 13.99 ? 137 TRP B N   1 
ATOM   1099 C CA  . TRP A 1 141 ? -3.755  -7.982  5.963   1.00 13.89 ? 137 TRP B CA  1 
ATOM   1100 C C   . TRP A 1 141 ? -4.193  -7.392  7.304   1.00 13.76 ? 137 TRP B C   1 
ATOM   1101 O O   . TRP A 1 141 ? -4.432  -8.126  8.267   1.00 13.44 ? 137 TRP B O   1 
ATOM   1102 C CB  . TRP A 1 141 ? -5.026  -8.447  5.247   1.00 13.99 ? 137 TRP B CB  1 
ATOM   1103 C CG  . TRP A 1 141 ? -4.849  -9.100  3.908   1.00 14.05 ? 137 TRP B CG  1 
ATOM   1104 C CD1 . TRP A 1 141 ? -4.515  -10.403 3.665   1.00 14.40 ? 137 TRP B CD1 1 
ATOM   1105 C CD2 . TRP A 1 141 ? -5.059  -8.493  2.625   1.00 14.59 ? 137 TRP B CD2 1 
ATOM   1106 N NE1 . TRP A 1 141 ? -4.489  -10.641 2.308   1.00 13.77 ? 137 TRP B NE1 1 
ATOM   1107 C CE2 . TRP A 1 141 ? -4.811  -9.485  1.647   1.00 14.45 ? 137 TRP B CE2 1 
ATOM   1108 C CE3 . TRP A 1 141 ? -5.418  -7.204  2.205   1.00 15.45 ? 137 TRP B CE3 1 
ATOM   1109 C CZ2 . TRP A 1 141 ? -4.912  -9.228  0.276   1.00 14.39 ? 137 TRP B CZ2 1 
ATOM   1110 C CZ3 . TRP A 1 141 ? -5.516  -6.949  0.838   1.00 14.31 ? 137 TRP B CZ3 1 
ATOM   1111 C CH2 . TRP A 1 141 ? -5.260  -7.955  -0.106  1.00 14.69 ? 137 TRP B CH2 1 
ATOM   1112 N N   . SER A 1 142 ? -4.303  -6.065  7.349   1.00 13.78 ? 138 SER B N   1 
ATOM   1113 C CA  . SER A 1 142 ? -5.135  -5.369  8.335   1.00 14.08 ? 138 SER B CA  1 
ATOM   1114 C C   . SER A 1 142 ? -6.121  -4.504  7.563   1.00 14.09 ? 138 SER B C   1 
ATOM   1115 O O   . SER A 1 142 ? -5.709  -3.619  6.812   1.00 14.09 ? 138 SER B O   1 
ATOM   1116 C CB  . SER A 1 142 ? -4.300  -4.497  9.272   1.00 14.02 ? 138 SER B CB  1 
ATOM   1117 O OG  . SER A 1 142 ? -3.731  -5.253  10.320  1.00 14.94 ? 138 SER B OG  1 
ATOM   1118 N N   . VAL A 1 143 ? -7.416  -4.768  7.729   1.00 13.92 ? 139 VAL B N   1 
ATOM   1119 C CA  . VAL A 1 143 ? -8.456  -4.050  6.982   1.00 13.98 ? 139 VAL B CA  1 
ATOM   1120 C C   . VAL A 1 143 ? -9.322  -3.270  7.978   1.00 13.98 ? 139 VAL B C   1 
ATOM   1121 O O   . VAL A 1 143 ? -9.965  -3.866  8.839   1.00 13.73 ? 139 VAL B O   1 
ATOM   1122 C CB  . VAL A 1 143 ? -9.338  -5.019  6.128   1.00 14.04 ? 139 VAL B CB  1 
ATOM   1123 C CG1 . VAL A 1 143 ? -10.304 -4.251  5.223   1.00 14.36 ? 139 VAL B CG1 1 
ATOM   1124 C CG2 . VAL A 1 143 ? -8.473  -5.972  5.294   1.00 13.95 ? 139 VAL B CG2 1 
ATOM   1125 N N   . ARG A 1 144 ? -9.329  -1.941  7.866   1.00 14.10 ? 140 ARG B N   1 
ATOM   1126 C CA  . ARG A 1 144 ? -10.096 -1.103  8.794   1.00 14.59 ? 140 ARG B CA  1 
ATOM   1127 C C   . ARG A 1 144 ? -11.588 -1.434  8.690   1.00 14.46 ? 140 ARG B C   1 
ATOM   1128 O O   . ARG A 1 144 ? -12.087 -1.688  7.600   1.00 14.17 ? 140 ARG B O   1 
ATOM   1129 C CB  . ARG A 1 144 ? -9.848  0.377   8.517   1.00 14.58 ? 140 ARG B CB  1 
ATOM   1130 C CG  . ARG A 1 144 ? -10.014 1.271   9.745   1.00 15.37 ? 140 ARG B CG  1 
ATOM   1131 C CD  . ARG A 1 144 ? -9.584  2.697   9.437   1.00 15.71 ? 140 ARG B CD  1 
ATOM   1132 N NE  . ARG A 1 144 ? -10.013 3.654   10.459  1.00 16.60 ? 140 ARG B NE  1 
ATOM   1133 C CZ  . ARG A 1 144 ? -9.267  4.068   11.484  1.00 18.26 ? 140 ARG B CZ  1 
ATOM   1134 N NH1 . ARG A 1 144 ? -8.033  3.608   11.666  1.00 17.59 ? 140 ARG B NH1 1 
ATOM   1135 N NH2 . ARG A 1 144 ? -9.763  4.957   12.338  1.00 18.34 ? 140 ARG B NH2 1 
ATOM   1136 N N   . GLN A 1 145 ? -12.287 -1.450  9.823   1.00 14.98 ? 141 GLN B N   1 
ATOM   1137 C CA  . GLN A 1 145 ? -13.710 -1.826  9.831   1.00 15.63 ? 141 GLN B CA  1 
ATOM   1138 C C   . GLN A 1 145 ? -14.616 -0.749  9.226   1.00 16.06 ? 141 GLN B C   1 
ATOM   1139 O O   . GLN A 1 145 ? -15.734 -1.035  8.793   1.00 16.45 ? 141 GLN B O   1 
ATOM   1140 C CB  . GLN A 1 145 ? -14.174 -2.212  11.238  1.00 15.64 ? 141 GLN B CB  1 
ATOM   1141 C CG  . GLN A 1 145 ? -13.658 -3.584  11.678  1.00 15.62 ? 141 GLN B CG  1 
ATOM   1142 C CD  . GLN A 1 145 ? -13.997 -3.917  13.117  1.00 15.63 ? 141 GLN B CD  1 
ATOM   1143 O OE1 . GLN A 1 145 ? -14.492 -3.075  13.864  1.00 15.11 ? 141 GLN B OE1 1 
ATOM   1144 N NE2 . GLN A 1 145 ? -13.726 -5.157  13.514  1.00 15.39 ? 141 GLN B NE2 1 
ATOM   1145 N N   . GLN A 1 146 ? -14.117 0.483   9.205   1.00 16.29 ? 142 GLN B N   1 
ATOM   1146 C CA  . GLN A 1 146 ? -14.763 1.584   8.499   1.00 16.66 ? 142 GLN B CA  1 
ATOM   1147 C C   . GLN A 1 146 ? -13.717 2.262   7.621   1.00 16.70 ? 142 GLN B C   1 
ATOM   1148 O O   . GLN A 1 146 ? -12.570 2.431   8.040   1.00 16.83 ? 142 GLN B O   1 
ATOM   1149 C CB  . GLN A 1 146 ? -15.352 2.575   9.488   1.00 16.72 ? 142 GLN B CB  1 
ATOM   1150 N N   . LYS A 1 147 ? -14.107 2.640   6.409   1.00 16.64 ? 143 LYS B N   1 
ATOM   1151 C CA  . LYS A 1 147 ? -13.193 3.305   5.480   1.00 16.59 ? 143 LYS B CA  1 
ATOM   1152 C C   . LYS A 1 147 ? -12.776 4.664   6.021   1.00 16.18 ? 143 LYS B C   1 
ATOM   1153 O O   . LYS A 1 147 ? -13.560 5.345   6.688   1.00 16.22 ? 143 LYS B O   1 
ATOM   1154 C CB  . LYS A 1 147 ? -13.843 3.507   4.105   1.00 16.51 ? 143 LYS B CB  1 
ATOM   1155 C CG  . LYS A 1 147 ? -14.295 2.241   3.375   1.00 17.05 ? 143 LYS B CG  1 
ATOM   1156 C CD  . LYS A 1 147 ? -14.986 2.638   2.077   1.00 17.21 ? 143 LYS B CD  1 
ATOM   1157 C CE  . LYS A 1 147 ? -15.496 1.442   1.298   1.00 18.61 ? 143 LYS B CE  1 
ATOM   1158 N NZ  . LYS A 1 147 ? -16.373 1.886   0.174   1.00 19.52 ? 143 LYS B NZ  1 
ATOM   1159 N N   . ARG A 1 148 ? -11.538 5.051   5.741   1.00 15.84 ? 144 ARG B N   1 
ATOM   1160 C CA  . ARG A 1 148 ? -11.118 6.437   5.921   1.00 15.80 ? 144 ARG B CA  1 
ATOM   1161 C C   . ARG A 1 148 ? -10.055 6.801   4.892   1.00 15.57 ? 144 ARG B C   1 
ATOM   1162 O O   . ARG A 1 148 ? -9.400  5.922   4.321   1.00 15.32 ? 144 ARG B O   1 
ATOM   1163 C CB  . ARG A 1 148 ? -10.641 6.718   7.354   1.00 15.83 ? 144 ARG B CB  1 
ATOM   1164 C CG  . ARG A 1 148 ? -9.258  6.210   7.661   1.00 15.77 ? 144 ARG B CG  1 
ATOM   1165 C CD  . ARG A 1 148 ? -8.814  6.582   9.054   1.00 16.28 ? 144 ARG B CD  1 
ATOM   1166 N NE  . ARG A 1 148 ? -7.498  6.010   9.304   1.00 17.07 ? 144 ARG B NE  1 
ATOM   1167 C CZ  . ARG A 1 148 ? -6.711  6.308   10.331  1.00 16.65 ? 144 ARG B CZ  1 
ATOM   1168 N NH1 . ARG A 1 148 ? -7.090  7.193   11.242  1.00 16.37 ? 144 ARG B NH1 1 
ATOM   1169 N NH2 . ARG A 1 148 ? -5.530  5.715   10.433  1.00 16.05 ? 144 ARG B NH2 1 
ATOM   1170 N N   . THR A 1 149 ? -9.903  8.099   4.650   1.00 15.60 ? 145 THR B N   1 
ATOM   1171 C CA  . THR A 1 149 ? -8.957  8.580   3.640   1.00 16.03 ? 145 THR B CA  1 
ATOM   1172 C C   . THR A 1 149 ? -7.937  9.565   4.204   1.00 15.76 ? 145 THR B C   1 
ATOM   1173 O O   . THR A 1 149 ? -7.225  10.230  3.448   1.00 15.76 ? 145 THR B O   1 
ATOM   1174 C CB  . THR A 1 149 ? -9.685  9.215   2.431   1.00 15.99 ? 145 THR B CB  1 
ATOM   1175 O OG1 . THR A 1 149 ? -10.638 10.172  2.897   1.00 16.97 ? 145 THR B OG1 1 
ATOM   1176 C CG2 . THR A 1 149 ? -10.394 8.147   1.590   1.00 16.76 ? 145 THR B CG2 1 
ATOM   1177 N N   . SER A 1 150 ? -7.868  9.661   5.531   1.00 15.87 ? 146 SER B N   1 
ATOM   1178 C CA  . SER A 1 150 ? -6.821  10.449  6.184   1.00 15.96 ? 146 SER B CA  1 
ATOM   1179 C C   . SER A 1 150 ? -6.580  10.003  7.613   1.00 16.05 ? 146 SER B C   1 
ATOM   1180 O O   . SER A 1 150 ? -7.480  9.471   8.281   1.00 16.00 ? 146 SER B O   1 
ATOM   1181 C CB  . SER A 1 150 ? -7.158  11.945  6.164   1.00 16.06 ? 146 SER B CB  1 
ATOM   1182 O OG  . SER A 1 150 ? -8.215  12.234  7.056   1.00 16.55 ? 146 SER B OG  1 
ATOM   1183 N N   . GLY A 1 151 ? -5.357  10.226  8.079   1.00 15.73 ? 147 GLY B N   1 
ATOM   1184 C CA  . GLY A 1 151 ? -5.039  10.011  9.477   1.00 15.65 ? 147 GLY B CA  1 
ATOM   1185 C C   . GLY A 1 151 ? -3.646  9.479   9.695   1.00 15.55 ? 147 GLY B C   1 
ATOM   1186 O O   . GLY A 1 151 ? -2.779  9.572   8.822   1.00 15.49 ? 147 GLY B O   1 
ATOM   1187 N N   . THR A 1 152 ? -3.445  8.921   10.883  1.00 15.31 ? 148 THR B N   1 
ATOM   1188 C CA  . THR A 1 152 ? -2.154  8.416   11.299  1.00 15.10 ? 148 THR B CA  1 
ATOM   1189 C C   . THR A 1 152 ? -2.201  6.896   11.369  1.00 15.06 ? 148 THR B C   1 
ATOM   1190 O O   . THR A 1 152 ? -3.175  6.315   11.849  1.00 15.10 ? 148 THR B O   1 
ATOM   1191 C CB  . THR A 1 152 ? -1.750  9.032   12.661  1.00 15.16 ? 148 THR B CB  1 
ATOM   1192 O OG1 . THR A 1 152 ? -1.609  10.450  12.511  1.00 14.54 ? 148 THR B OG1 1 
ATOM   1193 C CG2 . THR A 1 152 ? -0.442  8.453   13.171  1.00 15.17 ? 148 THR B CG2 1 
ATOM   1194 N N   . ILE A 1 153 ? -1.154  6.260   10.859  1.00 14.96 ? 149 ILE B N   1 
ATOM   1195 C CA  . ILE A 1 153 ? -1.028  4.806   10.933  1.00 14.85 ? 149 ILE B CA  1 
ATOM   1196 C C   . ILE A 1 153 ? 0.187   4.451   11.787  1.00 14.60 ? 149 ILE B C   1 
ATOM   1197 O O   . ILE A 1 153 ? 1.327   4.789   11.445  1.00 14.44 ? 149 ILE B O   1 
ATOM   1198 C CB  . ILE A 1 153 ? -0.917  4.151   9.527   1.00 14.94 ? 149 ILE B CB  1 
ATOM   1199 C CG1 . ILE A 1 153 ? -2.198  4.382   8.713   1.00 15.24 ? 149 ILE B CG1 1 
ATOM   1200 C CG2 . ILE A 1 153 ? -0.649  2.643   9.653   1.00 14.86 ? 149 ILE B CG2 1 
ATOM   1201 C CD1 . ILE A 1 153 ? -2.089  3.976   7.244   1.00 14.77 ? 149 ILE B CD1 1 
ATOM   1202 N N   . THR A 1 154 ? -0.073  3.791   12.910  1.00 14.18 ? 150 THR B N   1 
ATOM   1203 C CA  . THR A 1 154 ? 0.990   3.302   13.782  1.00 13.78 ? 150 THR B CA  1 
ATOM   1204 C C   . THR A 1 154 ? 1.344   1.886   13.335  1.00 13.46 ? 150 THR B C   1 
ATOM   1205 O O   . THR A 1 154 ? 0.810   0.902   13.852  1.00 13.50 ? 150 THR B O   1 
ATOM   1206 C CB  . THR A 1 154 ? 0.574   3.379   15.274  1.00 13.78 ? 150 THR B CB  1 
ATOM   1207 O OG1 . THR A 1 154 ? 0.039   4.684   15.544  1.00 13.59 ? 150 THR B OG1 1 
ATOM   1208 C CG2 . THR A 1 154 ? 1.775   3.139   16.192  1.00 13.24 ? 150 THR B CG2 1 
ATOM   1209 N N   . ILE A 1 155 ? 2.241   1.807   12.351  1.00 13.47 ? 151 ILE B N   1 
ATOM   1210 C CA  . ILE A 1 155 ? 2.605   0.546   11.689  1.00 13.38 ? 151 ILE B CA  1 
ATOM   1211 C C   . ILE A 1 155 ? 3.086   -0.516  12.691  1.00 13.49 ? 151 ILE B C   1 
ATOM   1212 O O   . ILE A 1 155 ? 2.756   -1.695  12.553  1.00 13.59 ? 151 ILE B O   1 
ATOM   1213 C CB  . ILE A 1 155 ? 3.652   0.786   10.556  1.00 13.41 ? 151 ILE B CB  1 
ATOM   1214 C CG1 . ILE A 1 155 ? 3.097   1.769   9.517   1.00 12.80 ? 151 ILE B CG1 1 
ATOM   1215 C CG2 . ILE A 1 155 ? 4.034   -0.513  9.863   1.00 12.87 ? 151 ILE B CG2 1 
ATOM   1216 C CD1 . ILE A 1 155 ? 4.151   2.329   8.548   1.00 13.56 ? 151 ILE B CD1 1 
ATOM   1217 N N   . GLY A 1 156 ? 3.829   -0.081  13.709  1.00 13.41 ? 152 GLY B N   1 
ATOM   1218 C CA  . GLY A 1 156 ? 4.272   -0.961  14.796  1.00 13.51 ? 152 GLY B CA  1 
ATOM   1219 C C   . GLY A 1 156 ? 3.151   -1.767  15.443  1.00 13.28 ? 152 GLY B C   1 
ATOM   1220 O O   . GLY A 1 156 ? 3.339   -2.935  15.783  1.00 13.16 ? 152 GLY B O   1 
ATOM   1221 N N   . ASN A 1 157 ? 1.984   -1.147  15.611  1.00 13.43 ? 153 ASN B N   1 
ATOM   1222 C CA  . ASN A 1 157 ? 0.834   -1.821  16.227  1.00 13.69 ? 153 ASN B CA  1 
ATOM   1223 C C   . ASN A 1 157 ? 0.288   -2.957  15.377  1.00 13.58 ? 153 ASN B C   1 
ATOM   1224 O O   . ASN A 1 157 ? -0.170  -3.977  15.903  1.00 13.37 ? 153 ASN B O   1 
ATOM   1225 C CB  . ASN A 1 157 ? -0.272  -0.819  16.569  1.00 13.92 ? 153 ASN B CB  1 
ATOM   1226 C CG  . ASN A 1 157 ? 0.081   0.059   17.764  1.00 14.47 ? 153 ASN B CG  1 
ATOM   1227 O OD1 . ASN A 1 157 ? 0.978   -0.266  18.547  1.00 15.38 ? 153 ASN B OD1 1 
ATOM   1228 N ND2 . ASN A 1 157 ? -0.624  1.178   17.908  1.00 14.93 ? 153 ASN B ND2 1 
ATOM   1229 N N   . HIS A 1 158 ? 0.340   -2.776  14.060  1.00 13.63 ? 154 HIS B N   1 
ATOM   1230 C CA  . HIS A 1 158 ? -0.061  -3.826  13.129  1.00 13.87 ? 154 HIS B CA  1 
ATOM   1231 C C   . HIS A 1 158 ? 0.945   -4.973  13.125  1.00 13.88 ? 154 HIS B C   1 
ATOM   1232 O O   . HIS A 1 158 ? 0.550   -6.139  13.182  1.00 14.00 ? 154 HIS B O   1 
ATOM   1233 C CB  . HIS A 1 158 ? -0.270  -3.254  11.725  1.00 13.59 ? 154 HIS B CB  1 
ATOM   1234 C CG  . HIS A 1 158 ? -1.408  -2.288  11.643  1.00 14.03 ? 154 HIS B CG  1 
ATOM   1235 N ND1 . HIS A 1 158 ? -2.709  -2.690  11.426  1.00 15.10 ? 154 HIS B ND1 1 
ATOM   1236 C CD2 . HIS A 1 158 ? -1.446  -0.941  11.769  1.00 13.62 ? 154 HIS B CD2 1 
ATOM   1237 C CE1 . HIS A 1 158 ? -3.498  -1.629  11.411  1.00 14.78 ? 154 HIS B CE1 1 
ATOM   1238 N NE2 . HIS A 1 158 ? -2.756  -0.555  11.621  1.00 14.76 ? 154 HIS B NE2 1 
ATOM   1239 N N   . PHE A 1 159 ? 2.235   -4.632  13.082  1.00 13.91 ? 155 PHE B N   1 
ATOM   1240 C CA  . PHE A 1 159 ? 3.315   -5.624  13.145  1.00 14.01 ? 155 PHE B CA  1 
ATOM   1241 C C   . PHE A 1 159 ? 3.187   -6.511  14.390  1.00 14.03 ? 155 PHE B C   1 
ATOM   1242 O O   . PHE A 1 159 ? 3.312   -7.739  14.307  1.00 14.03 ? 155 PHE B O   1 
ATOM   1243 C CB  . PHE A 1 159 ? 4.693   -4.944  13.137  1.00 14.26 ? 155 PHE B CB  1 
ATOM   1244 C CG  . PHE A 1 159 ? 5.091   -4.343  11.805  1.00 14.40 ? 155 PHE B CG  1 
ATOM   1245 C CD1 . PHE A 1 159 ? 6.266   -3.605  11.702  1.00 15.38 ? 155 PHE B CD1 1 
ATOM   1246 C CD2 . PHE A 1 159 ? 4.303   -4.505  10.664  1.00 14.53 ? 155 PHE B CD2 1 
ATOM   1247 C CE1 . PHE A 1 159 ? 6.659   -3.049  10.487  1.00 15.92 ? 155 PHE B CE1 1 
ATOM   1248 C CE2 . PHE A 1 159 ? 4.687   -3.951  9.446   1.00 15.42 ? 155 PHE B CE2 1 
ATOM   1249 C CZ  . PHE A 1 159 ? 5.868   -3.223  9.356   1.00 14.60 ? 155 PHE B CZ  1 
ATOM   1250 N N   . ASP A 1 160 ? 2.916   -5.879  15.532  1.00 13.85 ? 156 ASP B N   1 
ATOM   1251 C CA  . ASP A 1 160 ? 2.794   -6.576  16.815  1.00 14.27 ? 156 ASP B CA  1 
ATOM   1252 C C   . ASP A 1 160 ? 1.576   -7.491  16.877  1.00 14.19 ? 156 ASP B C   1 
ATOM   1253 O O   . ASP A 1 160 ? 1.672   -8.614  17.370  1.00 14.28 ? 156 ASP B O   1 
ATOM   1254 C CB  . ASP A 1 160 ? 2.757   -5.580  17.976  1.00 14.09 ? 156 ASP B CB  1 
ATOM   1255 C CG  . ASP A 1 160 ? 4.087   -4.870  18.193  1.00 14.57 ? 156 ASP B CG  1 
ATOM   1256 O OD1 . ASP A 1 160 ? 5.126   -5.331  17.669  1.00 14.95 ? 156 ASP B OD1 1 
ATOM   1257 O OD2 . ASP A 1 160 ? 4.090   -3.836  18.891  1.00 15.53 ? 156 ASP B OD2 1 
ATOM   1258 N N   . ALA A 1 161 ? 0.437   -6.999  16.391  1.00 14.37 ? 157 ALA B N   1 
ATOM   1259 C CA  . ALA A 1 161 ? -0.794  -7.791  16.333  1.00 14.61 ? 157 ALA B CA  1 
ATOM   1260 C C   . ALA A 1 161 ? -0.656  -9.008  15.415  1.00 14.70 ? 157 ALA B C   1 
ATOM   1261 O O   . ALA A 1 161 ? -1.113  -10.103 15.757  1.00 14.48 ? 157 ALA B O   1 
ATOM   1262 C CB  . ALA A 1 161 ? -1.954  -6.929  15.905  1.00 14.48 ? 157 ALA B CB  1 
ATOM   1263 N N   . TRP A 1 162 ? -0.021  -8.819  14.260  1.00 14.85 ? 158 TRP B N   1 
ATOM   1264 C CA  . TRP A 1 162 ? 0.257   -9.937  13.356  1.00 15.12 ? 158 TRP B CA  1 
ATOM   1265 C C   . TRP A 1 162 ? 1.149   -10.983 14.026  1.00 15.44 ? 158 TRP B C   1 
ATOM   1266 O O   . TRP A 1 162 ? 0.856   -12.180 13.974  1.00 15.30 ? 158 TRP B O   1 
ATOM   1267 C CB  . TRP A 1 162 ? 0.897   -9.466  12.050  1.00 15.29 ? 158 TRP B CB  1 
ATOM   1268 C CG  . TRP A 1 162 ? 0.032   -8.542  11.221  1.00 15.69 ? 158 TRP B CG  1 
ATOM   1269 C CD1 . TRP A 1 162 ? -1.333  -8.443  11.241  1.00 16.00 ? 158 TRP B CD1 1 
ATOM   1270 C CD2 . TRP A 1 162 ? 0.486   -7.614  10.229  1.00 15.44 ? 158 TRP B CD2 1 
ATOM   1271 N NE1 . TRP A 1 162 ? -1.754  -7.494  10.336  1.00 16.26 ? 158 TRP B NE1 1 
ATOM   1272 C CE2 . TRP A 1 162 ? -0.657  -6.970  9.704   1.00 15.24 ? 158 TRP B CE2 1 
ATOM   1273 C CE3 . TRP A 1 162 ? 1.750   -7.254  9.746   1.00 15.20 ? 158 TRP B CE3 1 
ATOM   1274 C CZ2 . TRP A 1 162 ? -0.575  -5.990  8.709   1.00 15.14 ? 158 TRP B CZ2 1 
ATOM   1275 C CZ3 . TRP A 1 162 ? 1.833   -6.274  8.760   1.00 15.79 ? 158 TRP B CZ3 1 
ATOM   1276 C CH2 . TRP A 1 162 ? 0.676   -5.657  8.251   1.00 15.11 ? 158 TRP B CH2 1 
ATOM   1277 N N   . ALA A 1 163 ? 2.224   -10.523 14.665  1.00 15.66 ? 159 ALA B N   1 
ATOM   1278 C CA  . ALA A 1 163 ? 3.144   -11.409 15.377  1.00 16.28 ? 159 ALA B CA  1 
ATOM   1279 C C   . ALA A 1 163 ? 2.403   -12.256 16.422  1.00 16.52 ? 159 ALA B C   1 
ATOM   1280 O O   . ALA A 1 163 ? 2.606   -13.468 16.498  1.00 16.65 ? 159 ALA B O   1 
ATOM   1281 C CB  . ALA A 1 163 ? 4.268   -10.611 16.020  1.00 16.13 ? 159 ALA B CB  1 
ATOM   1282 N N   . ARG A 1 164 ? 1.531   -11.616 17.200  1.00 17.14 ? 160 ARG B N   1 
ATOM   1283 C CA  . ARG A 1 164 ? 0.726   -12.314 18.212  1.00 17.83 ? 160 ARG B CA  1 
ATOM   1284 C C   . ARG A 1 164 ? -0.240  -13.331 17.602  1.00 17.76 ? 160 ARG B C   1 
ATOM   1285 O O   . ARG A 1 164 ? -0.583  -14.331 18.242  1.00 17.97 ? 160 ARG B O   1 
ATOM   1286 C CB  . ARG A 1 164 ? -0.036  -11.320 19.094  1.00 17.80 ? 160 ARG B CB  1 
ATOM   1287 C CG  . ARG A 1 164 ? 0.851   -10.497 20.026  1.00 18.61 ? 160 ARG B CG  1 
ATOM   1288 C CD  . ARG A 1 164 ? 0.032   -9.712  21.055  1.00 19.37 ? 160 ARG B CD  1 
ATOM   1289 N NE  . ARG A 1 164 ? -0.866  -8.736  20.433  1.00 22.59 ? 160 ARG B NE  1 
ATOM   1290 C CZ  . ARG A 1 164 ? -0.589  -7.444  20.262  1.00 23.91 ? 160 ARG B CZ  1 
ATOM   1291 N NH1 . ARG A 1 164 ? 0.569   -6.940  20.672  1.00 24.80 ? 160 ARG B NH1 1 
ATOM   1292 N NH2 . ARG A 1 164 ? -1.479  -6.650  19.683  1.00 24.95 ? 160 ARG B NH2 1 
ATOM   1293 N N   . ALA A 1 165 ? -0.671  -13.070 16.369  1.00 17.48 ? 161 ALA B N   1 
ATOM   1294 C CA  . ALA A 1 165 ? -1.541  -13.981 15.625  1.00 17.64 ? 161 ALA B CA  1 
ATOM   1295 C C   . ALA A 1 165 ? -0.753  -15.064 14.874  1.00 17.53 ? 161 ALA B C   1 
ATOM   1296 O O   . ALA A 1 165 ? -1.338  -15.880 14.154  1.00 17.55 ? 161 ALA B O   1 
ATOM   1297 C CB  . ALA A 1 165 ? -2.426  -13.196 14.665  1.00 17.68 ? 161 ALA B CB  1 
ATOM   1298 N N   . GLY A 1 166 ? 0.570   -15.065 15.047  1.00 17.57 ? 162 GLY B N   1 
ATOM   1299 C CA  . GLY A 1 166 ? 1.446   -16.059 14.422  1.00 17.53 ? 162 GLY B CA  1 
ATOM   1300 C C   . GLY A 1 166 ? 1.817   -15.731 12.986  1.00 17.55 ? 162 GLY B C   1 
ATOM   1301 O O   . GLY A 1 166 ? 2.244   -16.608 12.227  1.00 17.53 ? 162 GLY B O   1 
ATOM   1302 N N   . MET A 1 167 ? 1.658   -14.460 12.617  1.00 17.36 ? 163 MET B N   1 
ATOM   1303 C CA  . MET A 1 167 ? 1.988   -13.974 11.280  1.00 17.26 ? 163 MET B CA  1 
ATOM   1304 C C   . MET A 1 167 ? 3.328   -13.245 11.343  1.00 17.20 ? 163 MET B C   1 
ATOM   1305 O O   . MET A 1 167 ? 3.398   -12.093 11.774  1.00 17.13 ? 163 MET B O   1 
ATOM   1306 C CB  . MET A 1 167 ? 0.885   -13.043 10.766  1.00 17.13 ? 163 MET B CB  1 
ATOM   1307 C CG  . MET A 1 167 ? -0.466  -13.726 10.566  1.00 17.31 ? 163 MET B CG  1 
ATOM   1308 S SD  . MET A 1 167 ? -1.844  -12.568 10.676  1.00 17.16 ? 163 MET B SD  1 
ATOM   1309 C CE  . MET A 1 167 ? -1.655  -11.646 9.154   1.00 17.15 ? 163 MET B CE  1 
ATOM   1310 N N   . ASN A 1 168 ? 4.380   -13.933 10.906  1.00 17.34 ? 164 ASN B N   1 
ATOM   1311 C CA  . ASN A 1 168 ? 5.754   -13.482 11.119  1.00 17.59 ? 164 ASN B CA  1 
ATOM   1312 C C   . ASN A 1 168 ? 6.389   -12.826 9.900   1.00 17.30 ? 164 ASN B C   1 
ATOM   1313 O O   . ASN A 1 168 ? 6.436   -13.413 8.817   1.00 17.32 ? 164 ASN B O   1 
ATOM   1314 C CB  . ASN A 1 168 ? 6.619   -14.647 11.615  1.00 17.92 ? 164 ASN B CB  1 
ATOM   1315 C CG  . ASN A 1 168 ? 6.145   -15.197 12.946  1.00 18.70 ? 164 ASN B CG  1 
ATOM   1316 O OD1 . ASN A 1 168 ? 6.057   -14.470 13.937  1.00 20.48 ? 164 ASN B OD1 1 
ATOM   1317 N ND2 . ASN A 1 168 ? 5.830   -16.486 12.976  1.00 20.55 ? 164 ASN B ND2 1 
ATOM   1318 N N   . LEU A 1 169 ? 6.881   -11.607 10.097  1.00 17.01 ? 165 LEU B N   1 
ATOM   1319 C CA  . LEU A 1 169 ? 7.524   -10.831 9.042   1.00 16.87 ? 165 LEU B CA  1 
ATOM   1320 C C   . LEU A 1 169 ? 9.021   -11.115 8.977   1.00 16.84 ? 165 LEU B C   1 
ATOM   1321 O O   . LEU A 1 169 ? 9.636   -11.490 9.975   1.00 16.36 ? 165 LEU B O   1 
ATOM   1322 C CB  . LEU A 1 169 ? 7.303   -9.336  9.280   1.00 16.92 ? 165 LEU B CB  1 
ATOM   1323 C CG  . LEU A 1 169 ? 5.883   -8.772  9.167   1.00 17.34 ? 165 LEU B CG  1 
ATOM   1324 C CD1 . LEU A 1 169 ? 5.797   -7.451  9.908   1.00 17.78 ? 165 LEU B CD1 1 
ATOM   1325 C CD2 . LEU A 1 169 ? 5.443   -8.615  7.710   1.00 17.76 ? 165 LEU B CD2 1 
ATOM   1326 N N   . GLY A 1 170 ? 9.599   -10.923 7.793   1.00 16.89 ? 166 GLY B N   1 
ATOM   1327 C CA  . GLY A 1 170 ? 11.037  -11.049 7.604   1.00 16.70 ? 166 GLY B CA  1 
ATOM   1328 C C   . GLY A 1 170 ? 11.751  -9.714  7.650   1.00 16.62 ? 166 GLY B C   1 
ATOM   1329 O O   . GLY A 1 170 ? 11.264  -8.755  8.267   1.00 16.56 ? 166 GLY B O   1 
ATOM   1330 N N   . SER A 1 171 ? 12.915  -9.663  7.007   1.00 16.40 ? 167 SER B N   1 
ATOM   1331 C CA  . SER A 1 171 ? 13.711  -8.442  6.899   1.00 16.32 ? 167 SER B CA  1 
ATOM   1332 C C   . SER A 1 171 ? 13.038  -7.486  5.926   1.00 15.98 ? 167 SER B C   1 
ATOM   1333 O O   . SER A 1 171 ? 12.761  -7.851  4.784   1.00 15.70 ? 167 SER B O   1 
ATOM   1334 C CB  . SER A 1 171 ? 15.131  -8.765  6.424   1.00 16.33 ? 167 SER B CB  1 
ATOM   1335 O OG  . SER A 1 171 ? 15.719  -9.769  7.235   1.00 18.00 ? 167 SER B OG  1 
ATOM   1336 N N   . HIS A 1 172 ? 12.786  -6.263  6.383   1.00 15.88 ? 168 HIS B N   1 
ATOM   1337 C CA  . HIS A 1 172 ? 11.954  -5.323  5.636   1.00 15.85 ? 168 HIS B CA  1 
ATOM   1338 C C   . HIS A 1 172 ? 12.575  -4.822  4.343   1.00 15.60 ? 168 HIS B C   1 
ATOM   1339 O O   . HIS A 1 172 ? 13.723  -4.372  4.320   1.00 15.26 ? 168 HIS B O   1 
ATOM   1340 C CB  . HIS A 1 172 ? 11.546  -4.141  6.518   1.00 16.30 ? 168 HIS B CB  1 
ATOM   1341 C CG  . HIS A 1 172 ? 10.442  -4.467  7.472   1.00 16.89 ? 168 HIS B CG  1 
ATOM   1342 N ND1 . HIS A 1 172 ? 9.139   -4.648  7.061   1.00 17.37 ? 168 HIS B ND1 1 
ATOM   1343 C CD2 . HIS A 1 172 ? 10.447  -4.672  8.811   1.00 17.86 ? 168 HIS B CD2 1 
ATOM   1344 C CE1 . HIS A 1 172 ? 8.388   -4.943  8.106   1.00 17.73 ? 168 HIS B CE1 1 
ATOM   1345 N NE2 . HIS A 1 172 ? 9.156   -4.957  9.182   1.00 18.08 ? 168 HIS B NE2 1 
ATOM   1346 N N   . ASP A 1 173 ? 11.803  -4.926  3.267   1.00 15.47 ? 169 ASP B N   1 
ATOM   1347 C CA  . ASP A 1 173 ? 12.098  -4.189  2.055   1.00 15.23 ? 169 ASP B CA  1 
ATOM   1348 C C   . ASP A 1 173 ? 11.221  -2.935  2.059   1.00 14.88 ? 169 ASP B C   1 
ATOM   1349 O O   . ASP A 1 173 ? 10.997  -2.352  3.123   1.00 14.80 ? 169 ASP B O   1 
ATOM   1350 C CB  . ASP A 1 173 ? 11.891  -5.038  0.802   1.00 15.42 ? 169 ASP B CB  1 
ATOM   1351 C CG  . ASP A 1 173 ? 12.650  -4.488  -0.388  1.00 16.87 ? 169 ASP B CG  1 
ATOM   1352 O OD1 . ASP A 1 173 ? 13.851  -4.803  -0.529  1.00 18.50 ? 169 ASP B OD1 1 
ATOM   1353 O OD2 . ASP A 1 173 ? 12.048  -3.717  -1.164  1.00 18.41 ? 169 ASP B OD2 1 
ATOM   1354 N N   . TYR A 1 174 ? 10.715  -2.517  0.901   1.00 14.54 ? 170 TYR B N   1 
ATOM   1355 C CA  . TYR A 1 174 ? 10.060  -1.208  0.834   1.00 14.23 ? 170 TYR B CA  1 
ATOM   1356 C C   . TYR A 1 174 ? 8.698   -1.130  1.515   1.00 14.17 ? 170 TYR B C   1 
ATOM   1357 O O   . TYR A 1 174 ? 8.079   -2.154  1.831   1.00 13.66 ? 170 TYR B O   1 
ATOM   1358 C CB  . TYR A 1 174 ? 10.055  -0.618  -0.585  1.00 14.59 ? 170 TYR B CB  1 
ATOM   1359 C CG  . TYR A 1 174 ? 9.148   -1.264  -1.612  1.00 14.59 ? 170 TYR B CG  1 
ATOM   1360 C CD1 . TYR A 1 174 ? 7.755   -1.192  -1.505  1.00 15.16 ? 170 TYR B CD1 1 
ATOM   1361 C CD2 . TYR A 1 174 ? 9.690   -1.886  -2.737  1.00 15.46 ? 170 TYR B CD2 1 
ATOM   1362 C CE1 . TYR A 1 174 ? 6.923   -1.768  -2.480  1.00 15.28 ? 170 TYR B CE1 1 
ATOM   1363 C CE2 . TYR A 1 174 ? 8.877   -2.457  -3.712  1.00 16.22 ? 170 TYR B CE2 1 
ATOM   1364 C CZ  . TYR A 1 174 ? 7.499   -2.399  -3.579  1.00 15.41 ? 170 TYR B CZ  1 
ATOM   1365 O OH  . TYR A 1 174 ? 6.704   -2.965  -4.556  1.00 15.94 ? 170 TYR B OH  1 
ATOM   1366 N N   . GLN A 1 175 ? 8.262   0.107   1.742   1.00 13.95 ? 171 GLN B N   1 
ATOM   1367 C CA  . GLN A 1 175 ? 7.089   0.420   2.540   1.00 14.28 ? 171 GLN B CA  1 
ATOM   1368 C C   . GLN A 1 175 ? 6.537   1.729   1.988   1.00 13.85 ? 171 GLN B C   1 
ATOM   1369 O O   . GLN A 1 175 ? 7.185   2.774   2.095   1.00 13.82 ? 171 GLN B O   1 
ATOM   1370 C CB  . GLN A 1 175 ? 7.525   0.579   3.995   1.00 14.42 ? 171 GLN B CB  1 
ATOM   1371 C CG  . GLN A 1 175 ? 6.477   1.022   4.992   1.00 15.14 ? 171 GLN B CG  1 
ATOM   1372 C CD  . GLN A 1 175 ? 7.030   1.007   6.403   1.00 14.81 ? 171 GLN B CD  1 
ATOM   1373 O OE1 . GLN A 1 175 ? 7.824   1.871   6.783   1.00 15.97 ? 171 GLN B OE1 1 
ATOM   1374 N NE2 . GLN A 1 175 ? 6.633   0.008   7.181   1.00 16.01 ? 171 GLN B NE2 1 
ATOM   1375 N N   . ILE A 1 176 ? 5.361   1.655   1.371   1.00 13.68 ? 172 ILE B N   1 
ATOM   1376 C CA  . ILE A 1 176 ? 4.769   2.797   0.669   1.00 13.53 ? 172 ILE B CA  1 
ATOM   1377 C C   . ILE A 1 176 ? 3.285   2.971   1.004   1.00 13.55 ? 172 ILE B C   1 
ATOM   1378 O O   . ILE A 1 176 ? 2.585   1.993   1.298   1.00 13.46 ? 172 ILE B O   1 
ATOM   1379 C CB  . ILE A 1 176 ? 4.941   2.687   -0.884  1.00 13.57 ? 172 ILE B CB  1 
ATOM   1380 C CG1 . ILE A 1 176 ? 4.317   1.390   -1.432  1.00 13.58 ? 172 ILE B CG1 1 
ATOM   1381 C CG2 . ILE A 1 176 ? 6.425   2.811   -1.288  1.00 13.63 ? 172 ILE B CG2 1 
ATOM   1382 C CD1 . ILE A 1 176 ? 4.352   1.264   -2.962  1.00 14.07 ? 172 ILE B CD1 1 
ATOM   1383 N N   . MET A 1 177 ? 2.824   4.220   0.975   1.00 13.43 ? 173 MET B N   1 
ATOM   1384 C CA  . MET A 1 177 ? 1.394   4.504   1.003   1.00 13.36 ? 173 MET B CA  1 
ATOM   1385 C C   . MET A 1 177 ? 0.879   4.400   -0.428  1.00 13.09 ? 173 MET B C   1 
ATOM   1386 O O   . MET A 1 177 ? 1.098   5.295   -1.253  1.00 12.65 ? 173 MET B O   1 
ATOM   1387 C CB  . MET A 1 177 ? 1.099   5.879   1.600   1.00 13.53 ? 173 MET B CB  1 
ATOM   1388 C CG  . MET A 1 177 ? -0.358  6.046   2.032   1.00 14.22 ? 173 MET B CG  1 
ATOM   1389 S SD  . MET A 1 177 ? -0.768  4.944   3.407   1.00 14.78 ? 173 MET B SD  1 
ATOM   1390 C CE  . MET A 1 177 ? -2.563  4.949   3.313   1.00 14.62 ? 173 MET B CE  1 
ATOM   1391 N N   . ALA A 1 178 ? 0.206   3.289   -0.705  1.00 13.05 ? 174 ALA B N   1 
ATOM   1392 C CA  . ALA A 1 178 ? -0.094  2.872   -2.070  1.00 13.14 ? 174 ALA B CA  1 
ATOM   1393 C C   . ALA A 1 178 ? -1.553  3.030   -2.476  1.00 13.51 ? 174 ALA B C   1 
ATOM   1394 O O   . ALA A 1 178 ? -2.469  2.950   -1.644  1.00 13.44 ? 174 ALA B O   1 
ATOM   1395 C CB  . ALA A 1 178 ? 0.350   1.414   -2.287  1.00 13.33 ? 174 ALA B CB  1 
ATOM   1396 N N   . THR A 1 179 ? -1.735  3.257   -3.775  1.00 13.36 ? 175 THR B N   1 
ATOM   1397 C CA  . THR A 1 179 ? -3.000  3.056   -4.457  1.00 13.82 ? 175 THR B CA  1 
ATOM   1398 C C   . THR A 1 179 ? -2.774  1.810   -5.306  1.00 14.38 ? 175 THR B C   1 
ATOM   1399 O O   . THR A 1 179 ? -1.843  1.760   -6.117  1.00 13.97 ? 175 THR B O   1 
ATOM   1400 C CB  . THR A 1 179 ? -3.361  4.268   -5.344  1.00 13.76 ? 175 THR B CB  1 
ATOM   1401 O OG1 . THR A 1 179 ? -3.324  5.468   -4.556  1.00 13.87 ? 175 THR B OG1 1 
ATOM   1402 C CG2 . THR A 1 179 ? -4.750  4.102   -5.970  1.00 13.91 ? 175 THR B CG2 1 
ATOM   1403 N N   . LYS A 1 180 ? -3.608  0.798   -5.088  1.00 14.72 ? 176 LYS B N   1 
ATOM   1404 C CA  . LYS A 1 180 ? -3.442  -0.508  -5.722  1.00 16.14 ? 176 LYS B CA  1 
ATOM   1405 C C   . LYS A 1 180 ? -4.785  -0.968  -6.279  1.00 15.93 ? 176 LYS B C   1 
ATOM   1406 O O   . LYS A 1 180 ? -5.830  -0.675  -5.700  1.00 16.03 ? 176 LYS B O   1 
ATOM   1407 C CB  . LYS A 1 180 ? -2.893  -1.517  -4.694  1.00 16.07 ? 176 LYS B CB  1 
ATOM   1408 C CG  . LYS A 1 180 ? -2.718  -2.942  -5.213  1.00 17.99 ? 176 LYS B CG  1 
ATOM   1409 C CD  . LYS A 1 180 ? -2.243  -3.892  -4.122  1.00 18.04 ? 176 LYS B CD  1 
ATOM   1410 C CE  . LYS A 1 180 ? -1.891  -5.261  -4.694  1.00 19.92 ? 176 LYS B CE  1 
ATOM   1411 N NZ  . LYS A 1 180 ? -0.613  -5.241  -5.481  1.00 20.77 ? 176 LYS B NZ  1 
ATOM   1412 N N   . GLY A 1 181 ? -4.771  -1.671  -7.406  1.00 15.89 ? 177 GLY B N   1 
ATOM   1413 C CA  . GLY A 1 181 ? -6.029  -2.150  -7.953  1.00 15.87 ? 177 GLY B CA  1 
ATOM   1414 C C   . GLY A 1 181 ? -5.944  -3.181  -9.052  1.00 15.56 ? 177 GLY B C   1 
ATOM   1415 O O   . GLY A 1 181 ? -4.862  -3.521  -9.527  1.00 15.36 ? 177 GLY B O   1 
ATOM   1416 N N   . TRP A 1 182 ? -7.113  -3.681  -9.438  1.00 15.47 ? 178 TRP B N   1 
ATOM   1417 C CA  . TRP A 1 182 ? -7.224  -4.643  -10.521 1.00 15.53 ? 178 TRP B CA  1 
ATOM   1418 C C   . TRP A 1 182 ? -8.373  -4.251  -11.446 1.00 15.73 ? 178 TRP B C   1 
ATOM   1419 O O   . TRP A 1 182 ? -9.548  -4.297  -11.059 1.00 15.47 ? 178 TRP B O   1 
ATOM   1420 C CB  . TRP A 1 182 ? -7.405  -6.069  -9.975  1.00 15.48 ? 178 TRP B CB  1 
ATOM   1421 C CG  . TRP A 1 182 ? -7.661  -7.084  -11.060 1.00 15.87 ? 178 TRP B CG  1 
ATOM   1422 C CD1 . TRP A 1 182 ? -6.733  -7.654  -11.886 1.00 15.88 ? 178 TRP B CD1 1 
ATOM   1423 C CD2 . TRP A 1 182 ? -8.929  -7.635  -11.439 1.00 15.94 ? 178 TRP B CD2 1 
ATOM   1424 N NE1 . TRP A 1 182 ? -7.346  -8.530  -12.756 1.00 15.71 ? 178 TRP B NE1 1 
ATOM   1425 C CE2 . TRP A 1 182 ? -8.694  -8.538  -12.503 1.00 15.83 ? 178 TRP B CE2 1 
ATOM   1426 C CE3 . TRP A 1 182 ? -10.244 -7.455  -10.983 1.00 16.19 ? 178 TRP B CE3 1 
ATOM   1427 C CZ2 . TRP A 1 182 ? -9.725  -9.261  -13.118 1.00 15.80 ? 178 TRP B CZ2 1 
ATOM   1428 C CZ3 . TRP A 1 182 ? -11.270 -8.174  -11.597 1.00 15.66 ? 178 TRP B CZ3 1 
ATOM   1429 C CH2 . TRP A 1 182 ? -11.002 -9.065  -12.652 1.00 15.86 ? 178 TRP B CH2 1 
ATOM   1430 N N   . GLN A 1 183 ? -8.005  -3.856  -12.665 1.00 16.10 ? 179 GLN B N   1 
ATOM   1431 C CA  . GLN A 1 183 ? -8.945  -3.504  -13.735 1.00 16.64 ? 179 GLN B CA  1 
ATOM   1432 C C   . GLN A 1 183 ? -9.847  -2.313  -13.360 1.00 16.67 ? 179 GLN B C   1 
ATOM   1433 O O   . GLN A 1 183 ? -9.555  -1.596  -12.400 1.00 17.15 ? 179 GLN B O   1 
ATOM   1434 C CB  . GLN A 1 183 ? -9.706  -4.752  -14.231 1.00 16.58 ? 179 GLN B CB  1 
ATOM   1435 C CG  . GLN A 1 183 ? -8.736  -5.841  -14.742 1.00 16.64 ? 179 GLN B CG  1 
ATOM   1436 C CD  . GLN A 1 183 ? -9.369  -6.951  -15.563 1.00 17.02 ? 179 GLN B CD  1 
ATOM   1437 O OE1 . GLN A 1 183 ? -10.588 -7.009  -15.750 1.00 16.62 ? 179 GLN B OE1 1 
ATOM   1438 N NE2 . GLN A 1 183 ? -8.525  -7.857  -16.059 1.00 16.32 ? 179 GLN B NE2 1 
ATOM   1439 N N   . SER A 1 184 ? -10.904 -2.086  -14.134 1.00 16.91 ? 180 SER B N   1 
ATOM   1440 C CA  . SER A 1 184 ? -11.775 -0.915  -13.956 1.00 16.83 ? 180 SER B CA  1 
ATOM   1441 C C   . SER A 1 184 ? -10.990 0.407   -14.016 1.00 16.58 ? 180 SER B C   1 
ATOM   1442 O O   . SER A 1 184 ? -9.924  0.480   -14.637 1.00 16.75 ? 180 SER B O   1 
ATOM   1443 C CB  . SER A 1 184 ? -12.597 -1.016  -12.656 1.00 16.72 ? 180 SER B CB  1 
ATOM   1444 O OG  . SER A 1 184 ? -13.402 -2.185  -12.633 1.00 17.26 ? 180 SER B OG  1 
ATOM   1445 N N   . SER A 1 185 ? -11.517 1.439   -13.360 1.00 16.02 ? 181 SER B N   1 
ATOM   1446 C CA  . SER A 1 185 ? -11.033 2.805   -13.542 1.00 15.34 ? 181 SER B CA  1 
ATOM   1447 C C   . SER A 1 185 ? -11.020 3.586   -12.234 1.00 14.98 ? 181 SER B C   1 
ATOM   1448 O O   . SER A 1 185 ? -11.615 3.166   -11.242 1.00 14.78 ? 181 SER B O   1 
ATOM   1449 C CB  . SER A 1 185 ? -11.909 3.538   -14.564 1.00 15.45 ? 181 SER B CB  1 
ATOM   1450 O OG  . SER A 1 185 ? -11.921 2.859   -15.809 1.00 15.84 ? 181 SER B OG  1 
ATOM   1451 N N   . GLY A 1 186 ? -10.342 4.729   -12.241 1.00 14.19 ? 182 GLY B N   1 
ATOM   1452 C CA  . GLY A 1 186 ? -10.366 5.617   -11.088 1.00 13.74 ? 182 GLY B CA  1 
ATOM   1453 C C   . GLY A 1 186 ? -9.214  6.591   -11.021 1.00 13.56 ? 182 GLY B C   1 
ATOM   1454 O O   . GLY A 1 186 ? -8.486  6.789   -11.999 1.00 12.78 ? 182 GLY B O   1 
ATOM   1455 N N   . SER A 1 187 ? -9.074  7.207   -9.849  1.00 13.57 ? 183 SER B N   1 
ATOM   1456 C CA  . SER A 1 187 ? -8.006  8.159   -9.576  1.00 13.47 ? 183 SER B CA  1 
ATOM   1457 C C   . SER A 1 187 ? -7.744  8.222   -8.074  1.00 13.27 ? 183 SER B C   1 
ATOM   1458 O O   . SER A 1 187 ? -8.586  7.810   -7.264  1.00 13.29 ? 183 SER B O   1 
ATOM   1459 C CB  . SER A 1 187 ? -8.361  9.551   -10.123 1.00 13.75 ? 183 SER B CB  1 
ATOM   1460 O OG  . SER A 1 187 ? -9.494  10.100  -9.467  1.00 13.97 ? 183 SER B OG  1 
ATOM   1461 N N   . SER A 1 188 ? -6.566  8.721   -7.715  1.00 13.06 ? 184 SER B N   1 
ATOM   1462 C CA  . SER A 1 188 ? -6.228  9.022   -6.330  1.00 13.08 ? 184 SER B CA  1 
ATOM   1463 C C   . SER A 1 188 ? -5.234  10.178  -6.286  1.00 13.36 ? 184 SER B C   1 
ATOM   1464 O O   . SER A 1 188 ? -4.539  10.452  -7.268  1.00 13.42 ? 184 SER B O   1 
ATOM   1465 C CB  . SER A 1 188 ? -5.645  7.790   -5.614  1.00 12.83 ? 184 SER B CB  1 
ATOM   1466 O OG  . SER A 1 188 ? -4.281  7.570   -5.965  1.00 12.39 ? 184 SER B OG  1 
ATOM   1467 N N   . THR A 1 189 ? -5.210  10.873  -5.155  1.00 13.90 ? 185 THR B N   1 
ATOM   1468 C CA  . THR A 1 189 ? -4.120  11.777  -4.797  1.00 14.05 ? 185 THR B CA  1 
ATOM   1469 C C   . THR A 1 189 ? -3.802  11.470  -3.342  1.00 14.47 ? 185 THR B C   1 
ATOM   1470 O O   . THR A 1 189 ? -4.701  11.472  -2.492  1.00 14.29 ? 185 THR B O   1 
ATOM   1471 C CB  . THR A 1 189 ? -4.488  13.268  -4.976  1.00 14.24 ? 185 THR B CB  1 
ATOM   1472 O OG1 . THR A 1 189 ? -4.767  13.527  -6.357  1.00 13.76 ? 185 THR B OG1 1 
ATOM   1473 C CG2 . THR A 1 189 ? -3.333  14.169  -4.531  1.00 14.40 ? 185 THR B CG2 1 
ATOM   1474 N N   . VAL A 1 190 ? -2.532  11.182  -3.071  1.00 14.51 ? 186 VAL B N   1 
ATOM   1475 C CA  . VAL A 1 190 ? -2.103  10.700  -1.754  1.00 15.25 ? 186 VAL B CA  1 
ATOM   1476 C C   . VAL A 1 190 ? -0.870  11.470  -1.297  1.00 15.73 ? 186 VAL B C   1 
ATOM   1477 O O   . VAL A 1 190 ? 0.078   11.643  -2.064  1.00 15.28 ? 186 VAL B O   1 
ATOM   1478 C CB  . VAL A 1 190 ? -1.800  9.173   -1.787  1.00 15.03 ? 186 VAL B CB  1 
ATOM   1479 C CG1 . VAL A 1 190 ? -1.280  8.668   -0.444  1.00 15.14 ? 186 VAL B CG1 1 
ATOM   1480 C CG2 . VAL A 1 190 ? -3.041  8.380   -2.208  1.00 14.89 ? 186 VAL B CG2 1 
ATOM   1481 N N   . SER A 1 191 ? -0.903  11.933  -0.048  1.00 16.32 ? 187 SER B N   1 
ATOM   1482 C CA  . SER A 1 191 ? 0.235   12.595  0.566   1.00 17.37 ? 187 SER B CA  1 
ATOM   1483 C C   . SER A 1 191 ? 0.627   11.853  1.836   1.00 17.53 ? 187 SER B C   1 
ATOM   1484 O O   . SER A 1 191 ? -0.212  11.636  2.709   1.00 17.31 ? 187 SER B O   1 
ATOM   1485 C CB  . SER A 1 191 ? -0.106  14.046  0.903   1.00 17.39 ? 187 SER B CB  1 
ATOM   1486 O OG  . SER A 1 191 ? 1.027   14.696  1.459   1.00 19.99 ? 187 SER B OG  1 
ATOM   1487 N N   . ILE A 1 192 ? 1.896   11.463  1.928   1.00 17.96 ? 188 ILE B N   1 
ATOM   1488 C CA  . ILE A 1 192 ? 2.407   10.738  3.095   1.00 18.79 ? 188 ILE B CA  1 
ATOM   1489 C C   . ILE A 1 192 ? 3.642   11.415  3.694   1.00 18.88 ? 188 ILE B C   1 
ATOM   1490 O O   . ILE A 1 192 ? 4.492   11.939  2.972   1.00 18.79 ? 188 ILE B O   1 
ATOM   1491 C CB  . ILE A 1 192 ? 2.688   9.225   2.771   1.00 18.78 ? 188 ILE B CB  1 
ATOM   1492 C CG1 . ILE A 1 192 ? 3.138   8.444   4.016   1.00 19.52 ? 188 ILE B CG1 1 
ATOM   1493 C CG2 . ILE A 1 192 ? 3.713   9.065   1.648   1.00 19.70 ? 188 ILE B CG2 1 
ATOM   1494 C CD1 . ILE A 1 192 ? 2.010   7.960   4.889   1.00 19.40 ? 188 ILE B CD1 1 
ATOM   1495 N N   . SER A 1 193 ? 3.718   11.423  5.020   1.00 19.17 ? 189 SER B N   1 
ATOM   1496 C CA  . SER A 1 193 ? 4.944   11.805  5.711   1.00 19.32 ? 189 SER B CA  1 
ATOM   1497 C C   . SER A 1 193 ? 5.111   10.961  6.963   1.00 19.10 ? 189 SER B C   1 
ATOM   1498 O O   . SER A 1 193 ? 4.136   10.447  7.512   1.00 19.14 ? 189 SER B O   1 
ATOM   1499 C CB  . SER A 1 193 ? 4.943   13.297  6.068   1.00 19.67 ? 189 SER B CB  1 
ATOM   1500 O OG  . SER A 1 193 ? 4.056   13.564  7.138   1.00 21.26 ? 189 SER B OG  1 
ATOM   1501 N N   . GLU A 1 194 ? 6.352   10.808  7.405   1.00 18.81 ? 190 GLU B N   1 
ATOM   1502 C CA  . GLU A 1 194 ? 6.608   10.194  8.693   1.00 18.67 ? 190 GLU B CA  1 
ATOM   1503 C C   . GLU A 1 194 ? 6.264   11.237  9.747   1.00 18.44 ? 190 GLU B C   1 
ATOM   1504 O O   . GLU A 1 194 ? 6.554   12.420  9.574   1.00 18.18 ? 190 GLU B O   1 
ATOM   1505 C CB  . GLU A 1 194 ? 8.062   9.745   8.800   1.00 18.80 ? 190 GLU B CB  1 
ATOM   1506 C CG  . GLU A 1 194 ? 8.357   8.885   10.021  1.00 19.36 ? 190 GLU B CG  1 
ATOM   1507 C CD  . GLU A 1 194 ? 9.703   8.184   9.939   1.00 20.89 ? 190 GLU B CD  1 
ATOM   1508 O OE1 . GLU A 1 194 ? 10.400  8.323   8.910   1.00 21.23 ? 190 GLU B OE1 1 
ATOM   1509 O OE2 . GLU A 1 194 ? 10.059  7.485   10.912  1.00 21.93 ? 190 GLU B OE2 1 
ATOM   1510 N N   . GLY A 1 195 ? 5.607   10.804  10.816  1.00 18.15 ? 191 GLY B N   1 
ATOM   1511 C CA  . GLY A 1 195 ? 5.188   11.721  11.871  1.00 18.06 ? 191 GLY B CA  1 
ATOM   1512 C C   . GLY A 1 195 ? 3.801   11.401  12.391  1.00 17.89 ? 191 GLY B C   1 
ATOM   1513 O O   . GLY A 1 195 ? 3.097   10.552  11.839  1.00 17.65 ? 191 GLY B O   1 
ATOM   1514 N N   . GLY A 1 196 ? 3.409   12.093  13.455  1.00 17.97 ? 192 GLY B N   1 
ATOM   1515 C CA  . GLY A 1 196 ? 2.200   11.744  14.194  1.00 18.28 ? 192 GLY B CA  1 
ATOM   1516 C C   . GLY A 1 196 ? 2.563   10.863  15.374  1.00 18.44 ? 192 GLY B C   1 
ATOM   1517 O O   . GLY A 1 196 ? 3.542   10.113  15.319  1.00 18.07 ? 192 GLY B O   1 
ATOM   1518 N N   . ASN A 1 197 ? 1.780   10.965  16.444  1.00 18.75 ? 193 ASN B N   1 
ATOM   1519 C CA  . ASN A 1 197 ? 1.996   10.164  17.647  1.00 19.13 ? 193 ASN B CA  1 
ATOM   1520 C C   . ASN A 1 197 ? 1.676   8.685   17.455  1.00 19.68 ? 193 ASN B C   1 
ATOM   1521 O O   . ASN A 1 197 ? 0.624   8.348   16.910  1.00 19.56 ? 193 ASN B O   1 
ATOM   1522 C CB  . ASN A 1 197 ? 1.173   10.717  18.811  1.00 19.00 ? 193 ASN B CB  1 
ATOM   1523 C CG  . ASN A 1 197 ? 1.675   12.065  19.288  1.00 18.39 ? 193 ASN B CG  1 
ATOM   1524 O OD1 . ASN A 1 197 ? 2.831   12.422  19.071  1.00 17.90 ? 193 ASN B OD1 1 
ATOM   1525 N ND2 . ASN A 1 197 ? 0.802   12.820  19.942  1.00 18.49 ? 193 ASN B ND2 1 
ATOM   1526 N N   . PRO A 1 198 ? 2.591   7.798   17.894  1.00 20.41 ? 194 PRO B N   1 
ATOM   1527 C CA  . PRO A 1 198 ? 2.341   6.357   17.890  1.00 20.96 ? 194 PRO B CA  1 
ATOM   1528 C C   . PRO A 1 198 ? 1.239   5.959   18.869  1.00 21.20 ? 194 PRO B C   1 
ATOM   1529 O O   . PRO A 1 198 ? 1.302   6.326   20.047  1.00 21.63 ? 194 PRO B O   1 
ATOM   1530 C CB  . PRO A 1 198 ? 3.687   5.763   18.328  1.00 21.17 ? 194 PRO B CB  1 
ATOM   1531 C CG  . PRO A 1 198 ? 4.374   6.857   19.054  1.00 21.19 ? 194 PRO B CG  1 
ATOM   1532 C CD  . PRO A 1 198 ? 3.945   8.121   18.381  1.00 20.73 ? 194 PRO B CD  1 
HETATM 1533 S S   . SO4 B 2 .   ? 8.688   21.919  -3.515  1.00 17.89 ? 195 SO4 B S   1 
HETATM 1534 O O1  . SO4 B 2 .   ? 7.857   21.529  -4.643  1.00 17.97 ? 195 SO4 B O1  1 
HETATM 1535 O O2  . SO4 B 2 .   ? 9.887   21.097  -3.446  1.00 17.61 ? 195 SO4 B O2  1 
HETATM 1536 O O3  . SO4 B 2 .   ? 9.064   23.323  -3.682  1.00 16.73 ? 195 SO4 B O3  1 
HETATM 1537 O O4  . SO4 B 2 .   ? 7.922   21.753  -2.283  1.00 17.67 ? 195 SO4 B O4  1 
HETATM 1538 S S   . SO4 C 2 .   ? 15.817  16.633  -2.764  1.00 55.27 ? 196 SO4 B S   1 
HETATM 1539 O O1  . SO4 C 2 .   ? 14.968  17.288  -3.752  1.00 55.57 ? 196 SO4 B O1  1 
HETATM 1540 O O2  . SO4 C 2 .   ? 16.137  15.282  -3.220  1.00 55.14 ? 196 SO4 B O2  1 
HETATM 1541 O O3  . SO4 C 2 .   ? 17.046  17.406  -2.608  1.00 55.38 ? 196 SO4 B O3  1 
HETATM 1542 O O4  . SO4 C 2 .   ? 15.111  16.565  -1.488  1.00 55.29 ? 196 SO4 B O4  1 
HETATM 1543 N N   . NH4 D 3 .   ? -5.432  -7.795  -6.892  1.00 46.68 ? 197 NH4 B N   1 
HETATM 1544 N N   . NH4 E 3 .   ? -6.005  -10.551 -14.729 1.00 33.10 ? 198 NH4 B N   1 
HETATM 1545 O O   . HOH F 4 .   ? -11.652 9.937   6.145   1.00 20.48 ? 199 HOH B O   1 
HETATM 1546 O O   . HOH F 4 .   ? -13.134 1.205   12.963  1.00 23.98 ? 200 HOH B O   1 
HETATM 1547 O O   . HOH F 4 .   ? -5.425  8.750   13.151  1.00 17.47 ? 201 HOH B O   1 
HETATM 1548 O O   . HOH F 4 .   ? 8.528   11.891  6.051   1.00 15.78 ? 202 HOH B O   1 
HETATM 1549 O O   . HOH F 4 .   ? -15.132 -9.592  0.424   1.00 15.20 ? 203 HOH B O   1 
HETATM 1550 O O   . HOH F 4 .   ? -11.787 -2.852  -3.668  1.00 12.51 ? 204 HOH B O   1 
HETATM 1551 O O   . HOH F 4 .   ? 1.800   -9.970  -6.983  1.00 34.39 ? 205 HOH B O   1 
HETATM 1552 O O   . HOH F 4 .   ? 5.299   14.456  13.747  1.00 15.72 ? 206 HOH B O   1 
HETATM 1553 O O   . HOH F 4 .   ? 4.848   -18.669 14.735  1.00 41.94 ? 207 HOH B O   1 
HETATM 1554 O O   . HOH F 4 .   ? -0.785  -10.838 -10.683 1.00 44.69 ? 208 HOH B O   1 
HETATM 1555 O O   . HOH F 4 .   ? 8.066   -19.997 -4.776  1.00 31.75 ? 209 HOH B O   1 
HETATM 1556 O O   . HOH F 4 .   ? -13.132 5.886   1.020   1.00 24.05 ? 210 HOH B O   1 
HETATM 1557 O O   . HOH F 4 .   ? -16.894 2.204   5.858   1.00 23.15 ? 211 HOH B O   1 
HETATM 1558 O O   . HOH F 4 .   ? 6.928   -10.391 12.736  1.00 30.85 ? 212 HOH B O   1 
HETATM 1559 O O   . HOH F 4 .   ? 8.902   14.944  -11.151 1.00 18.16 ? 213 HOH B O   1 
HETATM 1560 O O   . HOH F 4 .   ? -1.347  10.283  -12.830 1.00 15.47 ? 214 HOH B O   1 
HETATM 1561 O O   . HOH F 4 .   ? 8.392   -2.891  4.972   1.00 14.95 ? 215 HOH B O   1 
HETATM 1562 O O   . HOH F 4 .   ? -16.644 -7.217  -0.722  1.00 17.87 ? 216 HOH B O   1 
HETATM 1563 O O   . HOH F 4 .   ? -3.556  2.115   11.642  1.00 14.40 ? 217 HOH B O   1 
HETATM 1564 O O   . HOH F 4 .   ? -0.843  -4.155  18.519  1.00 20.91 ? 218 HOH B O   1 
HETATM 1565 O O   . HOH F 4 .   ? -9.461  -0.719  -9.936  1.00 17.51 ? 219 HOH B O   1 
HETATM 1566 O O   . HOH F 4 .   ? -13.834 -8.383  4.350   1.00 15.81 ? 220 HOH B O   1 
HETATM 1567 O O   . HOH F 4 .   ? 9.930   0.050   -17.194 1.00 25.38 ? 221 HOH B O   1 
HETATM 1568 O O   . HOH F 4 .   ? -13.304 -15.207 4.192   1.00 18.31 ? 222 HOH B O   1 
HETATM 1569 O O   . HOH F 4 .   ? -7.267  13.250  -6.922  1.00 24.34 ? 223 HOH B O   1 
HETATM 1570 O O   . HOH F 4 .   ? -5.676  -4.279  19.690  1.00 22.17 ? 224 HOH B O   1 
HETATM 1571 O O   . HOH F 4 .   ? 4.523   -3.407  -17.525 1.00 19.28 ? 225 HOH B O   1 
HETATM 1572 O O   . HOH F 4 .   ? 3.686   19.176  -6.949  1.00 10.86 ? 226 HOH B O   1 
HETATM 1573 O O   . HOH F 4 .   ? 3.960   -16.615 9.457   1.00 21.64 ? 227 HOH B O   1 
HETATM 1574 O O   . HOH F 4 .   ? -3.727  13.966  7.654   1.00 42.68 ? 228 HOH B O   1 
HETATM 1575 O O   . HOH F 4 .   ? 5.824   -1.004  -17.711 1.00 18.43 ? 229 HOH B O   1 
HETATM 1576 O O   . HOH F 4 .   ? -10.327 12.344  5.106   1.00 33.24 ? 230 HOH B O   1 
HETATM 1577 O O   . HOH F 4 .   ? -11.406 -17.308 8.612   1.00 13.94 ? 231 HOH B O   1 
HETATM 1578 O O   . HOH F 4 .   ? 15.865  3.635   -9.211  1.00 21.97 ? 232 HOH B O   1 
HETATM 1579 O O   . HOH F 4 .   ? -8.786  -10.888 -0.349  1.00 35.12 ? 233 HOH B O   1 
HETATM 1580 O O   . HOH F 4 .   ? -12.388 -11.754 16.874  1.00 17.19 ? 234 HOH B O   1 
HETATM 1581 O O   . HOH F 4 .   ? -6.831  2.867   -20.844 1.00 27.63 ? 235 HOH B O   1 
HETATM 1582 O O   . HOH F 4 .   ? -2.117  -6.589  -20.166 1.00 20.47 ? 236 HOH B O   1 
HETATM 1583 O O   . HOH F 4 .   ? -2.331  -16.714 -6.217  1.00 33.44 ? 237 HOH B O   1 
HETATM 1584 O O   . HOH F 4 .   ? 1.031   2.532   -17.667 1.00 17.94 ? 238 HOH B O   1 
HETATM 1585 O O   . HOH F 4 .   ? -11.604 10.368  -1.177  1.00 18.82 ? 239 HOH B O   1 
HETATM 1586 O O   . HOH F 4 .   ? -3.825  7.853   15.379  1.00 25.94 ? 240 HOH B O   1 
HETATM 1587 O O   . HOH F 4 .   ? 15.173  12.362  -3.923  1.00 23.92 ? 241 HOH B O   1 
HETATM 1588 O O   . HOH F 4 .   ? -5.328  -17.628 0.623   1.00 30.87 ? 242 HOH B O   1 
HETATM 1589 O O   . HOH F 4 .   ? -14.173 4.141   -1.274  1.00 34.56 ? 243 HOH B O   1 
HETATM 1590 O O   . HOH F 4 .   ? 4.770   2.487   14.689  1.00 17.88 ? 244 HOH B O   1 
HETATM 1591 O O   . HOH F 4 .   ? 0.064   2.853   20.107  1.00 26.43 ? 245 HOH B O   1 
HETATM 1592 O O   . HOH F 4 .   ? 14.691  13.565  -6.754  1.00 35.37 ? 246 HOH B O   1 
HETATM 1593 O O   . HOH F 4 .   ? 5.809   -16.273 2.857   1.00 20.74 ? 247 HOH B O   1 
HETATM 1594 O O   . HOH F 4 .   ? -13.904 -8.896  13.283  1.00 21.15 ? 248 HOH B O   1 
HETATM 1595 O O   . HOH F 4 .   ? 8.472   -2.411  -7.236  1.00 20.19 ? 249 HOH B O   1 
HETATM 1596 O O   . HOH F 4 .   ? -13.172 9.355   3.226   1.00 40.41 ? 250 HOH B O   1 
HETATM 1597 O O   . HOH F 4 .   ? -15.573 -5.903  9.878   1.00 20.40 ? 251 HOH B O   1 
HETATM 1598 O O   . HOH F 4 .   ? 8.361   -5.079  14.381  1.00 28.97 ? 252 HOH B O   1 
HETATM 1599 O O   . HOH F 4 .   ? 10.833  10.007  6.562   1.00 28.03 ? 253 HOH B O   1 
HETATM 1600 O O   . HOH F 4 .   ? 15.055  -12.290 8.141   1.00 34.56 ? 254 HOH B O   1 
HETATM 1601 O O   . HOH F 4 .   ? 15.981  -4.658  5.886   1.00 37.33 ? 255 HOH B O   1 
HETATM 1602 O O   . HOH F 4 .   ? 3.468   15.000  2.797   1.00 40.62 ? 256 HOH B O   1 
HETATM 1603 O O   . HOH F 4 .   ? 4.617   -0.631  -6.907  1.00 22.68 ? 257 HOH B O   1 
HETATM 1604 O O   . HOH F 4 .   ? 11.315  -16.863 -2.146  1.00 44.42 ? 258 HOH B O   1 
HETATM 1605 O O   . HOH F 4 .   ? -1.825  9.517   16.819  1.00 22.57 ? 259 HOH B O   1 
HETATM 1606 O O   . HOH F 4 .   ? -3.160  -10.359 17.465  1.00 24.86 ? 260 HOH B O   1 
HETATM 1607 O O   . HOH F 4 .   ? 13.846  -5.494  8.887   1.00 26.95 ? 261 HOH B O   1 
HETATM 1608 O O   . HOH F 4 .   ? -9.442  8.608   11.844  1.00 35.67 ? 262 HOH B O   1 
HETATM 1609 O O   . HOH F 4 .   ? -15.515 1.458   -6.391  1.00 29.25 ? 263 HOH B O   1 
HETATM 1610 O O   . HOH F 4 .   ? -1.420  -4.675  -21.951 1.00 28.38 ? 264 HOH B O   1 
HETATM 1611 O O   . HOH F 4 .   ? -8.000  11.077  12.139  1.00 37.25 ? 265 HOH B O   1 
HETATM 1612 O O   . HOH F 4 .   ? 4.889   -14.854 16.262  1.00 30.41 ? 266 HOH B O   1 
HETATM 1613 O O   . HOH F 4 .   ? 11.035  -14.964 -11.682 1.00 24.77 ? 267 HOH B O   1 
HETATM 1614 O O   . HOH F 4 .   ? 16.752  0.761   1.053   1.00 24.85 ? 268 HOH B O   1 
HETATM 1615 O O   . HOH F 4 .   ? -11.368 1.205   -9.444  1.00 25.02 ? 269 HOH B O   1 
HETATM 1616 O O   . HOH F 4 .   ? -1.953  11.544  14.983  1.00 18.32 ? 270 HOH B O   1 
HETATM 1617 O O   . HOH F 4 .   ? 11.888  21.636  -8.808  1.00 21.69 ? 271 HOH B O   1 
HETATM 1618 O O   . HOH F 4 .   ? 1.109   -17.538 9.668   1.00 19.97 ? 272 HOH B O   1 
HETATM 1619 O O   . HOH F 4 .   ? -16.134 -7.624  14.227  1.00 32.58 ? 273 HOH B O   1 
HETATM 1620 O O   . HOH F 4 .   ? -1.152  -17.756 12.295  1.00 27.90 ? 274 HOH B O   1 
HETATM 1621 O O   . HOH F 4 .   ? 4.539   21.650  -8.158  1.00 25.00 ? 275 HOH B O   1 
HETATM 1622 O O   . HOH F 4 .   ? -16.807 -7.178  7.519   1.00 22.92 ? 276 HOH B O   1 
HETATM 1623 O O   . HOH F 4 .   ? 1.635   -2.952  19.815  1.00 33.29 ? 277 HOH B O   1 
HETATM 1624 O O   . HOH F 4 .   ? 12.777  -14.375 0.932   1.00 24.01 ? 278 HOH B O   1 
HETATM 1625 O O   . HOH F 4 .   ? 12.515  12.787  -8.918  1.00 28.13 ? 279 HOH B O   1 
HETATM 1626 O O   . HOH F 4 .   ? -12.304 12.134  -3.454  1.00 49.47 ? 280 HOH B O   1 
HETATM 1627 O O   . HOH F 4 .   ? -7.734  3.545   18.982  1.00 36.50 ? 281 HOH B O   1 
HETATM 1628 O O   . HOH F 4 .   ? -11.230 12.021  0.988   1.00 31.38 ? 282 HOH B O   1 
HETATM 1629 O O   . HOH F 4 .   ? 8.368   6.913   12.830  1.00 27.55 ? 283 HOH B O   1 
HETATM 1630 O O   . HOH F 4 .   ? 9.874   11.202  -13.574 1.00 35.57 ? 284 HOH B O   1 
HETATM 1631 O O   . HOH F 4 .   ? 9.401   18.604  -2.723  1.00 27.88 ? 285 HOH B O   1 
HETATM 1632 O O   . HOH F 4 .   ? -6.724  -8.588  -3.572  1.00 29.64 ? 286 HOH B O   1 
HETATM 1633 O O   . HOH F 4 .   ? -4.915  -12.441 -1.541  1.00 28.20 ? 287 HOH B O   1 
HETATM 1634 O O   . HOH F 4 .   ? 11.633  -0.787  12.720  1.00 29.25 ? 288 HOH B O   1 
HETATM 1635 O O   . HOH F 4 .   ? -2.729  -1.725  19.195  1.00 38.16 ? 289 HOH B O   1 
HETATM 1636 O O   . HOH F 4 .   ? 11.038  -20.120 -6.040  1.00 50.22 ? 290 HOH B O   1 
HETATM 1637 O O   . HOH F 4 .   ? 13.348  -2.449  9.565   1.00 30.53 ? 291 HOH B O   1 
HETATM 1638 O O   . HOH F 4 .   ? 9.264   -5.896  11.831  1.00 33.61 ? 292 HOH B O   1 
HETATM 1639 O O   . HOH F 4 .   ? -2.584  -5.414  -8.301  1.00 48.47 ? 293 HOH B O   1 
HETATM 1640 O O   . HOH F 4 .   ? 7.309   -12.174 14.675  1.00 34.25 ? 294 HOH B O   1 
HETATM 1641 O O   . HOH F 4 .   ? -9.211  -14.515 0.042   1.00 32.54 ? 295 HOH B O   1 
HETATM 1642 O O   . HOH F 4 .   ? -8.870  -5.216  18.649  1.00 20.33 ? 296 HOH B O   1 
HETATM 1643 O O   . HOH F 4 .   ? -12.062 9.371   -10.502 1.00 32.87 ? 297 HOH B O   1 
HETATM 1644 O O   . HOH F 4 .   ? 15.545  -5.837  1.461   1.00 33.71 ? 298 HOH B O   1 
HETATM 1645 O O   . HOH F 4 .   ? 3.251   1.411   19.205  1.00 34.23 ? 299 HOH B O   1 
HETATM 1646 O O   . HOH F 4 .   ? 15.942  -16.450 0.664   1.00 32.03 ? 300 HOH B O   1 
HETATM 1647 O O   . HOH F 4 .   ? -3.279  -6.742  -17.705 1.00 26.73 ? 301 HOH B O   1 
HETATM 1648 O O   . HOH F 4 .   ? 6.055   -15.948 7.708   1.00 27.88 ? 302 HOH B O   1 
HETATM 1649 O O   . HOH F 4 .   ? 10.766  -8.005  10.832  1.00 41.09 ? 303 HOH B O   1 
HETATM 1650 O O   . HOH F 4 .   ? 13.275  -1.447  -1.861  1.00 23.27 ? 304 HOH B O   1 
HETATM 1651 O O   . HOH F 4 .   ? -6.701  6.639   19.271  1.00 41.51 ? 305 HOH B O   1 
HETATM 1652 O O   . HOH F 4 .   ? 10.909  -1.677  -13.355 1.00 24.23 ? 306 HOH B O   1 
HETATM 1653 O O   . HOH F 4 .   ? 8.831   19.052  -0.217  1.00 29.34 ? 307 HOH B O   1 
HETATM 1654 O O   . HOH F 4 .   ? -7.190  17.940  1.506   1.00 48.60 ? 308 HOH B O   1 
HETATM 1655 O O   . HOH F 4 .   ? 3.761   -8.911  19.302  1.00 44.50 ? 309 HOH B O   1 
HETATM 1656 O O   . HOH F 4 .   ? -7.715  -5.925  21.315  1.00 49.21 ? 310 HOH B O   1 
HETATM 1657 O O   . HOH F 4 .   ? -1.589  17.201  10.438  1.00 44.66 ? 311 HOH B O   1 
HETATM 1658 O O   . HOH F 4 .   ? -14.732 -3.420  16.461  1.00 32.82 ? 312 HOH B O   1 
HETATM 1659 O O   . HOH F 4 .   ? 12.778  7.297   8.345   1.00 35.28 ? 313 HOH B O   1 
HETATM 1660 O O   . HOH F 4 .   ? -3.583  12.386  12.195  1.00 35.17 ? 314 HOH B O   1 
HETATM 1661 O O   . HOH F 4 .   ? -13.931 6.787   -10.337 1.00 45.37 ? 315 HOH B O   1 
HETATM 1662 O O   . HOH F 4 .   ? -2.924  -9.113  22.798  1.00 46.86 ? 316 HOH B O   1 
HETATM 1663 O O   . HOH F 4 .   ? 6.388   -19.860 -6.916  1.00 39.27 ? 317 HOH B O   1 
HETATM 1664 O O   . HOH F 4 .   ? 16.524  -3.149  8.194   1.00 38.12 ? 318 HOH B O   1 
HETATM 1665 O O   . HOH F 4 .   ? -5.147  11.516  -11.112 1.00 45.38 ? 319 HOH B O   1 
HETATM 1666 O O   . HOH F 4 .   ? 6.049   14.829  3.246   1.00 47.84 ? 320 HOH B O   1 
HETATM 1667 O O   . HOH F 4 .   ? 6.289   -7.218  16.003  1.00 34.95 ? 321 HOH B O   1 
HETATM 1668 O O   . HOH F 4 .   ? -5.795  -10.589 16.932  1.00 32.62 ? 322 HOH B O   1 
HETATM 1669 O O   . HOH F 4 .   ? -3.477  -8.966  19.769  1.00 54.02 ? 323 HOH B O   1 
HETATM 1670 O O   . HOH F 4 .   ? -15.726 -2.794  6.788   1.00 44.46 ? 324 HOH B O   1 
HETATM 1671 O O   . HOH F 4 .   ? -15.975 3.258   -2.979  1.00 40.53 ? 325 HOH B O   1 
HETATM 1672 O O   . HOH F 4 .   ? -12.546 4.424   10.051  1.00 39.30 ? 326 HOH B O   1 
HETATM 1673 O O   . HOH F 4 .   ? 15.483  2.820   -12.143 1.00 42.08 ? 327 HOH B O   1 
HETATM 1674 O O   . HOH F 4 .   ? 10.271  -16.740 1.748   1.00 29.57 ? 328 HOH B O   1 
HETATM 1675 O O   . HOH F 4 .   ? 17.370  4.523   -11.444 1.00 41.51 ? 329 HOH B O   1 
HETATM 1676 O O   . HOH F 4 .   ? 9.884   -13.776 11.383  1.00 46.17 ? 330 HOH B O   1 
HETATM 1677 O O   . HOH F 4 .   ? -0.305  -19.730 6.649   1.00 36.62 ? 331 HOH B O   1 
HETATM 1678 O O   . HOH F 4 .   ? -16.265 5.359   6.729   1.00 27.70 ? 332 HOH B O   1 
HETATM 1679 O O   . HOH F 4 .   ? -16.871 -3.633  9.066   1.00 43.08 ? 333 HOH B O   1 
HETATM 1680 O O   . HOH F 4 .   ? 11.577  -10.203 12.552  1.00 54.97 ? 334 HOH B O   1 
HETATM 1681 O O   . HOH F 4 .   ? 8.725   -17.644 -1.774  1.00 32.64 ? 335 HOH B O   1 
HETATM 1682 O O   . HOH F 4 .   ? -17.824 -5.094  5.499   1.00 35.34 ? 336 HOH B O   1 
HETATM 1683 O O   . HOH F 4 .   ? -17.705 0.913   -4.810  1.00 54.08 ? 337 HOH B O   1 
HETATM 1684 O O   . HOH F 4 .   ? 10.238  -12.759 13.860  1.00 45.16 ? 338 HOH B O   1 
HETATM 1685 O O   . HOH F 4 .   ? 13.737  10.150  3.684   1.00 50.51 ? 339 HOH B O   1 
HETATM 1686 O O   . HOH F 4 .   ? -4.661  -7.129  18.368  1.00 43.88 ? 340 HOH B O   1 
HETATM 1687 O O   . HOH F 4 .   ? -19.613 -4.139  -1.359  1.00 31.82 ? 341 HOH B O   1 
HETATM 1688 O O   . HOH F 4 .   ? -13.906 0.909   -16.262 1.00 48.38 ? 342 HOH B O   1 
HETATM 1689 O O   . HOH F 4 .   ? -2.782  2.190   21.268  1.00 32.25 ? 343 HOH B O   1 
HETATM 1690 O O   . HOH F 4 .   ? -10.746 -19.508 7.140   1.00 27.58 ? 344 HOH B O   1 
HETATM 1691 O O   . HOH F 4 .   ? 1.660   -20.031 8.466   1.00 45.31 ? 345 HOH B O   1 
HETATM 1692 O O   . HOH F 4 .   ? -16.905 6.669   4.134   1.00 37.98 ? 346 HOH B O   1 
HETATM 1693 O O   . HOH F 4 .   ? 17.326  -3.929  0.931   1.00 28.64 ? 347 HOH B O   1 
HETATM 1694 O O   . HOH F 4 .   ? 11.740  -3.451  12.413  1.00 41.67 ? 348 HOH B O   1 
HETATM 1695 O O   . HOH F 4 .   ? -13.444 6.419   -12.981 1.00 36.03 ? 349 HOH B O   1 
HETATM 1696 O O   . HOH F 4 .   ? 8.095   -1.095  -9.582  1.00 33.12 ? 350 HOH B O   1 
HETATM 1697 O O   . HOH F 4 .   ? 9.490   -2.740  -11.118 1.00 18.47 ? 351 HOH B O   1 
HETATM 1698 O O   . HOH F 4 .   ? -7.836  -1.880  -21.349 1.00 30.21 ? 352 HOH B O   1 
HETATM 1699 O O   . HOH F 4 .   ? 12.344  7.833   1.884   1.00 17.55 ? 353 HOH B O   1 
HETATM 1700 O O   . HOH F 4 .   ? 13.811  5.511   1.592   1.00 18.21 ? 354 HOH B O   1 
HETATM 1701 O O   . HOH F 4 .   ? 14.396  3.880   3.713   1.00 20.33 ? 355 HOH B O   1 
HETATM 1702 O O   . HOH F 4 .   ? -8.733  11.081  -6.906  1.00 35.63 ? 356 HOH B O   1 
HETATM 1703 O O   . HOH F 4 .   ? 1.345   -8.558  -4.852  1.00 40.98 ? 357 HOH B O   1 
HETATM 1704 O O   . HOH F 4 .   ? -17.506 -0.412  -0.690  1.00 34.37 ? 358 HOH B O   1 
HETATM 1705 O O   . HOH F 4 .   ? -17.523 -2.843  0.742   1.00 33.66 ? 359 HOH B O   1 
HETATM 1706 O O   . HOH F 4 .   ? -7.078  -10.939 -2.239  1.00 30.24 ? 360 HOH B O   1 
HETATM 1707 O O   . HOH F 4 .   ? -9.053  13.276  2.924   1.00 27.16 ? 361 HOH B O   1 
HETATM 1708 O O   . HOH F 4 .   ? 4.409   -9.533  12.458  1.00 27.56 ? 362 HOH B O   1 
HETATM 1709 O O   . HOH F 4 .   ? -15.190 -0.448  14.069  1.00 25.98 ? 363 HOH B O   1 
HETATM 1710 O O   . HOH F 4 .   ? 3.042   -19.131 12.807  1.00 42.91 ? 364 HOH B O   1 
HETATM 1711 O O   . HOH F 4 .   ? -0.854  -7.470  23.745  1.00 60.19 ? 365 HOH B O   1 
HETATM 1712 O O   . HOH F 4 .   ? -1.187  0.129   21.725  1.00 40.80 ? 366 HOH B O   1 
HETATM 1713 O O   . HOH F 4 .   ? 11.011  19.801  -5.690  1.00 21.24 ? 367 HOH B O   1 
HETATM 1714 O O   . HOH F 4 .   ? 12.500  18.215  -4.070  1.00 35.11 ? 368 HOH B O   1 
HETATM 1715 O O   . HOH F 4 .   ? 14.083  15.504  -5.284  1.00 43.28 ? 369 HOH B O   1 
HETATM 1716 O O   . HOH F 4 .   ? 0.203   -9.099  -8.997  1.00 46.37 ? 370 HOH B O   1 
HETATM 1717 O O   . HOH F 4 .   ? -2.641  -8.007  -2.783  1.00 45.27 ? 371 HOH B O   1 
HETATM 1718 O O   . HOH F 4 .   ? -0.193  -8.805  -2.783  1.00 38.31 ? 372 HOH B O   1 
# 
loop_
_pdbx_poly_seq_scheme.asym_id 
_pdbx_poly_seq_scheme.entity_id 
_pdbx_poly_seq_scheme.seq_id 
_pdbx_poly_seq_scheme.mon_id 
_pdbx_poly_seq_scheme.ndb_seq_num 
_pdbx_poly_seq_scheme.pdb_seq_num 
_pdbx_poly_seq_scheme.auth_seq_num 
_pdbx_poly_seq_scheme.pdb_mon_id 
_pdbx_poly_seq_scheme.auth_mon_id 
_pdbx_poly_seq_scheme.pdb_strand_id 
_pdbx_poly_seq_scheme.pdb_ins_code 
_pdbx_poly_seq_scheme.hetero 
A 1 1   GLY 1   -3  -3  GLY GLY B . n 
A 1 2   SER 2   -2  -2  SER SER B . n 
A 1 3   HIS 3   -1  -1  HIS HIS B . n 
A 1 4   MET 4   0   0   MET MET B . n 
A 1 5   ASP 5   1   1   ASP ASP B . n 
A 1 6   THR 6   2   2   THR THR B . n 
A 1 7   THR 7   3   3   THR THR B . n 
A 1 8   ILE 8   4   4   ILE ILE B . n 
A 1 9   THR 9   5   5   THR THR B . n 
A 1 10  GLN 10  6   6   GLN ALA B . n 
A 1 11  ASN 11  7   7   ASN ASN B . n 
A 1 12  GLN 12  8   8   GLN GLN B . n 
A 1 13  THR 13  9   9   THR THR B . n 
A 1 14  GLY 14  10  10  GLY GLY B . n 
A 1 15  TYR 15  11  11  TYR TYR B . n 
A 1 16  ASP 16  12  12  ASP ASP B . n 
A 1 17  ASN 17  13  13  ASN ASN B . n 
A 1 18  GLY 18  14  14  GLY GLY B . n 
A 1 19  TYR 19  15  15  TYR TYR B . n 
A 1 20  PHE 20  16  16  PHE PHE B . n 
A 1 21  TYR 21  17  17  TYR TYR B . n 
A 1 22  SER 22  18  18  SER SER B . n 
A 1 23  PHE 23  19  19  PHE PHE B . n 
A 1 24  TRP 24  20  20  TRP TRP B . n 
A 1 25  THR 25  21  21  THR THR B . n 
A 1 26  ASP 26  22  22  ASP ASP B . n 
A 1 27  ALA 27  23  23  ALA ALA B . n 
A 1 28  PRO 28  24  24  PRO PRO B . n 
A 1 29  GLY 29  25  25  GLY GLY B . n 
A 1 30  THR 30  26  26  THR THR B . n 
A 1 31  VAL 31  27  27  VAL VAL B . n 
A 1 32  SER 32  28  28  SER SER B . n 
A 1 33  MET 33  29  29  MET MET B . n 
A 1 34  THR 34  30  30  THR THR B . n 
A 1 35  LEU 35  31  31  LEU LEU B . n 
A 1 36  HIS 36  32  32  HIS HIS B . n 
A 1 37  SER 37  33  33  SER SER B . n 
A 1 38  GLY 38  34  34  GLY GLY B . n 
A 1 39  GLY 39  35  35  GLY GLY B . n 
A 1 40  SER 40  36  36  SER SER B . n 
A 1 41  TYR 41  37  37  TYR TYR B . n 
A 1 42  SER 42  38  38  SER SER B . n 
A 1 43  THR 43  39  39  THR THR B . n 
A 1 44  SER 44  40  40  SER SER B . n 
A 1 45  TRP 45  41  41  TRP TRP B . n 
A 1 46  ARG 46  42  42  ARG ALA B . n 
A 1 47  ASN 47  43  43  ASN ASN B . n 
A 1 48  THR 48  44  44  THR THR B . n 
A 1 49  GLY 49  45  45  GLY GLY B . n 
A 1 50  HIS 50  46  46  HIS HIS B . n 
A 1 51  PHE 51  47  47  PHE PHE B . n 
A 1 52  LYS 52  48  48  LYS ALA B . n 
A 1 53  ALA 53  49  49  ALA ALA B . n 
A 1 54  GLY 54  50  50  GLY GLY B . n 
A 1 55  LYS 55  51  51  LYS LYS B . n 
A 1 56  GLY 56  52  52  GLY GLY B . n 
A 1 57  TRP 57  53  53  TRP TRP B . n 
A 1 58  SER 58  54  54  SER SER B . n 
A 1 59  THR 59  55  55  THR THR B . n 
A 1 60  GLY 60  56  56  GLY GLY B . n 
A 1 61  GLY 61  57  57  GLY GLY B . n 
A 1 62  ARG 62  58  58  ARG ARG B . n 
A 1 63  ARG 63  59  59  ARG ARG B . n 
A 1 64  THR 64  60  60  THR THR B . n 
A 1 65  VAL 65  61  61  VAL VAL B . n 
A 1 66  THR 66  62  62  THR THR B . n 
A 1 67  TYR 67  63  63  TYR TYR B . n 
A 1 68  ASN 68  64  64  ASN ASN B . n 
A 1 69  ALA 69  65  65  ALA ALA B . n 
A 1 70  SER 70  66  66  SER SER B . n 
A 1 71  PHE 71  67  67  PHE PHE B . n 
A 1 72  ASN 72  68  68  ASN ASN B . n 
A 1 73  PRO 73  69  69  PRO PRO B . n 
A 1 74  SER 74  70  70  SER SER B . n 
A 1 75  GLY 75  71  71  GLY GLY B . n 
A 1 76  ILE 76  72  72  ILE ILE B . n 
A 1 77  ALA 77  73  73  ALA ALA B . n 
A 1 78  TYR 78  74  74  TYR TYR B . n 
A 1 79  LEU 79  75  75  LEU LEU B . n 
A 1 80  THR 80  76  76  THR THR B . n 
A 1 81  LEU 81  77  77  LEU LEU B . n 
A 1 82  TYR 82  78  78  TYR TYR B . n 
A 1 83  GLY 83  79  79  GLY GLY B . n 
A 1 84  TRP 84  80  80  TRP TRP B . n 
A 1 85  THR 85  81  81  THR THR B . n 
A 1 86  ARG 86  82  82  ARG ARG B . n 
A 1 87  ASN 87  83  83  ASN ASN B . n 
A 1 88  PRO 88  84  84  PRO PRO B . n 
A 1 89  LEU 89  85  85  LEU LEU B . n 
A 1 90  VAL 90  86  86  VAL VAL B . n 
A 1 91  SER 91  87  87  SER SER B . n 
A 1 92  TYR 92  88  88  TYR TYR B . n 
A 1 93  LEU 93  89  89  LEU LEU B . n 
A 1 94  ILE 94  90  90  ILE ILE B . n 
A 1 95  VAL 95  91  91  VAL VAL B . n 
A 1 96  GLU 96  92  92  GLU GLU B . n 
A 1 97  SER 97  93  93  SER SER B . n 
A 1 98  TRP 98  94  94  TRP TRP B . n 
A 1 99  GLY 99  95  95  GLY GLY B . n 
A 1 100 THR 100 96  96  THR THR B . n 
A 1 101 TYR 101 97  97  TYR TYR B . n 
A 1 102 ARG 102 98  98  ARG ARG B . n 
A 1 103 PRO 103 99  99  PRO PRO B . n 
A 1 104 THR 104 100 100 THR THR B . n 
A 1 105 GLY 105 101 101 GLY GLY B . n 
A 1 106 THR 106 102 102 THR THR B . n 
A 1 107 TYR 107 103 103 TYR TYR B . n 
A 1 108 LYS 108 104 104 LYS LYS B . n 
A 1 109 GLY 109 105 105 GLY GLY B . n 
A 1 110 THR 110 106 106 THR THR B . n 
A 1 111 VAL 111 107 107 VAL VAL B . n 
A 1 112 THR 112 108 108 THR THR B . n 
A 1 113 THR 113 109 109 THR THR B . n 
A 1 114 ASP 114 110 110 ASP ASP B . n 
A 1 115 GLY 115 111 111 GLY GLY B . n 
A 1 116 GLY 116 112 112 GLY GLY B . n 
A 1 117 THR 117 113 113 THR THR B . n 
A 1 118 TYR 118 114 114 TYR TYR B . n 
A 1 119 ASP 119 115 115 ASP ASP B . n 
A 1 120 ILE 120 116 116 ILE ILE B . n 
A 1 121 TYR 121 117 117 TYR TYR B . n 
A 1 122 GLU 122 118 118 GLU GLU B . n 
A 1 123 THR 123 119 119 THR THR B . n 
A 1 124 TRP 124 120 120 TRP TRP B . n 
A 1 125 ARG 125 121 121 ARG ARG B . n 
A 1 126 TYR 126 122 122 TYR TYR B . n 
A 1 127 ASN 127 123 123 ASN ASN B . n 
A 1 128 ALA 128 124 124 ALA ALA B . n 
A 1 129 PRO 129 125 125 PRO PRO B . n 
A 1 130 SER 130 126 126 SER SER B . n 
A 1 131 ILE 131 127 127 ILE ILE B . n 
A 1 132 GLU 132 128 128 GLU GLU B . n 
A 1 133 GLY 133 129 129 GLY GLY B . n 
A 1 134 THR 134 130 130 THR THR B . n 
A 1 135 ARG 135 131 131 ARG ARG B . n 
A 1 136 THR 136 132 132 THR THR B . n 
A 1 137 PHE 137 133 133 PHE PHE B . n 
A 1 138 GLN 138 134 134 GLN GLN B . n 
A 1 139 ILE 139 135 135 ILE ILE B . n 
A 1 140 PHE 140 136 136 PHE PHE B . n 
A 1 141 TRP 141 137 137 TRP TRP B . n 
A 1 142 SER 142 138 138 SER SER B . n 
A 1 143 VAL 143 139 139 VAL VAL B . n 
A 1 144 ARG 144 140 140 ARG ARG B . n 
A 1 145 GLN 145 141 141 GLN GLN B . n 
A 1 146 GLN 146 142 142 GLN ALA B . n 
A 1 147 LYS 147 143 143 LYS LYS B . n 
A 1 148 ARG 148 144 144 ARG ARG B . n 
A 1 149 THR 149 145 145 THR THR B . n 
A 1 150 SER 150 146 146 SER SER B . n 
A 1 151 GLY 151 147 147 GLY GLY B . n 
A 1 152 THR 152 148 148 THR THR B . n 
A 1 153 ILE 153 149 149 ILE ILE B . n 
A 1 154 THR 154 150 150 THR THR B . n 
A 1 155 ILE 155 151 151 ILE ILE B . n 
A 1 156 GLY 156 152 152 GLY GLY B . n 
A 1 157 ASN 157 153 153 ASN ASN B . n 
A 1 158 HIS 158 154 154 HIS HIS B . n 
A 1 159 PHE 159 155 155 PHE PHE B . n 
A 1 160 ASP 160 156 156 ASP ASP B . n 
A 1 161 ALA 161 157 157 ALA ALA B . n 
A 1 162 TRP 162 158 158 TRP TRP B . n 
A 1 163 ALA 163 159 159 ALA ALA B . n 
A 1 164 ARG 164 160 160 ARG ARG B . n 
A 1 165 ALA 165 161 161 ALA ALA B . n 
A 1 166 GLY 166 162 162 GLY GLY B . n 
A 1 167 MET 167 163 163 MET MET B . n 
A 1 168 ASN 168 164 164 ASN ASN B . n 
A 1 169 LEU 169 165 165 LEU LEU B . n 
A 1 170 GLY 170 166 166 GLY GLY B . n 
A 1 171 SER 171 167 167 SER SER B . n 
A 1 172 HIS 172 168 168 HIS HIS B . n 
A 1 173 ASP 173 169 169 ASP ASP B . n 
A 1 174 TYR 174 170 170 TYR TYR B . n 
A 1 175 GLN 175 171 171 GLN GLN B . n 
A 1 176 ILE 176 172 172 ILE ILE B . n 
A 1 177 MET 177 173 173 MET MET B . n 
A 1 178 ALA 178 174 174 ALA ALA B . n 
A 1 179 THR 179 175 175 THR THR B . n 
A 1 180 LYS 180 176 176 LYS LYS B . n 
A 1 181 GLY 181 177 177 GLY GLY B . n 
A 1 182 TRP 182 178 178 TRP TRP B . n 
A 1 183 GLN 183 179 179 GLN GLN B . n 
A 1 184 SER 184 180 180 SER SER B . n 
A 1 185 SER 185 181 181 SER SER B . n 
A 1 186 GLY 186 182 182 GLY GLY B . n 
A 1 187 SER 187 183 183 SER SER B . n 
A 1 188 SER 188 184 184 SER SER B . n 
A 1 189 THR 189 185 185 THR THR B . n 
A 1 190 VAL 190 186 186 VAL VAL B . n 
A 1 191 SER 191 187 187 SER SER B . n 
A 1 192 ILE 192 188 188 ILE ILE B . n 
A 1 193 SER 193 189 189 SER SER B . n 
A 1 194 GLU 194 190 190 GLU GLU B . n 
A 1 195 GLY 195 191 191 GLY GLY B . n 
A 1 196 GLY 196 192 192 GLY GLY B . n 
A 1 197 ASN 197 193 193 ASN ASN B . n 
A 1 198 PRO 198 194 194 PRO PRO B . n 
# 
loop_
_pdbx_nonpoly_scheme.asym_id 
_pdbx_nonpoly_scheme.entity_id 
_pdbx_nonpoly_scheme.mon_id 
_pdbx_nonpoly_scheme.ndb_seq_num 
_pdbx_nonpoly_scheme.pdb_seq_num 
_pdbx_nonpoly_scheme.auth_seq_num 
_pdbx_nonpoly_scheme.pdb_mon_id 
_pdbx_nonpoly_scheme.auth_mon_id 
_pdbx_nonpoly_scheme.pdb_strand_id 
_pdbx_nonpoly_scheme.pdb_ins_code 
B 2 SO4 1   195 1   SO4 SO4 B . 
C 2 SO4 1   196 2   SO4 SO4 B . 
D 3 NH4 1   197 1   NH4 NH4 B . 
E 3 NH4 1   198 2   NH4 NH4 B . 
F 4 HOH 1   199 2   HOH HOH B . 
F 4 HOH 2   200 3   HOH HOH B . 
F 4 HOH 3   201 4   HOH HOH B . 
F 4 HOH 4   202 5   HOH HOH B . 
F 4 HOH 5   203 6   HOH HOH B . 
F 4 HOH 6   204 7   HOH HOH B . 
F 4 HOH 7   205 8   HOH HOH B . 
F 4 HOH 8   206 9   HOH HOH B . 
F 4 HOH 9   207 10  HOH HOH B . 
F 4 HOH 10  208 11  HOH HOH B . 
F 4 HOH 11  209 12  HOH HOH B . 
F 4 HOH 12  210 13  HOH HOH B . 
F 4 HOH 13  211 14  HOH HOH B . 
F 4 HOH 14  212 15  HOH HOH B . 
F 4 HOH 15  213 16  HOH HOH B . 
F 4 HOH 16  214 17  HOH HOH B . 
F 4 HOH 17  215 18  HOH HOH B . 
F 4 HOH 18  216 19  HOH HOH B . 
F 4 HOH 19  217 20  HOH HOH B . 
F 4 HOH 20  218 21  HOH HOH B . 
F 4 HOH 21  219 22  HOH HOH B . 
F 4 HOH 22  220 23  HOH HOH B . 
F 4 HOH 23  221 24  HOH HOH B . 
F 4 HOH 24  222 25  HOH HOH B . 
F 4 HOH 25  223 26  HOH HOH B . 
F 4 HOH 26  224 27  HOH HOH B . 
F 4 HOH 27  225 28  HOH HOH B . 
F 4 HOH 28  226 29  HOH HOH B . 
F 4 HOH 29  227 30  HOH HOH B . 
F 4 HOH 30  228 31  HOH HOH B . 
F 4 HOH 31  229 32  HOH HOH B . 
F 4 HOH 32  230 34  HOH HOH B . 
F 4 HOH 33  231 35  HOH HOH B . 
F 4 HOH 34  232 36  HOH HOH B . 
F 4 HOH 35  233 37  HOH HOH B . 
F 4 HOH 36  234 38  HOH HOH B . 
F 4 HOH 37  235 39  HOH HOH B . 
F 4 HOH 38  236 40  HOH HOH B . 
F 4 HOH 39  237 41  HOH HOH B . 
F 4 HOH 40  238 42  HOH HOH B . 
F 4 HOH 41  239 43  HOH HOH B . 
F 4 HOH 42  240 44  HOH HOH B . 
F 4 HOH 43  241 45  HOH HOH B . 
F 4 HOH 44  242 46  HOH HOH B . 
F 4 HOH 45  243 47  HOH HOH B . 
F 4 HOH 46  244 48  HOH HOH B . 
F 4 HOH 47  245 49  HOH HOH B . 
F 4 HOH 48  246 50  HOH HOH B . 
F 4 HOH 49  247 51  HOH HOH B . 
F 4 HOH 50  248 54  HOH HOH B . 
F 4 HOH 51  249 55  HOH HOH B . 
F 4 HOH 52  250 56  HOH HOH B . 
F 4 HOH 53  251 58  HOH HOH B . 
F 4 HOH 54  252 59  HOH HOH B . 
F 4 HOH 55  253 60  HOH HOH B . 
F 4 HOH 56  254 61  HOH HOH B . 
F 4 HOH 57  255 62  HOH HOH B . 
F 4 HOH 58  256 63  HOH HOH B . 
F 4 HOH 59  257 64  HOH HOH B . 
F 4 HOH 60  258 66  HOH HOH B . 
F 4 HOH 61  259 67  HOH HOH B . 
F 4 HOH 62  260 68  HOH HOH B . 
F 4 HOH 63  261 69  HOH HOH B . 
F 4 HOH 64  262 70  HOH HOH B . 
F 4 HOH 65  263 71  HOH HOH B . 
F 4 HOH 66  264 72  HOH HOH B . 
F 4 HOH 67  265 73  HOH HOH B . 
F 4 HOH 68  266 74  HOH HOH B . 
F 4 HOH 69  267 75  HOH HOH B . 
F 4 HOH 70  268 76  HOH HOH B . 
F 4 HOH 71  269 77  HOH HOH B . 
F 4 HOH 72  270 79  HOH HOH B . 
F 4 HOH 73  271 80  HOH HOH B . 
F 4 HOH 74  272 81  HOH HOH B . 
F 4 HOH 75  273 82  HOH HOH B . 
F 4 HOH 76  274 83  HOH HOH B . 
F 4 HOH 77  275 84  HOH HOH B . 
F 4 HOH 78  276 85  HOH HOH B . 
F 4 HOH 79  277 86  HOH HOH B . 
F 4 HOH 80  278 88  HOH HOH B . 
F 4 HOH 81  279 89  HOH HOH B . 
F 4 HOH 82  280 90  HOH HOH B . 
F 4 HOH 83  281 91  HOH HOH B . 
F 4 HOH 84  282 93  HOH HOH B . 
F 4 HOH 85  283 94  HOH HOH B . 
F 4 HOH 86  284 95  HOH HOH B . 
F 4 HOH 87  285 96  HOH HOH B . 
F 4 HOH 88  286 97  HOH HOH B . 
F 4 HOH 89  287 98  HOH HOH B . 
F 4 HOH 90  288 99  HOH HOH B . 
F 4 HOH 91  289 100 HOH HOH B . 
F 4 HOH 92  290 101 HOH HOH B . 
F 4 HOH 93  291 102 HOH HOH B . 
F 4 HOH 94  292 104 HOH HOH B . 
F 4 HOH 95  293 105 HOH HOH B . 
F 4 HOH 96  294 106 HOH HOH B . 
F 4 HOH 97  295 107 HOH HOH B . 
F 4 HOH 98  296 108 HOH HOH B . 
F 4 HOH 99  297 109 HOH HOH B . 
F 4 HOH 100 298 112 HOH HOH B . 
F 4 HOH 101 299 113 HOH HOH B . 
F 4 HOH 102 300 114 HOH HOH B . 
F 4 HOH 103 301 115 HOH HOH B . 
F 4 HOH 104 302 116 HOH HOH B . 
F 4 HOH 105 303 118 HOH HOH B . 
F 4 HOH 106 304 119 HOH HOH B . 
F 4 HOH 107 305 120 HOH HOH B . 
F 4 HOH 108 306 121 HOH HOH B . 
F 4 HOH 109 307 122 HOH HOH B . 
F 4 HOH 110 308 123 HOH HOH B . 
F 4 HOH 111 309 124 HOH HOH B . 
F 4 HOH 112 310 125 HOH HOH B . 
F 4 HOH 113 311 126 HOH HOH B . 
F 4 HOH 114 312 127 HOH HOH B . 
F 4 HOH 115 313 128 HOH HOH B . 
F 4 HOH 116 314 129 HOH HOH B . 
F 4 HOH 117 315 130 HOH HOH B . 
F 4 HOH 118 316 133 HOH HOH B . 
F 4 HOH 119 317 135 HOH HOH B . 
F 4 HOH 120 318 136 HOH HOH B . 
F 4 HOH 121 319 137 HOH HOH B . 
F 4 HOH 122 320 138 HOH HOH B . 
F 4 HOH 123 321 139 HOH HOH B . 
F 4 HOH 124 322 141 HOH HOH B . 
F 4 HOH 125 323 142 HOH HOH B . 
F 4 HOH 126 324 144 HOH HOH B . 
F 4 HOH 127 325 145 HOH HOH B . 
F 4 HOH 128 326 146 HOH HOH B . 
F 4 HOH 129 327 148 HOH HOH B . 
F 4 HOH 130 328 150 HOH HOH B . 
F 4 HOH 131 329 151 HOH HOH B . 
F 4 HOH 132 330 152 HOH HOH B . 
F 4 HOH 133 331 153 HOH HOH B . 
F 4 HOH 134 332 154 HOH HOH B . 
F 4 HOH 135 333 155 HOH HOH B . 
F 4 HOH 136 334 156 HOH HOH B . 
F 4 HOH 137 335 158 HOH HOH B . 
F 4 HOH 138 336 159 HOH HOH B . 
F 4 HOH 139 337 160 HOH HOH B . 
F 4 HOH 140 338 162 HOH HOH B . 
F 4 HOH 141 339 164 HOH HOH B . 
F 4 HOH 142 340 165 HOH HOH B . 
F 4 HOH 143 341 167 HOH HOH B . 
F 4 HOH 144 342 171 HOH HOH B . 
F 4 HOH 145 343 174 HOH HOH B . 
F 4 HOH 146 344 176 HOH HOH B . 
F 4 HOH 147 345 177 HOH HOH B . 
F 4 HOH 148 346 179 HOH HOH B . 
F 4 HOH 149 347 180 HOH HOH B . 
F 4 HOH 150 348 181 HOH HOH B . 
F 4 HOH 151 349 182 HOH HOH B . 
F 4 HOH 152 350 191 HOH HOH B . 
F 4 HOH 153 351 192 HOH HOH B . 
F 4 HOH 154 352 195 HOH HOH B . 
F 4 HOH 155 353 196 HOH HOH B . 
F 4 HOH 156 354 197 HOH HOH B . 
F 4 HOH 157 355 198 HOH HOH B . 
F 4 HOH 158 356 200 HOH HOH B . 
F 4 HOH 159 357 201 HOH HOH B . 
F 4 HOH 160 358 202 HOH HOH B . 
F 4 HOH 161 359 203 HOH HOH B . 
F 4 HOH 162 360 204 HOH HOH B . 
F 4 HOH 163 361 205 HOH HOH B . 
F 4 HOH 164 362 206 HOH HOH B . 
F 4 HOH 165 363 207 HOH HOH B . 
F 4 HOH 166 364 208 HOH HOH B . 
F 4 HOH 167 365 209 HOH HOH B . 
F 4 HOH 168 366 210 HOH HOH B . 
F 4 HOH 169 367 211 HOH HOH B . 
F 4 HOH 170 368 212 HOH HOH B . 
F 4 HOH 171 369 213 HOH HOH B . 
F 4 HOH 172 370 214 HOH HOH B . 
F 4 HOH 173 371 215 HOH HOH B . 
F 4 HOH 174 372 216 HOH HOH B . 
# 
_pdbx_struct_assembly.id                   1 
_pdbx_struct_assembly.details              author_and_software_defined_assembly 
_pdbx_struct_assembly.method_details       PISA 
_pdbx_struct_assembly.oligomeric_details   monomeric 
_pdbx_struct_assembly.oligomeric_count     1 
# 
_pdbx_struct_assembly_gen.assembly_id       1 
_pdbx_struct_assembly_gen.oper_expression   1 
_pdbx_struct_assembly_gen.asym_id_list      A,B,C,D,E,F 
# 
_pdbx_struct_oper_list.id                   1 
_pdbx_struct_oper_list.type                 'identity operation' 
_pdbx_struct_oper_list.name                 1_555 
_pdbx_struct_oper_list.symmetry_operation   x,y,z 
_pdbx_struct_oper_list.matrix[1][1]         1.0000000000 
_pdbx_struct_oper_list.matrix[1][2]         0.0000000000 
_pdbx_struct_oper_list.matrix[1][3]         0.0000000000 
_pdbx_struct_oper_list.vector[1]            0.0000000000 
_pdbx_struct_oper_list.matrix[2][1]         0.0000000000 
_pdbx_struct_oper_list.matrix[2][2]         1.0000000000 
_pdbx_struct_oper_list.matrix[2][3]         0.0000000000 
_pdbx_struct_oper_list.vector[2]            0.0000000000 
_pdbx_struct_oper_list.matrix[3][1]         0.0000000000 
_pdbx_struct_oper_list.matrix[3][2]         0.0000000000 
_pdbx_struct_oper_list.matrix[3][3]         1.0000000000 
_pdbx_struct_oper_list.vector[3]            0.0000000000 
# 
loop_
_pdbx_audit_revision_history.ordinal 
_pdbx_audit_revision_history.data_content_type 
_pdbx_audit_revision_history.major_revision 
_pdbx_audit_revision_history.minor_revision 
_pdbx_audit_revision_history.revision_date 
1 'Structure model' 1 0 2008-01-22 
2 'Structure model' 1 1 2011-07-13 
3 'Structure model' 1 2 2023-08-30 
# 
_pdbx_audit_revision_details.ordinal             1 
_pdbx_audit_revision_details.revision_ordinal    1 
_pdbx_audit_revision_details.data_content_type   'Structure model' 
_pdbx_audit_revision_details.provider            repository 
_pdbx_audit_revision_details.type                'Initial release' 
_pdbx_audit_revision_details.description         ? 
_pdbx_audit_revision_details.details             ? 
# 
loop_
_pdbx_audit_revision_group.ordinal 
_pdbx_audit_revision_group.revision_ordinal 
_pdbx_audit_revision_group.data_content_type 
_pdbx_audit_revision_group.group 
1 2 'Structure model' Advisory                    
2 2 'Structure model' 'Version format compliance' 
3 3 'Structure model' 'Data collection'           
4 3 'Structure model' 'Database references'       
5 3 'Structure model' 'Derived calculations'      
6 3 'Structure model' 'Refinement description'    
# 
loop_
_pdbx_audit_revision_category.ordinal 
_pdbx_audit_revision_category.revision_ordinal 
_pdbx_audit_revision_category.data_content_type 
_pdbx_audit_revision_category.category 
1 3 'Structure model' chem_comp_atom                
2 3 'Structure model' chem_comp_bond                
3 3 'Structure model' database_2                    
4 3 'Structure model' pdbx_initial_refinement_model 
5 3 'Structure model' struct_site                   
# 
loop_
_pdbx_audit_revision_item.ordinal 
_pdbx_audit_revision_item.revision_ordinal 
_pdbx_audit_revision_item.data_content_type 
_pdbx_audit_revision_item.item 
1 3 'Structure model' '_database_2.pdbx_DOI'                
2 3 'Structure model' '_database_2.pdbx_database_accession' 
3 3 'Structure model' '_struct_site.pdbx_auth_asym_id'      
4 3 'Structure model' '_struct_site.pdbx_auth_comp_id'      
5 3 'Structure model' '_struct_site.pdbx_auth_seq_id'       
# 
_pdbx_refine_tls.id               1 
_pdbx_refine_tls.details          ? 
_pdbx_refine_tls.method           refined 
_pdbx_refine_tls.origin_x         0.0085 
_pdbx_refine_tls.origin_y         -0.6510 
_pdbx_refine_tls.origin_z         0.1565 
_pdbx_refine_tls.T[1][1]          -0.0119 
_pdbx_refine_tls.T[2][2]          -0.0234 
_pdbx_refine_tls.T[3][3]          -0.0227 
_pdbx_refine_tls.T[1][2]          -0.0073 
_pdbx_refine_tls.T[1][3]          0.0022 
_pdbx_refine_tls.T[2][3]          -0.0038 
_pdbx_refine_tls.L[1][1]          0.4186 
_pdbx_refine_tls.L[2][2]          0.5298 
_pdbx_refine_tls.L[3][3]          0.5641 
_pdbx_refine_tls.L[1][2]          0.2697 
_pdbx_refine_tls.L[1][3]          -0.2180 
_pdbx_refine_tls.L[2][3]          -0.2378 
_pdbx_refine_tls.S[1][1]          0.0014 
_pdbx_refine_tls.S[2][2]          -0.0258 
_pdbx_refine_tls.S[3][3]          0.0245 
_pdbx_refine_tls.S[1][2]          -0.0119 
_pdbx_refine_tls.S[1][3]          -0.0178 
_pdbx_refine_tls.S[2][3]          -0.0038 
_pdbx_refine_tls.S[2][1]          0.0092 
_pdbx_refine_tls.S[3][1]          0.0128 
_pdbx_refine_tls.S[3][2]          0.0293 
_pdbx_refine_tls.pdbx_refine_id   'X-RAY DIFFRACTION' 
# 
_pdbx_refine_tls_group.id                  1 
_pdbx_refine_tls_group.refine_tls_id       1 
_pdbx_refine_tls_group.beg_label_asym_id   A 
_pdbx_refine_tls_group.beg_label_seq_id    1 
_pdbx_refine_tls_group.end_label_asym_id   A 
_pdbx_refine_tls_group.end_label_seq_id    198 
_pdbx_refine_tls_group.selection           ? 
_pdbx_refine_tls_group.beg_auth_asym_id    B 
_pdbx_refine_tls_group.beg_auth_seq_id     -3 
_pdbx_refine_tls_group.end_auth_asym_id    B 
_pdbx_refine_tls_group.end_auth_seq_id     194 
_pdbx_refine_tls_group.pdbx_refine_id      'X-RAY DIFFRACTION' 
_pdbx_refine_tls_group.selection_details   ? 
# 
_pdbx_phasing_MR.entry_id                     3B5L 
_pdbx_phasing_MR.method_rotation              ? 
_pdbx_phasing_MR.method_translation           ? 
_pdbx_phasing_MR.model_details                'Phaser MODE: MR_AUTO' 
_pdbx_phasing_MR.R_factor                     ? 
_pdbx_phasing_MR.R_rigid_body                 ? 
_pdbx_phasing_MR.correlation_coeff_Fo_to_Fc   ? 
_pdbx_phasing_MR.correlation_coeff_Io_to_Ic   ? 
_pdbx_phasing_MR.d_res_high_rotation          1.800 
_pdbx_phasing_MR.d_res_low_rotation           33.710 
_pdbx_phasing_MR.d_res_high_translation       1.800 
_pdbx_phasing_MR.d_res_low_translation        33.710 
_pdbx_phasing_MR.packing                      ? 
_pdbx_phasing_MR.reflns_percent_rotation      ? 
_pdbx_phasing_MR.reflns_percent_translation   ? 
_pdbx_phasing_MR.sigma_F_rotation             ? 
_pdbx_phasing_MR.sigma_F_translation          ? 
_pdbx_phasing_MR.sigma_I_rotation             ? 
_pdbx_phasing_MR.sigma_I_translation          ? 
# 
_phasing.method   MR 
# 
loop_
_software.name 
_software.version 
_software.date 
_software.type 
_software.contact_author 
_software.contact_author_email 
_software.classification 
_software.location 
_software.language 
_software.citation_id 
_software.pdbx_ordinal 
d*TREK       '9.7 W8RSSI' 'Apr 30 2007'  package 'Pflugrath, J.W.' jwp@RigakuMSC.com           'data scaling'    
http://www.msc.com/protein/dtrek.html       ?          ? 1 
PHASER       .            ?              other   'R. J. Read'      cimr-phaser@lists.cam.ac.uk phasing           
http://www-structmed.cimr.cam.ac.uk/phaser/ ?          ? 2 
REFMAC       .            ?              program 'Murshudov, G.N.' ccp4@dl.ac.uk               refinement        
http://www.ccp4.ac.uk/main.html             Fortran_77 ? 3 
PDB_EXTRACT  3.000        'July 2, 2007' package PDB               sw-help@rcsb.rutgers.edu    'data extraction' 
http://pdb.rutgers.edu/software/            C++        ? 4 
CrystalClear .            ?              ?       ?                 ?                           'data collection' ? ?          ? 5 
CrystalClear .            ?              ?       ?                 ?                           'data reduction'  ? ?          ? 6 
# 
loop_
_pdbx_validate_torsion.id 
_pdbx_validate_torsion.PDB_model_num 
_pdbx_validate_torsion.auth_comp_id 
_pdbx_validate_torsion.auth_asym_id 
_pdbx_validate_torsion.auth_seq_id 
_pdbx_validate_torsion.PDB_ins_code 
_pdbx_validate_torsion.label_alt_id 
_pdbx_validate_torsion.phi 
_pdbx_validate_torsion.psi 
1 1 ASP B 169 ? ? -97.85 -142.73 
2 1 GLN B 179 ? ? 61.13  -166.76 
3 1 SER B 180 ? ? 55.90  -153.72 
# 
loop_
_pdbx_unobs_or_zero_occ_atoms.id 
_pdbx_unobs_or_zero_occ_atoms.PDB_model_num 
_pdbx_unobs_or_zero_occ_atoms.polymer_flag 
_pdbx_unobs_or_zero_occ_atoms.occupancy_flag 
_pdbx_unobs_or_zero_occ_atoms.auth_asym_id 
_pdbx_unobs_or_zero_occ_atoms.auth_comp_id 
_pdbx_unobs_or_zero_occ_atoms.auth_seq_id 
_pdbx_unobs_or_zero_occ_atoms.PDB_ins_code 
_pdbx_unobs_or_zero_occ_atoms.auth_atom_id 
_pdbx_unobs_or_zero_occ_atoms.label_alt_id 
_pdbx_unobs_or_zero_occ_atoms.label_asym_id 
_pdbx_unobs_or_zero_occ_atoms.label_comp_id 
_pdbx_unobs_or_zero_occ_atoms.label_seq_id 
_pdbx_unobs_or_zero_occ_atoms.label_atom_id 
1  1 Y 1 B GLN 6   ? CG  ? A GLN 10  CG  
2  1 Y 1 B GLN 6   ? CD  ? A GLN 10  CD  
3  1 Y 1 B GLN 6   ? OE1 ? A GLN 10  OE1 
4  1 Y 1 B GLN 6   ? NE2 ? A GLN 10  NE2 
5  1 Y 1 B ARG 42  ? CG  ? A ARG 46  CG  
6  1 Y 1 B ARG 42  ? CD  ? A ARG 46  CD  
7  1 Y 1 B ARG 42  ? NE  ? A ARG 46  NE  
8  1 Y 1 B ARG 42  ? CZ  ? A ARG 46  CZ  
9  1 Y 1 B ARG 42  ? NH1 ? A ARG 46  NH1 
10 1 Y 1 B ARG 42  ? NH2 ? A ARG 46  NH2 
11 1 Y 1 B LYS 48  ? CG  ? A LYS 52  CG  
12 1 Y 1 B LYS 48  ? CD  ? A LYS 52  CD  
13 1 Y 1 B LYS 48  ? CE  ? A LYS 52  CE  
14 1 Y 1 B LYS 48  ? NZ  ? A LYS 52  NZ  
15 1 Y 1 B GLN 142 ? CG  ? A GLN 146 CG  
16 1 Y 1 B GLN 142 ? CD  ? A GLN 146 CD  
17 1 Y 1 B GLN 142 ? OE1 ? A GLN 146 OE1 
18 1 Y 1 B GLN 142 ? NE2 ? A GLN 146 NE2 
# 
loop_
_chem_comp_atom.comp_id 
_chem_comp_atom.atom_id 
_chem_comp_atom.type_symbol 
_chem_comp_atom.pdbx_aromatic_flag 
_chem_comp_atom.pdbx_stereo_config 
_chem_comp_atom.pdbx_ordinal 
ALA N    N N N 1   
ALA CA   C N S 2   
ALA C    C N N 3   
ALA O    O N N 4   
ALA CB   C N N 5   
ALA OXT  O N N 6   
ALA H    H N N 7   
ALA H2   H N N 8   
ALA HA   H N N 9   
ALA HB1  H N N 10  
ALA HB2  H N N 11  
ALA HB3  H N N 12  
ALA HXT  H N N 13  
ARG N    N N N 14  
ARG CA   C N S 15  
ARG C    C N N 16  
ARG O    O N N 17  
ARG CB   C N N 18  
ARG CG   C N N 19  
ARG CD   C N N 20  
ARG NE   N N N 21  
ARG CZ   C N N 22  
ARG NH1  N N N 23  
ARG NH2  N N N 24  
ARG OXT  O N N 25  
ARG H    H N N 26  
ARG H2   H N N 27  
ARG HA   H N N 28  
ARG HB2  H N N 29  
ARG HB3  H N N 30  
ARG HG2  H N N 31  
ARG HG3  H N N 32  
ARG HD2  H N N 33  
ARG HD3  H N N 34  
ARG HE   H N N 35  
ARG HH11 H N N 36  
ARG HH12 H N N 37  
ARG HH21 H N N 38  
ARG HH22 H N N 39  
ARG HXT  H N N 40  
ASN N    N N N 41  
ASN CA   C N S 42  
ASN C    C N N 43  
ASN O    O N N 44  
ASN CB   C N N 45  
ASN CG   C N N 46  
ASN OD1  O N N 47  
ASN ND2  N N N 48  
ASN OXT  O N N 49  
ASN H    H N N 50  
ASN H2   H N N 51  
ASN HA   H N N 52  
ASN HB2  H N N 53  
ASN HB3  H N N 54  
ASN HD21 H N N 55  
ASN HD22 H N N 56  
ASN HXT  H N N 57  
ASP N    N N N 58  
ASP CA   C N S 59  
ASP C    C N N 60  
ASP O    O N N 61  
ASP CB   C N N 62  
ASP CG   C N N 63  
ASP OD1  O N N 64  
ASP OD2  O N N 65  
ASP OXT  O N N 66  
ASP H    H N N 67  
ASP H2   H N N 68  
ASP HA   H N N 69  
ASP HB2  H N N 70  
ASP HB3  H N N 71  
ASP HD2  H N N 72  
ASP HXT  H N N 73  
GLN N    N N N 74  
GLN CA   C N S 75  
GLN C    C N N 76  
GLN O    O N N 77  
GLN CB   C N N 78  
GLN CG   C N N 79  
GLN CD   C N N 80  
GLN OE1  O N N 81  
GLN NE2  N N N 82  
GLN OXT  O N N 83  
GLN H    H N N 84  
GLN H2   H N N 85  
GLN HA   H N N 86  
GLN HB2  H N N 87  
GLN HB3  H N N 88  
GLN HG2  H N N 89  
GLN HG3  H N N 90  
GLN HE21 H N N 91  
GLN HE22 H N N 92  
GLN HXT  H N N 93  
GLU N    N N N 94  
GLU CA   C N S 95  
GLU C    C N N 96  
GLU O    O N N 97  
GLU CB   C N N 98  
GLU CG   C N N 99  
GLU CD   C N N 100 
GLU OE1  O N N 101 
GLU OE2  O N N 102 
GLU OXT  O N N 103 
GLU H    H N N 104 
GLU H2   H N N 105 
GLU HA   H N N 106 
GLU HB2  H N N 107 
GLU HB3  H N N 108 
GLU HG2  H N N 109 
GLU HG3  H N N 110 
GLU HE2  H N N 111 
GLU HXT  H N N 112 
GLY N    N N N 113 
GLY CA   C N N 114 
GLY C    C N N 115 
GLY O    O N N 116 
GLY OXT  O N N 117 
GLY H    H N N 118 
GLY H2   H N N 119 
GLY HA2  H N N 120 
GLY HA3  H N N 121 
GLY HXT  H N N 122 
HIS N    N N N 123 
HIS CA   C N S 124 
HIS C    C N N 125 
HIS O    O N N 126 
HIS CB   C N N 127 
HIS CG   C Y N 128 
HIS ND1  N Y N 129 
HIS CD2  C Y N 130 
HIS CE1  C Y N 131 
HIS NE2  N Y N 132 
HIS OXT  O N N 133 
HIS H    H N N 134 
HIS H2   H N N 135 
HIS HA   H N N 136 
HIS HB2  H N N 137 
HIS HB3  H N N 138 
HIS HD1  H N N 139 
HIS HD2  H N N 140 
HIS HE1  H N N 141 
HIS HE2  H N N 142 
HIS HXT  H N N 143 
HOH O    O N N 144 
HOH H1   H N N 145 
HOH H2   H N N 146 
ILE N    N N N 147 
ILE CA   C N S 148 
ILE C    C N N 149 
ILE O    O N N 150 
ILE CB   C N S 151 
ILE CG1  C N N 152 
ILE CG2  C N N 153 
ILE CD1  C N N 154 
ILE OXT  O N N 155 
ILE H    H N N 156 
ILE H2   H N N 157 
ILE HA   H N N 158 
ILE HB   H N N 159 
ILE HG12 H N N 160 
ILE HG13 H N N 161 
ILE HG21 H N N 162 
ILE HG22 H N N 163 
ILE HG23 H N N 164 
ILE HD11 H N N 165 
ILE HD12 H N N 166 
ILE HD13 H N N 167 
ILE HXT  H N N 168 
LEU N    N N N 169 
LEU CA   C N S 170 
LEU C    C N N 171 
LEU O    O N N 172 
LEU CB   C N N 173 
LEU CG   C N N 174 
LEU CD1  C N N 175 
LEU CD2  C N N 176 
LEU OXT  O N N 177 
LEU H    H N N 178 
LEU H2   H N N 179 
LEU HA   H N N 180 
LEU HB2  H N N 181 
LEU HB3  H N N 182 
LEU HG   H N N 183 
LEU HD11 H N N 184 
LEU HD12 H N N 185 
LEU HD13 H N N 186 
LEU HD21 H N N 187 
LEU HD22 H N N 188 
LEU HD23 H N N 189 
LEU HXT  H N N 190 
LYS N    N N N 191 
LYS CA   C N S 192 
LYS C    C N N 193 
LYS O    O N N 194 
LYS CB   C N N 195 
LYS CG   C N N 196 
LYS CD   C N N 197 
LYS CE   C N N 198 
LYS NZ   N N N 199 
LYS OXT  O N N 200 
LYS H    H N N 201 
LYS H2   H N N 202 
LYS HA   H N N 203 
LYS HB2  H N N 204 
LYS HB3  H N N 205 
LYS HG2  H N N 206 
LYS HG3  H N N 207 
LYS HD2  H N N 208 
LYS HD3  H N N 209 
LYS HE2  H N N 210 
LYS HE3  H N N 211 
LYS HZ1  H N N 212 
LYS HZ2  H N N 213 
LYS HZ3  H N N 214 
LYS HXT  H N N 215 
MET N    N N N 216 
MET CA   C N S 217 
MET C    C N N 218 
MET O    O N N 219 
MET CB   C N N 220 
MET CG   C N N 221 
MET SD   S N N 222 
MET CE   C N N 223 
MET OXT  O N N 224 
MET H    H N N 225 
MET H2   H N N 226 
MET HA   H N N 227 
MET HB2  H N N 228 
MET HB3  H N N 229 
MET HG2  H N N 230 
MET HG3  H N N 231 
MET HE1  H N N 232 
MET HE2  H N N 233 
MET HE3  H N N 234 
MET HXT  H N N 235 
NH4 N    N N N 236 
NH4 HN1  H N N 237 
NH4 HN2  H N N 238 
NH4 HN3  H N N 239 
NH4 HN4  H N N 240 
PHE N    N N N 241 
PHE CA   C N S 242 
PHE C    C N N 243 
PHE O    O N N 244 
PHE CB   C N N 245 
PHE CG   C Y N 246 
PHE CD1  C Y N 247 
PHE CD2  C Y N 248 
PHE CE1  C Y N 249 
PHE CE2  C Y N 250 
PHE CZ   C Y N 251 
PHE OXT  O N N 252 
PHE H    H N N 253 
PHE H2   H N N 254 
PHE HA   H N N 255 
PHE HB2  H N N 256 
PHE HB3  H N N 257 
PHE HD1  H N N 258 
PHE HD2  H N N 259 
PHE HE1  H N N 260 
PHE HE2  H N N 261 
PHE HZ   H N N 262 
PHE HXT  H N N 263 
PRO N    N N N 264 
PRO CA   C N S 265 
PRO C    C N N 266 
PRO O    O N N 267 
PRO CB   C N N 268 
PRO CG   C N N 269 
PRO CD   C N N 270 
PRO OXT  O N N 271 
PRO H    H N N 272 
PRO HA   H N N 273 
PRO HB2  H N N 274 
PRO HB3  H N N 275 
PRO HG2  H N N 276 
PRO HG3  H N N 277 
PRO HD2  H N N 278 
PRO HD3  H N N 279 
PRO HXT  H N N 280 
SER N    N N N 281 
SER CA   C N S 282 
SER C    C N N 283 
SER O    O N N 284 
SER CB   C N N 285 
SER OG   O N N 286 
SER OXT  O N N 287 
SER H    H N N 288 
SER H2   H N N 289 
SER HA   H N N 290 
SER HB2  H N N 291 
SER HB3  H N N 292 
SER HG   H N N 293 
SER HXT  H N N 294 
SO4 S    S N N 295 
SO4 O1   O N N 296 
SO4 O2   O N N 297 
SO4 O3   O N N 298 
SO4 O4   O N N 299 
THR N    N N N 300 
THR CA   C N S 301 
THR C    C N N 302 
THR O    O N N 303 
THR CB   C N R 304 
THR OG1  O N N 305 
THR CG2  C N N 306 
THR OXT  O N N 307 
THR H    H N N 308 
THR H2   H N N 309 
THR HA   H N N 310 
THR HB   H N N 311 
THR HG1  H N N 312 
THR HG21 H N N 313 
THR HG22 H N N 314 
THR HG23 H N N 315 
THR HXT  H N N 316 
TRP N    N N N 317 
TRP CA   C N S 318 
TRP C    C N N 319 
TRP O    O N N 320 
TRP CB   C N N 321 
TRP CG   C Y N 322 
TRP CD1  C Y N 323 
TRP CD2  C Y N 324 
TRP NE1  N Y N 325 
TRP CE2  C Y N 326 
TRP CE3  C Y N 327 
TRP CZ2  C Y N 328 
TRP CZ3  C Y N 329 
TRP CH2  C Y N 330 
TRP OXT  O N N 331 
TRP H    H N N 332 
TRP H2   H N N 333 
TRP HA   H N N 334 
TRP HB2  H N N 335 
TRP HB3  H N N 336 
TRP HD1  H N N 337 
TRP HE1  H N N 338 
TRP HE3  H N N 339 
TRP HZ2  H N N 340 
TRP HZ3  H N N 341 
TRP HH2  H N N 342 
TRP HXT  H N N 343 
TYR N    N N N 344 
TYR CA   C N S 345 
TYR C    C N N 346 
TYR O    O N N 347 
TYR CB   C N N 348 
TYR CG   C Y N 349 
TYR CD1  C Y N 350 
TYR CD2  C Y N 351 
TYR CE1  C Y N 352 
TYR CE2  C Y N 353 
TYR CZ   C Y N 354 
TYR OH   O N N 355 
TYR OXT  O N N 356 
TYR H    H N N 357 
TYR H2   H N N 358 
TYR HA   H N N 359 
TYR HB2  H N N 360 
TYR HB3  H N N 361 
TYR HD1  H N N 362 
TYR HD2  H N N 363 
TYR HE1  H N N 364 
TYR HE2  H N N 365 
TYR HH   H N N 366 
TYR HXT  H N N 367 
VAL N    N N N 368 
VAL CA   C N S 369 
VAL C    C N N 370 
VAL O    O N N 371 
VAL CB   C N N 372 
VAL CG1  C N N 373 
VAL CG2  C N N 374 
VAL OXT  O N N 375 
VAL H    H N N 376 
VAL H2   H N N 377 
VAL HA   H N N 378 
VAL HB   H N N 379 
VAL HG11 H N N 380 
VAL HG12 H N N 381 
VAL HG13 H N N 382 
VAL HG21 H N N 383 
VAL HG22 H N N 384 
VAL HG23 H N N 385 
VAL HXT  H N N 386 
# 
loop_
_chem_comp_bond.comp_id 
_chem_comp_bond.atom_id_1 
_chem_comp_bond.atom_id_2 
_chem_comp_bond.value_order 
_chem_comp_bond.pdbx_aromatic_flag 
_chem_comp_bond.pdbx_stereo_config 
_chem_comp_bond.pdbx_ordinal 
ALA N   CA   sing N N 1   
ALA N   H    sing N N 2   
ALA N   H2   sing N N 3   
ALA CA  C    sing N N 4   
ALA CA  CB   sing N N 5   
ALA CA  HA   sing N N 6   
ALA C   O    doub N N 7   
ALA C   OXT  sing N N 8   
ALA CB  HB1  sing N N 9   
ALA CB  HB2  sing N N 10  
ALA CB  HB3  sing N N 11  
ALA OXT HXT  sing N N 12  
ARG N   CA   sing N N 13  
ARG N   H    sing N N 14  
ARG N   H2   sing N N 15  
ARG CA  C    sing N N 16  
ARG CA  CB   sing N N 17  
ARG CA  HA   sing N N 18  
ARG C   O    doub N N 19  
ARG C   OXT  sing N N 20  
ARG CB  CG   sing N N 21  
ARG CB  HB2  sing N N 22  
ARG CB  HB3  sing N N 23  
ARG CG  CD   sing N N 24  
ARG CG  HG2  sing N N 25  
ARG CG  HG3  sing N N 26  
ARG CD  NE   sing N N 27  
ARG CD  HD2  sing N N 28  
ARG CD  HD3  sing N N 29  
ARG NE  CZ   sing N N 30  
ARG NE  HE   sing N N 31  
ARG CZ  NH1  sing N N 32  
ARG CZ  NH2  doub N N 33  
ARG NH1 HH11 sing N N 34  
ARG NH1 HH12 sing N N 35  
ARG NH2 HH21 sing N N 36  
ARG NH2 HH22 sing N N 37  
ARG OXT HXT  sing N N 38  
ASN N   CA   sing N N 39  
ASN N   H    sing N N 40  
ASN N   H2   sing N N 41  
ASN CA  C    sing N N 42  
ASN CA  CB   sing N N 43  
ASN CA  HA   sing N N 44  
ASN C   O    doub N N 45  
ASN C   OXT  sing N N 46  
ASN CB  CG   sing N N 47  
ASN CB  HB2  sing N N 48  
ASN CB  HB3  sing N N 49  
ASN CG  OD1  doub N N 50  
ASN CG  ND2  sing N N 51  
ASN ND2 HD21 sing N N 52  
ASN ND2 HD22 sing N N 53  
ASN OXT HXT  sing N N 54  
ASP N   CA   sing N N 55  
ASP N   H    sing N N 56  
ASP N   H2   sing N N 57  
ASP CA  C    sing N N 58  
ASP CA  CB   sing N N 59  
ASP CA  HA   sing N N 60  
ASP C   O    doub N N 61  
ASP C   OXT  sing N N 62  
ASP CB  CG   sing N N 63  
ASP CB  HB2  sing N N 64  
ASP CB  HB3  sing N N 65  
ASP CG  OD1  doub N N 66  
ASP CG  OD2  sing N N 67  
ASP OD2 HD2  sing N N 68  
ASP OXT HXT  sing N N 69  
GLN N   CA   sing N N 70  
GLN N   H    sing N N 71  
GLN N   H2   sing N N 72  
GLN CA  C    sing N N 73  
GLN CA  CB   sing N N 74  
GLN CA  HA   sing N N 75  
GLN C   O    doub N N 76  
GLN C   OXT  sing N N 77  
GLN CB  CG   sing N N 78  
GLN CB  HB2  sing N N 79  
GLN CB  HB3  sing N N 80  
GLN CG  CD   sing N N 81  
GLN CG  HG2  sing N N 82  
GLN CG  HG3  sing N N 83  
GLN CD  OE1  doub N N 84  
GLN CD  NE2  sing N N 85  
GLN NE2 HE21 sing N N 86  
GLN NE2 HE22 sing N N 87  
GLN OXT HXT  sing N N 88  
GLU N   CA   sing N N 89  
GLU N   H    sing N N 90  
GLU N   H2   sing N N 91  
GLU CA  C    sing N N 92  
GLU CA  CB   sing N N 93  
GLU CA  HA   sing N N 94  
GLU C   O    doub N N 95  
GLU C   OXT  sing N N 96  
GLU CB  CG   sing N N 97  
GLU CB  HB2  sing N N 98  
GLU CB  HB3  sing N N 99  
GLU CG  CD   sing N N 100 
GLU CG  HG2  sing N N 101 
GLU CG  HG3  sing N N 102 
GLU CD  OE1  doub N N 103 
GLU CD  OE2  sing N N 104 
GLU OE2 HE2  sing N N 105 
GLU OXT HXT  sing N N 106 
GLY N   CA   sing N N 107 
GLY N   H    sing N N 108 
GLY N   H2   sing N N 109 
GLY CA  C    sing N N 110 
GLY CA  HA2  sing N N 111 
GLY CA  HA3  sing N N 112 
GLY C   O    doub N N 113 
GLY C   OXT  sing N N 114 
GLY OXT HXT  sing N N 115 
HIS N   CA   sing N N 116 
HIS N   H    sing N N 117 
HIS N   H2   sing N N 118 
HIS CA  C    sing N N 119 
HIS CA  CB   sing N N 120 
HIS CA  HA   sing N N 121 
HIS C   O    doub N N 122 
HIS C   OXT  sing N N 123 
HIS CB  CG   sing N N 124 
HIS CB  HB2  sing N N 125 
HIS CB  HB3  sing N N 126 
HIS CG  ND1  sing Y N 127 
HIS CG  CD2  doub Y N 128 
HIS ND1 CE1  doub Y N 129 
HIS ND1 HD1  sing N N 130 
HIS CD2 NE2  sing Y N 131 
HIS CD2 HD2  sing N N 132 
HIS CE1 NE2  sing Y N 133 
HIS CE1 HE1  sing N N 134 
HIS NE2 HE2  sing N N 135 
HIS OXT HXT  sing N N 136 
HOH O   H1   sing N N 137 
HOH O   H2   sing N N 138 
ILE N   CA   sing N N 139 
ILE N   H    sing N N 140 
ILE N   H2   sing N N 141 
ILE CA  C    sing N N 142 
ILE CA  CB   sing N N 143 
ILE CA  HA   sing N N 144 
ILE C   O    doub N N 145 
ILE C   OXT  sing N N 146 
ILE CB  CG1  sing N N 147 
ILE CB  CG2  sing N N 148 
ILE CB  HB   sing N N 149 
ILE CG1 CD1  sing N N 150 
ILE CG1 HG12 sing N N 151 
ILE CG1 HG13 sing N N 152 
ILE CG2 HG21 sing N N 153 
ILE CG2 HG22 sing N N 154 
ILE CG2 HG23 sing N N 155 
ILE CD1 HD11 sing N N 156 
ILE CD1 HD12 sing N N 157 
ILE CD1 HD13 sing N N 158 
ILE OXT HXT  sing N N 159 
LEU N   CA   sing N N 160 
LEU N   H    sing N N 161 
LEU N   H2   sing N N 162 
LEU CA  C    sing N N 163 
LEU CA  CB   sing N N 164 
LEU CA  HA   sing N N 165 
LEU C   O    doub N N 166 
LEU C   OXT  sing N N 167 
LEU CB  CG   sing N N 168 
LEU CB  HB2  sing N N 169 
LEU CB  HB3  sing N N 170 
LEU CG  CD1  sing N N 171 
LEU CG  CD2  sing N N 172 
LEU CG  HG   sing N N 173 
LEU CD1 HD11 sing N N 174 
LEU CD1 HD12 sing N N 175 
LEU CD1 HD13 sing N N 176 
LEU CD2 HD21 sing N N 177 
LEU CD2 HD22 sing N N 178 
LEU CD2 HD23 sing N N 179 
LEU OXT HXT  sing N N 180 
LYS N   CA   sing N N 181 
LYS N   H    sing N N 182 
LYS N   H2   sing N N 183 
LYS CA  C    sing N N 184 
LYS CA  CB   sing N N 185 
LYS CA  HA   sing N N 186 
LYS C   O    doub N N 187 
LYS C   OXT  sing N N 188 
LYS CB  CG   sing N N 189 
LYS CB  HB2  sing N N 190 
LYS CB  HB3  sing N N 191 
LYS CG  CD   sing N N 192 
LYS CG  HG2  sing N N 193 
LYS CG  HG3  sing N N 194 
LYS CD  CE   sing N N 195 
LYS CD  HD2  sing N N 196 
LYS CD  HD3  sing N N 197 
LYS CE  NZ   sing N N 198 
LYS CE  HE2  sing N N 199 
LYS CE  HE3  sing N N 200 
LYS NZ  HZ1  sing N N 201 
LYS NZ  HZ2  sing N N 202 
LYS NZ  HZ3  sing N N 203 
LYS OXT HXT  sing N N 204 
MET N   CA   sing N N 205 
MET N   H    sing N N 206 
MET N   H2   sing N N 207 
MET CA  C    sing N N 208 
MET CA  CB   sing N N 209 
MET CA  HA   sing N N 210 
MET C   O    doub N N 211 
MET C   OXT  sing N N 212 
MET CB  CG   sing N N 213 
MET CB  HB2  sing N N 214 
MET CB  HB3  sing N N 215 
MET CG  SD   sing N N 216 
MET CG  HG2  sing N N 217 
MET CG  HG3  sing N N 218 
MET SD  CE   sing N N 219 
MET CE  HE1  sing N N 220 
MET CE  HE2  sing N N 221 
MET CE  HE3  sing N N 222 
MET OXT HXT  sing N N 223 
NH4 N   HN1  sing N N 224 
NH4 N   HN2  sing N N 225 
NH4 N   HN3  sing N N 226 
NH4 N   HN4  sing N N 227 
PHE N   CA   sing N N 228 
PHE N   H    sing N N 229 
PHE N   H2   sing N N 230 
PHE CA  C    sing N N 231 
PHE CA  CB   sing N N 232 
PHE CA  HA   sing N N 233 
PHE C   O    doub N N 234 
PHE C   OXT  sing N N 235 
PHE CB  CG   sing N N 236 
PHE CB  HB2  sing N N 237 
PHE CB  HB3  sing N N 238 
PHE CG  CD1  doub Y N 239 
PHE CG  CD2  sing Y N 240 
PHE CD1 CE1  sing Y N 241 
PHE CD1 HD1  sing N N 242 
PHE CD2 CE2  doub Y N 243 
PHE CD2 HD2  sing N N 244 
PHE CE1 CZ   doub Y N 245 
PHE CE1 HE1  sing N N 246 
PHE CE2 CZ   sing Y N 247 
PHE CE2 HE2  sing N N 248 
PHE CZ  HZ   sing N N 249 
PHE OXT HXT  sing N N 250 
PRO N   CA   sing N N 251 
PRO N   CD   sing N N 252 
PRO N   H    sing N N 253 
PRO CA  C    sing N N 254 
PRO CA  CB   sing N N 255 
PRO CA  HA   sing N N 256 
PRO C   O    doub N N 257 
PRO C   OXT  sing N N 258 
PRO CB  CG   sing N N 259 
PRO CB  HB2  sing N N 260 
PRO CB  HB3  sing N N 261 
PRO CG  CD   sing N N 262 
PRO CG  HG2  sing N N 263 
PRO CG  HG3  sing N N 264 
PRO CD  HD2  sing N N 265 
PRO CD  HD3  sing N N 266 
PRO OXT HXT  sing N N 267 
SER N   CA   sing N N 268 
SER N   H    sing N N 269 
SER N   H2   sing N N 270 
SER CA  C    sing N N 271 
SER CA  CB   sing N N 272 
SER CA  HA   sing N N 273 
SER C   O    doub N N 274 
SER C   OXT  sing N N 275 
SER CB  OG   sing N N 276 
SER CB  HB2  sing N N 277 
SER CB  HB3  sing N N 278 
SER OG  HG   sing N N 279 
SER OXT HXT  sing N N 280 
SO4 S   O1   doub N N 281 
SO4 S   O2   doub N N 282 
SO4 S   O3   sing N N 283 
SO4 S   O4   sing N N 284 
THR N   CA   sing N N 285 
THR N   H    sing N N 286 
THR N   H2   sing N N 287 
THR CA  C    sing N N 288 
THR CA  CB   sing N N 289 
THR CA  HA   sing N N 290 
THR C   O    doub N N 291 
THR C   OXT  sing N N 292 
THR CB  OG1  sing N N 293 
THR CB  CG2  sing N N 294 
THR CB  HB   sing N N 295 
THR OG1 HG1  sing N N 296 
THR CG2 HG21 sing N N 297 
THR CG2 HG22 sing N N 298 
THR CG2 HG23 sing N N 299 
THR OXT HXT  sing N N 300 
TRP N   CA   sing N N 301 
TRP N   H    sing N N 302 
TRP N   H2   sing N N 303 
TRP CA  C    sing N N 304 
TRP CA  CB   sing N N 305 
TRP CA  HA   sing N N 306 
TRP C   O    doub N N 307 
TRP C   OXT  sing N N 308 
TRP CB  CG   sing N N 309 
TRP CB  HB2  sing N N 310 
TRP CB  HB3  sing N N 311 
TRP CG  CD1  doub Y N 312 
TRP CG  CD2  sing Y N 313 
TRP CD1 NE1  sing Y N 314 
TRP CD1 HD1  sing N N 315 
TRP CD2 CE2  doub Y N 316 
TRP CD2 CE3  sing Y N 317 
TRP NE1 CE2  sing Y N 318 
TRP NE1 HE1  sing N N 319 
TRP CE2 CZ2  sing Y N 320 
TRP CE3 CZ3  doub Y N 321 
TRP CE3 HE3  sing N N 322 
TRP CZ2 CH2  doub Y N 323 
TRP CZ2 HZ2  sing N N 324 
TRP CZ3 CH2  sing Y N 325 
TRP CZ3 HZ3  sing N N 326 
TRP CH2 HH2  sing N N 327 
TRP OXT HXT  sing N N 328 
TYR N   CA   sing N N 329 
TYR N   H    sing N N 330 
TYR N   H2   sing N N 331 
TYR CA  C    sing N N 332 
TYR CA  CB   sing N N 333 
TYR CA  HA   sing N N 334 
TYR C   O    doub N N 335 
TYR C   OXT  sing N N 336 
TYR CB  CG   sing N N 337 
TYR CB  HB2  sing N N 338 
TYR CB  HB3  sing N N 339 
TYR CG  CD1  doub Y N 340 
TYR CG  CD2  sing Y N 341 
TYR CD1 CE1  sing Y N 342 
TYR CD1 HD1  sing N N 343 
TYR CD2 CE2  doub Y N 344 
TYR CD2 HD2  sing N N 345 
TYR CE1 CZ   doub Y N 346 
TYR CE1 HE1  sing N N 347 
TYR CE2 CZ   sing Y N 348 
TYR CE2 HE2  sing N N 349 
TYR CZ  OH   sing N N 350 
TYR OH  HH   sing N N 351 
TYR OXT HXT  sing N N 352 
VAL N   CA   sing N N 353 
VAL N   H    sing N N 354 
VAL N   H2   sing N N 355 
VAL CA  C    sing N N 356 
VAL CA  CB   sing N N 357 
VAL CA  HA   sing N N 358 
VAL C   O    doub N N 359 
VAL C   OXT  sing N N 360 
VAL CB  CG1  sing N N 361 
VAL CB  CG2  sing N N 362 
VAL CB  HB   sing N N 363 
VAL CG1 HG11 sing N N 364 
VAL CG1 HG12 sing N N 365 
VAL CG1 HG13 sing N N 366 
VAL CG2 HG21 sing N N 367 
VAL CG2 HG22 sing N N 368 
VAL CG2 HG23 sing N N 369 
VAL OXT HXT  sing N N 370 
# 
loop_
_pdbx_entity_nonpoly.entity_id 
_pdbx_entity_nonpoly.name 
_pdbx_entity_nonpoly.comp_id 
2 'SULFATE ION'  SO4 
3 'AMMONIUM ION' NH4 
4 water          HOH 
# 
_pdbx_initial_refinement_model.id               1 
_pdbx_initial_refinement_model.entity_id_list   ? 
_pdbx_initial_refinement_model.type             'experimental model' 
_pdbx_initial_refinement_model.source_name      PDB 
_pdbx_initial_refinement_model.accession_code   1M4W 
_pdbx_initial_refinement_model.details          'TRUNCATED 1m4w' 
# 
